data_7F8O
#
_entry.id   7F8O
#
_cell.length_a   1.00
_cell.length_b   1.00
_cell.length_c   1.00
_cell.angle_alpha   90.00
_cell.angle_beta   90.00
_cell.angle_gamma   90.00
#
_symmetry.space_group_name_H-M   'P 1'
#
loop_
_entity.id
_entity.type
_entity.pdbx_description
1 polymer Pannexin-1
2 non-polymer 1-palmitoyl-2-oleoyl-sn-glycero-3-phosphocholine
#
_entity_poly.entity_id   1
_entity_poly.type   'polypeptide(L)'
_entity_poly.pdbx_seq_one_letter_code
;MAIAQLATEYVFSDFLLKEPTEPKFKGLRLELAVDKMVTCIAVGLPLLLISLAFAQEISIGTQISCFSPSSFSWRQAAFV
DSYCWAAVQQKNSLQSESGNLPLWLHKFFPYILLLFAILLYLPPLFWRFAAAPHICSDLKFIMEELDKVYNRAIKAAKSA
RDLDMRDGACSVPGVTENLGQSLWEVSESHFKYPIVEQYLKTKKNSNNLIIKYISCRLLTLIIILLACIYLGYYFSLSSL
SDEFVCSIKSGILRNDSTVPDQFQCKLIAVGIFQLLSVINLVVYVLLAPVVVYTLFVPFRQKTDVLKVYEILPTFDVLHF
KSEGYNDLSLYNLFLEENISEVKSYKCLKVLENIKSSGQGIDPMLLLTNLGMIKMDVVDGKTPMSAEMREEQGNQTAELQ
GMNIDSETKANNGEKNARQRLLDSSC
;
_entity_poly.pdbx_strand_id   A,B,C,D,E,F,G
#
loop_
_chem_comp.id
_chem_comp.type
_chem_comp.name
_chem_comp.formula
LBN non-polymer 1-palmitoyl-2-oleoyl-sn-glycero-3-phosphocholine 'C42 H82 N O8 P'
#
# COMPACT_ATOMS: atom_id res chain seq x y z
N ALA A 2 10.42 -10.45 6.15
CA ALA A 2 11.19 -11.58 5.68
C ALA A 2 12.48 -11.13 5.04
N ILE A 3 13.51 -11.98 5.10
CA ILE A 3 14.81 -11.64 4.51
C ILE A 3 14.69 -11.51 3.00
N ALA A 4 13.92 -12.39 2.37
CA ALA A 4 13.80 -12.37 0.91
C ALA A 4 13.17 -11.07 0.42
N GLN A 5 12.08 -10.64 1.06
CA GLN A 5 11.50 -9.35 0.70
C GLN A 5 12.36 -8.20 1.21
N LEU A 6 13.16 -8.45 2.24
CA LEU A 6 14.10 -7.43 2.72
C LEU A 6 15.11 -7.07 1.65
N ALA A 7 15.73 -8.08 1.04
CA ALA A 7 16.69 -7.84 -0.02
C ALA A 7 16.00 -7.27 -1.26
N THR A 8 14.75 -7.67 -1.50
CA THR A 8 14.02 -7.23 -2.69
C THR A 8 13.95 -5.72 -2.77
N GLU A 9 13.80 -5.04 -1.63
CA GLU A 9 13.67 -3.59 -1.64
C GLU A 9 14.95 -2.92 -2.12
N TYR A 10 16.10 -3.42 -1.71
CA TYR A 10 17.37 -2.76 -1.99
C TYR A 10 18.15 -3.41 -3.13
N VAL A 11 17.96 -4.69 -3.37
CA VAL A 11 18.61 -5.41 -4.45
C VAL A 11 17.54 -6.23 -5.19
N PHE A 12 17.89 -6.69 -6.39
CA PHE A 12 17.00 -7.32 -7.36
C PHE A 12 16.01 -6.32 -7.95
N SER A 13 16.00 -5.08 -7.48
CA SER A 13 15.14 -4.04 -8.00
C SER A 13 15.91 -2.72 -7.96
N ASP A 14 15.54 -1.80 -8.84
CA ASP A 14 16.24 -0.53 -8.94
C ASP A 14 15.89 0.33 -7.74
N PHE A 15 16.73 0.26 -6.70
CA PHE A 15 16.53 1.08 -5.51
C PHE A 15 17.03 2.51 -5.76
N LEU A 16 18.30 2.65 -6.13
CA LEU A 16 18.85 3.92 -6.57
C LEU A 16 19.68 3.75 -7.84
N LEU A 17 19.55 2.61 -8.53
CA LEU A 17 20.29 2.30 -9.73
C LEU A 17 19.54 2.72 -11.00
N LYS A 18 18.40 3.38 -10.85
CA LYS A 18 17.57 3.77 -11.97
C LYS A 18 17.61 5.28 -12.18
N GLU A 19 17.26 5.69 -13.39
CA GLU A 19 17.13 7.11 -13.68
C GLU A 19 15.97 7.68 -12.86
N PRO A 20 16.16 8.79 -12.15
CA PRO A 20 15.11 9.31 -11.28
C PRO A 20 13.86 9.69 -12.07
N THR A 21 12.71 9.47 -11.44
CA THR A 21 11.43 9.78 -12.08
C THR A 21 11.10 11.26 -11.96
N GLU A 22 12.03 12.11 -12.37
CA GLU A 22 11.85 13.56 -12.34
C GLU A 22 11.87 14.09 -13.76
N PRO A 23 10.74 14.56 -14.30
CA PRO A 23 10.67 15.03 -15.69
C PRO A 23 11.29 16.41 -15.90
N LYS A 24 12.49 16.61 -15.35
CA LYS A 24 13.22 17.86 -15.52
C LYS A 24 14.55 17.70 -16.22
N PHE A 25 15.15 16.51 -16.18
CA PHE A 25 16.38 16.23 -16.90
C PHE A 25 16.14 15.61 -18.28
N LYS A 26 14.88 15.46 -18.68
CA LYS A 26 14.50 14.99 -20.01
C LYS A 26 15.03 13.57 -20.27
N GLY A 27 15.11 12.77 -19.21
CA GLY A 27 15.48 11.37 -19.34
C GLY A 27 16.89 11.13 -19.84
N LEU A 28 17.88 11.52 -19.04
CA LEU A 28 19.28 11.29 -19.38
C LEU A 28 20.02 10.77 -18.16
N ARG A 29 21.11 10.05 -18.41
CA ARG A 29 21.93 9.49 -17.34
C ARG A 29 22.79 10.60 -16.75
N LEU A 30 22.46 11.04 -15.55
CA LEU A 30 23.20 12.08 -14.85
C LEU A 30 24.41 11.54 -14.11
N GLU A 31 24.57 10.21 -14.04
CA GLU A 31 25.73 9.59 -13.42
C GLU A 31 26.26 8.50 -14.34
N LEU A 32 27.57 8.27 -14.24
CA LEU A 32 28.20 7.23 -15.05
C LEU A 32 27.78 5.86 -14.58
N ALA A 33 27.94 4.87 -15.47
CA ALA A 33 27.58 3.50 -15.12
C ALA A 33 28.41 2.98 -13.94
N VAL A 34 29.71 3.26 -13.94
CA VAL A 34 30.55 2.86 -12.83
C VAL A 34 30.17 3.62 -11.56
N ASP A 35 29.93 4.93 -11.68
CA ASP A 35 29.56 5.72 -10.51
C ASP A 35 28.23 5.25 -9.94
N LYS A 36 27.25 4.98 -10.81
CA LYS A 36 25.96 4.50 -10.34
C LYS A 36 26.09 3.13 -9.69
N MET A 37 26.91 2.26 -10.27
CA MET A 37 27.14 0.94 -9.67
C MET A 37 27.85 1.07 -8.32
N VAL A 38 28.86 1.94 -8.25
CA VAL A 38 29.57 2.14 -7.00
C VAL A 38 28.65 2.71 -5.94
N THR A 39 27.85 3.72 -6.32
CA THR A 39 26.93 4.33 -5.37
C THR A 39 25.91 3.32 -4.85
N CYS A 40 25.37 2.49 -5.74
CA CYS A 40 24.37 1.51 -5.33
C CYS A 40 24.97 0.50 -4.35
N ILE A 41 26.17 0.01 -4.65
CA ILE A 41 26.80 -0.98 -3.77
C ILE A 41 27.24 -0.34 -2.46
N ALA A 42 27.86 0.84 -2.54
CA ALA A 42 28.37 1.50 -1.34
C ALA A 42 27.27 1.94 -0.40
N VAL A 43 26.08 2.23 -0.92
CA VAL A 43 24.97 2.68 -0.08
C VAL A 43 23.99 1.56 0.20
N GLY A 44 23.67 0.76 -0.81
CA GLY A 44 22.69 -0.29 -0.65
C GLY A 44 23.15 -1.50 0.14
N LEU A 45 24.45 -1.69 0.29
CA LEU A 45 24.94 -2.83 1.07
C LEU A 45 24.82 -2.58 2.57
N PRO A 46 25.26 -1.43 3.11
CA PRO A 46 25.06 -1.21 4.55
C PRO A 46 23.59 -1.25 4.95
N LEU A 47 22.70 -0.72 4.11
CA LEU A 47 21.28 -0.82 4.39
C LEU A 47 20.83 -2.28 4.42
N LEU A 48 21.33 -3.08 3.47
CA LEU A 48 20.99 -4.50 3.46
C LEU A 48 21.47 -5.19 4.73
N LEU A 49 22.70 -4.89 5.15
CA LEU A 49 23.27 -5.56 6.32
C LEU A 49 22.64 -5.08 7.61
N ILE A 50 22.25 -3.80 7.68
CA ILE A 50 21.59 -3.29 8.87
C ILE A 50 20.29 -4.04 9.14
N SER A 51 19.47 -4.20 8.10
CA SER A 51 18.20 -4.90 8.26
C SER A 51 18.38 -6.41 8.33
N LEU A 52 19.41 -6.96 7.69
CA LEU A 52 19.68 -8.39 7.81
C LEU A 52 20.05 -8.76 9.23
N ALA A 53 20.90 -7.94 9.88
CA ALA A 53 21.37 -8.27 11.22
C ALA A 53 20.22 -8.32 12.22
N PHE A 54 19.22 -7.46 12.07
CA PHE A 54 18.11 -7.37 12.99
C PHE A 54 16.81 -7.84 12.34
N ALA A 55 16.91 -8.85 11.50
CA ALA A 55 15.73 -9.50 10.96
C ALA A 55 15.10 -10.41 12.01
N GLN A 56 13.80 -10.63 11.88
CA GLN A 56 13.07 -11.46 12.82
C GLN A 56 13.30 -12.96 12.60
N GLU A 57 14.26 -13.33 11.75
CA GLU A 57 14.58 -14.72 11.49
C GLU A 57 16.04 -15.05 11.73
N ILE A 58 16.79 -14.15 12.39
CA ILE A 58 18.18 -14.42 12.74
C ILE A 58 18.38 -14.08 14.21
N SER A 59 17.44 -13.35 14.79
CA SER A 59 17.53 -12.88 16.16
C SER A 59 16.40 -13.47 16.99
N ILE A 60 16.66 -13.65 18.28
CA ILE A 60 15.65 -14.13 19.21
C ILE A 60 14.61 -13.07 19.53
N GLY A 61 14.88 -11.81 19.21
CA GLY A 61 13.97 -10.73 19.52
C GLY A 61 14.62 -9.70 20.43
N THR A 62 15.47 -10.16 21.33
CA THR A 62 16.23 -9.29 22.22
C THR A 62 17.67 -9.18 21.74
N GLN A 63 18.30 -8.05 22.04
CA GLN A 63 19.67 -7.79 21.66
C GLN A 63 20.63 -7.79 22.84
N ILE A 64 20.13 -7.80 24.08
CA ILE A 64 20.96 -7.97 25.26
C ILE A 64 20.23 -8.92 26.20
N SER A 65 21.00 -9.69 26.97
CA SER A 65 20.44 -10.61 27.94
C SER A 65 21.39 -10.73 29.11
N CYS A 66 20.90 -10.41 30.30
CA CYS A 66 21.69 -10.47 31.52
C CYS A 66 21.15 -11.58 32.41
N PHE A 67 22.06 -12.40 32.94
CA PHE A 67 21.67 -13.54 33.78
C PHE A 67 21.39 -13.04 35.19
N SER A 68 20.13 -12.79 35.49
CA SER A 68 19.70 -12.38 36.81
C SER A 68 19.57 -13.59 37.73
N PRO A 69 19.69 -13.40 39.04
CA PRO A 69 19.49 -14.52 39.97
C PRO A 69 18.06 -15.02 39.94
N SER A 70 17.89 -16.30 40.28
CA SER A 70 16.58 -16.93 40.22
C SER A 70 15.59 -16.31 41.19
N SER A 71 16.06 -15.63 42.23
CA SER A 71 15.17 -14.99 43.19
C SER A 71 14.44 -13.79 42.60
N PHE A 72 14.94 -13.22 41.51
CA PHE A 72 14.31 -12.06 40.90
C PHE A 72 13.01 -12.46 40.20
N SER A 73 12.04 -11.56 40.23
CA SER A 73 10.84 -11.71 39.43
C SER A 73 11.17 -11.41 37.98
N TRP A 74 10.22 -11.68 37.08
CA TRP A 74 10.48 -11.44 35.66
C TRP A 74 10.68 -9.96 35.37
N ARG A 75 9.87 -9.10 35.99
CA ARG A 75 10.02 -7.67 35.75
C ARG A 75 11.34 -7.13 36.31
N GLN A 76 11.78 -7.65 37.46
CA GLN A 76 13.09 -7.29 37.98
C GLN A 76 14.18 -7.73 37.01
N ALA A 77 14.07 -8.94 36.47
CA ALA A 77 15.03 -9.40 35.47
C ALA A 77 14.93 -8.57 34.20
N ALA A 78 13.73 -8.14 33.85
CA ALA A 78 13.57 -7.22 32.72
C ALA A 78 14.25 -5.89 32.98
N PHE A 79 14.23 -5.44 34.24
CA PHE A 79 14.92 -4.21 34.60
C PHE A 79 16.42 -4.33 34.38
N VAL A 80 17.01 -5.45 34.78
CA VAL A 80 18.45 -5.64 34.63
C VAL A 80 18.84 -5.62 33.15
N ASP A 81 18.08 -6.33 32.32
CA ASP A 81 18.36 -6.34 30.89
C ASP A 81 18.21 -4.95 30.31
N SER A 82 17.17 -4.22 30.72
CA SER A 82 16.94 -2.88 30.19
C SER A 82 17.97 -1.89 30.74
N TYR A 83 18.28 -1.97 32.04
CA TYR A 83 19.24 -1.06 32.63
C TYR A 83 20.62 -1.24 32.01
N CYS A 84 21.11 -2.48 31.96
CA CYS A 84 22.45 -2.73 31.44
C CYS A 84 22.55 -2.38 29.96
N TRP A 85 21.45 -2.49 29.22
CA TRP A 85 21.44 -2.00 27.85
C TRP A 85 21.65 -0.50 27.80
N ALA A 86 21.02 0.23 28.74
CA ALA A 86 21.31 1.65 28.88
C ALA A 86 22.63 1.90 29.59
N ALA A 87 23.06 0.96 30.43
CA ALA A 87 24.33 1.09 31.15
C ALA A 87 25.50 0.58 30.31
N VAL A 88 25.56 1.05 29.07
CA VAL A 88 26.72 0.82 28.21
C VAL A 88 27.51 2.11 28.00
N GLN A 89 26.88 3.27 28.15
CA GLN A 89 27.51 4.56 27.93
C GLN A 89 27.92 5.25 29.24
N GLN A 90 27.91 4.51 30.35
CA GLN A 90 28.25 5.03 31.66
C GLN A 90 29.65 4.57 32.04
N LYS A 91 30.14 5.09 33.16
CA LYS A 91 31.51 4.83 33.59
C LYS A 91 31.57 4.05 34.91
N ASN A 92 30.82 4.46 35.92
CA ASN A 92 30.88 3.79 37.21
C ASN A 92 29.99 2.55 37.22
N SER A 93 30.17 1.70 36.21
CA SER A 93 29.45 0.45 36.06
C SER A 93 30.13 -0.33 34.94
N LEU A 94 29.53 -1.45 34.53
CA LEU A 94 30.00 -2.30 33.44
C LEU A 94 31.51 -2.52 33.48
N GLN A 95 32.04 -2.82 34.67
CA GLN A 95 33.48 -3.00 34.86
C GLN A 95 33.88 -4.34 34.27
N SER A 96 34.14 -4.33 32.95
CA SER A 96 34.56 -5.54 32.25
C SER A 96 36.03 -5.45 31.86
N GLY A 99 38.15 -0.95 29.12
CA GLY A 99 37.51 -1.17 27.84
C GLY A 99 36.42 -0.16 27.53
N ASN A 100 35.18 -0.65 27.44
CA ASN A 100 33.98 0.15 27.26
C ASN A 100 33.89 0.76 25.87
N LEU A 101 34.95 0.62 25.06
CA LEU A 101 34.90 1.08 23.69
C LEU A 101 34.20 0.07 22.78
N PRO A 102 34.56 -1.22 22.82
CA PRO A 102 33.83 -2.17 21.97
C PRO A 102 32.35 -2.27 22.32
N LEU A 103 31.99 -2.09 23.59
CA LEU A 103 30.59 -2.13 23.99
C LEU A 103 29.80 -1.00 23.34
N TRP A 104 30.41 0.19 23.22
CA TRP A 104 29.78 1.28 22.49
C TRP A 104 29.50 0.88 21.05
N LEU A 105 30.49 0.27 20.38
CA LEU A 105 30.33 -0.10 18.98
C LEU A 105 29.30 -1.19 18.80
N HIS A 106 29.27 -2.18 19.71
CA HIS A 106 28.31 -3.26 19.59
C HIS A 106 26.88 -2.76 19.71
N LYS A 107 26.63 -1.84 20.64
CA LYS A 107 25.29 -1.31 20.82
C LYS A 107 24.85 -0.48 19.62
N PHE A 108 25.76 0.32 19.07
CA PHE A 108 25.43 1.28 18.01
C PHE A 108 25.97 0.86 16.64
N PHE A 109 26.24 -0.42 16.44
CA PHE A 109 26.74 -0.87 15.14
C PHE A 109 25.78 -0.58 14.01
N PRO A 110 24.47 -0.85 14.10
CA PRO A 110 23.57 -0.47 13.00
C PRO A 110 23.54 1.03 12.75
N TYR A 111 23.72 1.84 13.78
CA TYR A 111 23.79 3.29 13.58
C TYR A 111 25.02 3.69 12.79
N ILE A 112 26.18 3.07 13.12
CA ILE A 112 27.41 3.44 12.45
C ILE A 112 27.37 3.04 10.98
N LEU A 113 26.81 1.86 10.68
CA LEU A 113 26.62 1.49 9.28
C LEU A 113 25.69 2.46 8.57
N LEU A 114 24.62 2.89 9.25
CA LEU A 114 23.73 3.88 8.66
C LEU A 114 24.46 5.20 8.46
N LEU A 115 25.33 5.58 9.40
CA LEU A 115 26.12 6.79 9.23
C LEU A 115 27.01 6.69 8.00
N PHE A 116 27.64 5.53 7.79
CA PHE A 116 28.43 5.33 6.58
C PHE A 116 27.57 5.36 5.34
N ALA A 117 26.34 4.83 5.43
CA ALA A 117 25.42 4.92 4.31
C ALA A 117 25.08 6.37 3.98
N ILE A 118 24.87 7.19 5.01
CA ILE A 118 24.60 8.61 4.78
C ILE A 118 25.81 9.29 4.16
N LEU A 119 27.00 9.05 4.71
CA LEU A 119 28.19 9.72 4.23
C LEU A 119 28.57 9.26 2.82
N LEU A 120 28.15 8.07 2.42
CA LEU A 120 28.40 7.59 1.07
C LEU A 120 27.32 7.98 0.09
N TYR A 121 26.24 8.59 0.56
CA TYR A 121 25.17 9.05 -0.33
C TYR A 121 25.21 10.55 -0.59
N LEU A 122 25.82 11.33 0.31
CA LEU A 122 25.89 12.77 0.10
C LEU A 122 26.69 13.17 -1.13
N PRO A 123 27.88 12.63 -1.39
CA PRO A 123 28.62 13.02 -2.60
C PRO A 123 27.85 12.72 -3.87
N PRO A 124 27.14 11.59 -3.96
CA PRO A 124 26.19 11.45 -5.09
C PRO A 124 25.11 12.50 -5.09
N LEU A 125 24.61 12.89 -3.91
CA LEU A 125 23.58 13.94 -3.85
C LEU A 125 24.17 15.31 -4.11
N PHE A 126 25.40 15.57 -3.65
CA PHE A 126 26.07 16.83 -3.96
C PHE A 126 26.31 16.95 -5.46
N TRP A 127 26.70 15.85 -6.10
CA TRP A 127 26.90 15.87 -7.55
C TRP A 127 25.58 16.07 -8.30
N ARG A 128 24.48 15.57 -7.73
CA ARG A 128 23.20 15.63 -8.42
C ARG A 128 22.61 17.05 -8.46
N PHE A 129 23.13 17.96 -7.64
CA PHE A 129 22.65 19.34 -7.62
C PHE A 129 23.72 20.35 -7.99
N ALA A 130 24.93 20.23 -7.44
CA ALA A 130 25.97 21.21 -7.70
C ALA A 130 26.54 21.10 -9.11
N ALA A 131 26.49 19.91 -9.73
CA ALA A 131 27.10 19.72 -11.03
C ALA A 131 26.24 18.99 -12.05
N ALA A 132 25.16 18.33 -11.65
CA ALA A 132 24.37 17.57 -12.60
C ALA A 132 23.52 18.46 -13.49
N PRO A 133 22.70 19.39 -12.96
CA PRO A 133 21.89 20.22 -13.85
C PRO A 133 22.73 21.06 -14.82
N HIS A 134 23.90 21.51 -14.39
CA HIS A 134 24.77 22.26 -15.29
C HIS A 134 25.24 21.38 -16.44
N ILE A 135 25.65 20.15 -16.14
CA ILE A 135 26.08 19.23 -17.19
C ILE A 135 24.87 18.76 -18.01
N CYS A 136 23.75 18.48 -17.34
CA CYS A 136 22.57 17.98 -18.04
C CYS A 136 22.08 18.99 -19.08
N SER A 137 22.03 20.27 -18.70
CA SER A 137 21.66 21.30 -19.66
C SER A 137 22.67 21.39 -20.80
N ASP A 138 23.96 21.30 -20.47
CA ASP A 138 24.99 21.30 -21.51
C ASP A 138 24.88 20.06 -22.39
N LEU A 139 24.60 18.90 -21.78
CA LEU A 139 24.52 17.66 -22.55
C LEU A 139 23.40 17.71 -23.56
N LYS A 140 22.24 18.25 -23.17
CA LYS A 140 21.12 18.34 -24.10
C LYS A 140 21.44 19.26 -25.28
N PHE A 141 22.13 20.37 -25.02
CA PHE A 141 22.51 21.28 -26.11
C PHE A 141 23.47 20.60 -27.08
N ILE A 142 24.46 19.87 -26.54
CA ILE A 142 25.45 19.22 -27.40
C ILE A 142 24.78 18.18 -28.29
N MET A 143 23.90 17.35 -27.71
CA MET A 143 23.21 16.35 -28.51
C MET A 143 22.28 17.01 -29.53
N GLU A 144 21.61 18.08 -29.15
CA GLU A 144 20.70 18.76 -30.06
C GLU A 144 21.43 19.35 -31.25
N GLU A 145 22.59 19.99 -31.01
CA GLU A 145 23.31 20.62 -32.12
C GLU A 145 24.00 19.59 -33.00
N LEU A 146 24.41 18.45 -32.44
CA LEU A 146 25.02 17.41 -33.26
C LEU A 146 24.02 16.87 -34.28
N ASP A 147 22.77 16.68 -33.87
CA ASP A 147 21.73 16.27 -34.82
C ASP A 147 21.52 17.35 -35.89
N LYS A 148 21.51 18.61 -35.48
CA LYS A 148 21.36 19.70 -36.45
C LYS A 148 22.51 19.73 -37.44
N VAL A 149 23.74 19.51 -36.96
CA VAL A 149 24.89 19.45 -37.85
C VAL A 149 24.75 18.26 -38.81
N TYR A 150 24.33 17.11 -38.29
CA TYR A 150 24.13 15.95 -39.16
C TYR A 150 23.03 16.21 -40.18
N ASN A 151 21.93 16.85 -39.75
CA ASN A 151 20.82 17.12 -40.65
C ASN A 151 21.22 18.08 -41.77
N ARG A 152 21.96 19.14 -41.43
CA ARG A 152 22.37 20.10 -42.45
C ARG A 152 23.47 19.55 -43.35
N ALA A 153 24.29 18.61 -42.86
CA ALA A 153 25.30 17.99 -43.69
C ALA A 153 24.73 16.92 -44.62
N ILE A 154 23.67 16.24 -44.18
CA ILE A 154 23.04 15.24 -45.02
C ILE A 154 22.06 15.86 -46.01
N LYS A 155 21.76 17.15 -45.86
CA LYS A 155 20.82 17.85 -46.73
C LYS A 155 21.48 18.39 -47.99
N ALA A 156 22.76 18.09 -48.21
CA ALA A 156 23.45 18.58 -49.42
C ALA A 156 22.91 17.93 -50.68
N ALA A 157 22.22 16.80 -50.57
CA ALA A 157 21.64 16.13 -51.74
C ALA A 157 20.45 16.92 -52.28
N PRO A 194 32.43 25.99 -37.15
CA PRO A 194 32.64 25.02 -36.07
C PRO A 194 32.22 25.57 -34.71
N ILE A 195 30.92 25.73 -34.50
CA ILE A 195 30.42 26.22 -33.22
C ILE A 195 30.69 25.20 -32.11
N VAL A 196 30.53 23.91 -32.41
CA VAL A 196 30.74 22.88 -31.40
C VAL A 196 32.22 22.79 -31.04
N GLU A 197 33.11 22.97 -32.03
CA GLU A 197 34.54 22.88 -31.76
C GLU A 197 34.99 23.97 -30.78
N GLN A 198 34.52 25.21 -31.00
CA GLN A 198 34.88 26.30 -30.10
C GLN A 198 34.26 26.10 -28.72
N TYR A 199 33.03 25.59 -28.66
CA TYR A 199 32.37 25.37 -27.38
C TYR A 199 33.12 24.33 -26.56
N LEU A 200 33.54 23.24 -27.18
CA LEU A 200 34.30 22.21 -26.46
C LEU A 200 35.64 22.76 -25.99
N LYS A 201 36.30 23.58 -26.82
CA LYS A 201 37.55 24.19 -26.41
C LYS A 201 37.34 25.15 -25.25
N THR A 202 36.20 25.84 -25.22
CA THR A 202 35.89 26.71 -24.10
C THR A 202 35.76 25.91 -22.81
N LYS A 203 35.11 24.75 -22.87
CA LYS A 203 35.03 23.89 -21.69
C LYS A 203 36.38 23.33 -21.29
N LYS A 204 37.33 23.27 -22.23
CA LYS A 204 38.64 22.69 -21.94
C LYS A 204 39.42 23.53 -20.95
N ASN A 205 39.45 24.86 -21.16
CA ASN A 205 40.22 25.72 -20.27
C ASN A 205 39.65 25.73 -18.86
N SER A 206 38.32 25.77 -18.74
CA SER A 206 37.68 25.73 -17.44
C SER A 206 37.81 24.34 -16.83
N ASN A 207 37.96 24.30 -15.50
CA ASN A 207 38.11 23.03 -14.79
C ASN A 207 37.30 23.00 -13.50
N ASN A 208 36.22 23.79 -13.43
CA ASN A 208 35.40 23.80 -12.23
C ASN A 208 34.60 22.52 -12.11
N LEU A 209 34.05 22.02 -13.21
CA LEU A 209 33.22 20.80 -13.16
C LEU A 209 34.05 19.59 -12.78
N ILE A 210 35.24 19.45 -13.35
CA ILE A 210 36.05 18.25 -13.08
C ILE A 210 36.51 18.22 -11.64
N ILE A 211 36.79 19.40 -11.05
CA ILE A 211 37.19 19.44 -9.64
C ILE A 211 36.07 18.92 -8.75
N LYS A 212 34.83 19.30 -9.06
CA LYS A 212 33.69 18.79 -8.30
C LYS A 212 33.58 17.27 -8.43
N TYR A 213 33.80 16.75 -9.64
CA TYR A 213 33.77 15.30 -9.83
C TYR A 213 34.89 14.62 -9.05
N ILE A 214 36.10 15.16 -9.11
CA ILE A 214 37.22 14.58 -8.38
C ILE A 214 36.98 14.69 -6.88
N SER A 215 36.49 15.83 -6.42
CA SER A 215 36.19 15.99 -5.00
C SER A 215 35.10 15.03 -4.55
N CYS A 216 34.09 14.83 -5.40
CA CYS A 216 33.02 13.87 -5.08
C CYS A 216 33.58 12.46 -4.95
N ARG A 217 34.44 12.06 -5.89
CA ARG A 217 35.06 10.73 -5.81
C ARG A 217 36.03 10.64 -4.65
N LEU A 218 36.81 11.71 -4.42
CA LEU A 218 37.75 11.71 -3.31
C LEU A 218 37.03 11.62 -1.97
N LEU A 219 35.93 12.37 -1.82
CA LEU A 219 35.15 12.29 -0.59
C LEU A 219 34.57 10.89 -0.39
N THR A 220 34.06 10.28 -1.46
CA THR A 220 33.55 8.92 -1.36
C THR A 220 34.66 7.94 -1.00
N LEU A 221 35.84 8.10 -1.61
CA LEU A 221 36.96 7.21 -1.33
C LEU A 221 37.40 7.33 0.12
N ILE A 222 37.42 8.55 0.67
CA ILE A 222 37.84 8.73 2.05
C ILE A 222 36.87 8.04 3.00
N ILE A 223 35.57 8.19 2.76
CA ILE A 223 34.58 7.55 3.61
C ILE A 223 34.71 6.04 3.56
N ILE A 224 34.90 5.49 2.36
CA ILE A 224 35.10 4.05 2.23
C ILE A 224 36.37 3.63 2.95
N LEU A 225 37.45 4.39 2.79
CA LEU A 225 38.68 4.10 3.53
C LEU A 225 38.46 4.22 5.03
N LEU A 226 37.71 5.24 5.47
CA LEU A 226 37.33 5.32 6.88
C LEU A 226 36.45 4.15 7.29
N ALA A 227 35.51 3.75 6.43
CA ALA A 227 34.68 2.60 6.73
C ALA A 227 35.50 1.32 6.85
N CYS A 228 36.48 1.14 5.96
CA CYS A 228 37.33 -0.05 6.03
C CYS A 228 38.11 -0.08 7.33
N ILE A 229 38.61 1.07 7.78
CA ILE A 229 39.35 1.13 9.04
C ILE A 229 38.44 0.75 10.21
N TYR A 230 37.21 1.29 10.22
CA TYR A 230 36.29 0.95 11.30
C TYR A 230 35.89 -0.52 11.25
N LEU A 231 35.48 -1.00 10.08
CA LEU A 231 35.06 -2.39 9.97
C LEU A 231 36.20 -3.34 10.28
N GLY A 232 37.41 -3.03 9.82
CA GLY A 232 38.56 -3.83 10.18
C GLY A 232 38.82 -3.82 11.67
N TYR A 233 38.72 -2.65 12.29
CA TYR A 233 38.86 -2.59 13.75
C TYR A 233 37.72 -3.31 14.45
N TYR A 234 36.49 -3.14 13.96
CA TYR A 234 35.35 -3.80 14.58
C TYR A 234 35.44 -5.31 14.46
N PHE A 235 35.86 -5.81 13.29
CA PHE A 235 36.03 -7.24 13.11
C PHE A 235 37.21 -7.76 13.91
N SER A 236 38.21 -6.92 14.18
CA SER A 236 39.35 -7.33 14.98
C SER A 236 38.99 -7.50 16.45
N LEU A 237 37.88 -6.92 16.90
CA LEU A 237 37.45 -7.08 18.28
C LEU A 237 37.18 -8.54 18.59
N SER A 238 37.69 -9.00 19.73
CA SER A 238 37.52 -10.40 20.12
C SER A 238 36.05 -10.72 20.34
N SER A 239 35.67 -11.95 20.00
CA SER A 239 34.29 -12.39 20.17
C SER A 239 33.87 -12.37 21.64
N LEU A 240 34.81 -12.61 22.56
CA LEU A 240 34.51 -12.57 23.99
C LEU A 240 34.70 -11.16 24.55
N SER A 241 34.07 -10.19 23.90
CA SER A 241 34.10 -8.80 24.36
C SER A 241 32.71 -8.24 24.62
N ASP A 242 31.67 -8.79 24.00
CA ASP A 242 30.31 -8.37 24.29
C ASP A 242 29.88 -8.74 25.70
N GLU A 243 30.53 -9.73 26.32
CA GLU A 243 30.23 -10.09 27.70
C GLU A 243 30.82 -9.03 28.62
N PHE A 244 29.96 -8.21 29.22
CA PHE A 244 30.40 -7.19 30.15
C PHE A 244 29.76 -7.40 31.51
N VAL A 245 30.53 -7.08 32.56
CA VAL A 245 30.10 -7.31 33.93
C VAL A 245 29.33 -6.07 34.36
N CYS A 246 28.04 -6.05 34.07
CA CYS A 246 27.17 -4.95 34.43
C CYS A 246 26.83 -4.99 35.91
N SER A 247 26.25 -3.90 36.41
CA SER A 247 25.89 -3.81 37.82
C SER A 247 24.80 -2.76 38.01
N ILE A 248 23.92 -3.00 38.97
CA ILE A 248 22.90 -2.03 39.33
C ILE A 248 23.17 -1.53 40.75
N LYS A 249 23.93 -0.45 40.86
CA LYS A 249 24.29 0.13 42.17
C LYS A 249 24.25 1.65 42.00
N SER A 250 23.09 2.23 42.29
CA SER A 250 22.92 3.68 42.20
C SER A 250 21.70 4.07 43.03
N GLY A 251 21.80 5.21 43.69
CA GLY A 251 20.70 5.69 44.51
C GLY A 251 20.36 4.76 45.66
N ILE A 252 19.19 4.14 45.60
CA ILE A 252 18.76 3.25 46.67
C ILE A 252 19.47 1.91 46.58
N LEU A 253 19.79 1.45 45.37
CA LEU A 253 20.33 0.11 45.18
C LEU A 253 21.72 -0.06 45.77
N ARG A 254 22.46 1.02 46.00
CA ARG A 254 23.78 0.90 46.62
C ARG A 254 23.66 0.36 48.04
N ASN A 255 22.72 0.90 48.82
CA ASN A 255 22.47 0.43 50.18
C ASN A 255 21.37 -0.63 50.19
N ASP A 256 21.60 -1.69 49.43
CA ASP A 256 20.63 -2.77 49.29
C ASP A 256 21.40 -4.07 49.12
N SER A 257 21.50 -4.85 50.19
CA SER A 257 22.22 -6.12 50.17
C SER A 257 21.27 -7.27 49.82
N THR A 258 20.53 -7.08 48.73
CA THR A 258 19.62 -8.09 48.21
C THR A 258 19.96 -8.50 46.79
N VAL A 259 20.27 -7.55 45.91
CA VAL A 259 20.66 -7.86 44.53
C VAL A 259 22.13 -8.28 44.52
N PRO A 260 22.55 -9.11 43.57
CA PRO A 260 23.98 -9.40 43.45
C PRO A 260 24.74 -8.15 42.99
N ASP A 261 26.00 -8.07 43.43
CA ASP A 261 26.80 -6.89 43.12
C ASP A 261 27.02 -6.74 41.63
N GLN A 262 27.25 -7.84 40.92
CA GLN A 262 27.59 -7.83 39.50
C GLN A 262 26.68 -8.76 38.73
N PHE A 263 26.35 -8.36 37.50
CA PHE A 263 25.50 -9.13 36.61
C PHE A 263 26.26 -9.48 35.34
N GLN A 264 26.13 -10.73 34.90
CA GLN A 264 26.75 -11.17 33.65
C GLN A 264 25.78 -10.92 32.50
N CYS A 265 26.16 -10.06 31.57
CA CYS A 265 25.34 -9.74 30.42
C CYS A 265 26.01 -10.22 29.14
N LYS A 266 25.22 -10.32 28.08
CA LYS A 266 25.72 -10.79 26.80
C LYS A 266 24.97 -10.09 25.69
N LEU A 267 25.67 -9.28 24.90
CA LEU A 267 25.08 -8.64 23.74
C LEU A 267 24.90 -9.70 22.66
N ILE A 268 23.66 -10.11 22.43
CA ILE A 268 23.40 -11.29 21.61
C ILE A 268 23.78 -11.04 20.16
N ALA A 269 23.32 -9.92 19.61
CA ALA A 269 23.56 -9.61 18.20
C ALA A 269 24.93 -8.95 18.04
N VAL A 270 25.96 -9.76 18.24
CA VAL A 270 27.34 -9.34 18.05
C VAL A 270 28.08 -10.22 17.05
N GLY A 271 27.94 -11.54 17.18
CA GLY A 271 28.53 -12.42 16.18
C GLY A 271 27.96 -12.19 14.80
N ILE A 272 26.67 -11.85 14.73
CA ILE A 272 26.08 -11.47 13.45
C ILE A 272 26.72 -10.18 12.95
N PHE A 273 26.94 -9.22 13.85
CA PHE A 273 27.54 -7.94 13.45
C PHE A 273 28.94 -8.16 12.88
N GLN A 274 29.76 -8.95 13.56
CA GLN A 274 31.12 -9.19 13.07
C GLN A 274 31.11 -9.96 11.77
N LEU A 275 30.15 -10.87 11.60
CA LEU A 275 30.00 -11.56 10.32
C LEU A 275 29.66 -10.59 9.21
N LEU A 276 28.75 -9.65 9.49
CA LEU A 276 28.36 -8.69 8.46
C LEU A 276 29.41 -7.59 8.29
N SER A 277 30.17 -7.26 9.33
CA SER A 277 31.18 -6.23 9.22
C SER A 277 32.29 -6.65 8.25
N VAL A 278 32.75 -7.89 8.35
CA VAL A 278 33.80 -8.35 7.44
C VAL A 278 33.26 -8.46 6.02
N ILE A 279 31.99 -8.86 5.86
CA ILE A 279 31.38 -8.92 4.54
C ILE A 279 31.35 -7.53 3.91
N ASN A 280 30.94 -6.53 4.69
CA ASN A 280 30.98 -5.16 4.20
C ASN A 280 32.41 -4.71 3.97
N LEU A 281 33.34 -5.13 4.84
CA LEU A 281 34.74 -4.81 4.65
C LEU A 281 35.28 -5.43 3.37
N VAL A 282 34.93 -6.69 3.11
CA VAL A 282 35.43 -7.37 1.91
C VAL A 282 34.94 -6.67 0.65
N VAL A 283 33.66 -6.30 0.64
CA VAL A 283 33.11 -5.59 -0.52
C VAL A 283 33.78 -4.24 -0.68
N TYR A 284 33.98 -3.52 0.43
CA TYR A 284 34.57 -2.19 0.35
C TYR A 284 36.01 -2.23 -0.16
N VAL A 285 36.81 -3.17 0.35
CA VAL A 285 38.18 -3.29 -0.14
C VAL A 285 38.22 -3.81 -1.57
N LEU A 286 37.11 -4.39 -2.04
CA LEU A 286 36.99 -4.68 -3.47
C LEU A 286 36.42 -3.49 -4.23
N LEU A 287 35.60 -2.67 -3.58
CA LEU A 287 35.03 -1.49 -4.22
C LEU A 287 36.01 -0.32 -4.23
N ALA A 288 36.95 -0.29 -3.29
CA ALA A 288 37.92 0.80 -3.25
C ALA A 288 38.76 0.91 -4.50
N PRO A 289 39.30 -0.17 -5.09
CA PRO A 289 40.03 -0.01 -6.36
C PRO A 289 39.16 0.56 -7.47
N VAL A 290 37.87 0.25 -7.47
CA VAL A 290 36.98 0.82 -8.49
C VAL A 290 36.86 2.32 -8.32
N VAL A 291 36.76 2.79 -7.07
CA VAL A 291 36.62 4.22 -6.83
C VAL A 291 37.88 4.97 -7.24
N VAL A 292 39.06 4.44 -6.88
CA VAL A 292 40.30 5.13 -7.22
C VAL A 292 40.55 5.08 -8.73
N TYR A 293 40.09 4.02 -9.40
CA TYR A 293 40.16 3.98 -10.85
C TYR A 293 39.31 5.08 -11.47
N THR A 294 38.13 5.31 -10.90
CA THR A 294 37.27 6.40 -11.37
C THR A 294 37.92 7.75 -11.13
N LEU A 295 38.73 7.87 -10.07
CA LEU A 295 39.37 9.13 -9.75
C LEU A 295 40.25 9.62 -10.88
N PHE A 296 40.90 8.70 -11.59
CA PHE A 296 41.76 9.05 -12.72
C PHE A 296 40.89 9.23 -13.95
N VAL A 297 40.27 10.40 -14.05
CA VAL A 297 39.36 10.74 -15.15
C VAL A 297 40.07 10.75 -16.51
N PRO A 298 41.21 11.44 -16.69
CA PRO A 298 41.79 11.51 -18.03
C PRO A 298 42.20 10.17 -18.60
N PHE A 299 42.64 9.22 -17.76
CA PHE A 299 43.06 7.93 -18.28
C PHE A 299 41.86 7.09 -18.72
N ARG A 300 40.71 7.26 -18.05
CA ARG A 300 39.51 6.51 -18.44
C ARG A 300 39.02 6.90 -19.82
N GLN A 301 39.03 8.19 -20.14
CA GLN A 301 38.44 8.68 -21.37
C GLN A 301 39.33 8.39 -22.57
N LYS A 302 38.74 8.47 -23.75
CA LYS A 302 39.47 8.44 -25.02
C LYS A 302 39.07 9.66 -25.82
N THR A 303 40.07 10.38 -26.33
CA THR A 303 39.80 11.63 -27.04
C THR A 303 39.11 11.41 -28.37
N ASP A 304 39.23 10.22 -28.96
CA ASP A 304 38.66 9.94 -30.27
C ASP A 304 37.19 9.55 -30.21
N VAL A 305 36.48 9.88 -29.13
CA VAL A 305 35.06 9.57 -29.03
C VAL A 305 34.28 10.34 -30.10
N LEU A 306 34.59 11.62 -30.27
CA LEU A 306 33.93 12.45 -31.27
C LEU A 306 34.67 12.45 -32.61
N LYS A 307 35.77 11.70 -32.74
CA LYS A 307 36.48 11.64 -34.01
C LYS A 307 35.69 10.92 -35.09
N VAL A 308 34.59 10.25 -34.74
CA VAL A 308 33.74 9.62 -35.75
C VAL A 308 32.98 10.64 -36.59
N TYR A 309 32.97 11.91 -36.17
CA TYR A 309 32.30 12.96 -36.91
C TYR A 309 33.15 13.57 -38.01
N GLU A 310 34.39 13.11 -38.17
CA GLU A 310 35.24 13.62 -39.25
C GLU A 310 34.77 13.17 -40.62
N ILE A 311 33.86 12.19 -40.69
CA ILE A 311 33.33 11.75 -41.97
C ILE A 311 32.52 12.87 -42.62
N LEU A 312 31.81 13.65 -41.82
CA LEU A 312 31.03 14.76 -42.34
C LEU A 312 31.98 15.80 -42.96
N PRO A 313 31.71 16.26 -44.19
CA PRO A 313 32.60 17.26 -44.79
C PRO A 313 32.67 18.56 -44.02
N THR A 314 31.57 18.97 -43.38
CA THR A 314 31.53 20.21 -42.60
C THR A 314 31.89 19.96 -41.13
N PHE A 315 33.03 19.30 -40.92
CA PHE A 315 33.48 19.01 -39.56
C PHE A 315 34.99 18.79 -39.61
N ASP A 316 35.76 19.76 -39.10
CA ASP A 316 37.20 19.67 -39.10
C ASP A 316 37.69 18.88 -37.88
N VAL A 317 39.01 18.72 -37.77
CA VAL A 317 39.58 17.97 -36.67
C VAL A 317 39.43 18.73 -35.37
N LEU A 318 39.38 18.00 -34.25
CA LEU A 318 39.25 18.60 -32.94
C LEU A 318 40.60 19.05 -32.39
N SER A 322 42.33 16.63 -22.28
CA SER A 322 42.96 15.31 -22.38
C SER A 322 44.34 15.31 -21.75
N GLU A 323 45.02 16.45 -21.79
CA GLU A 323 46.36 16.57 -21.23
C GLU A 323 46.34 16.80 -19.73
N GLY A 324 45.18 17.04 -19.14
CA GLY A 324 45.13 17.30 -17.71
C GLY A 324 43.71 17.19 -17.19
N TYR A 325 43.56 17.55 -15.91
CA TYR A 325 42.27 17.50 -15.23
C TYR A 325 41.43 18.70 -15.69
N ASN A 326 40.71 18.52 -16.79
CA ASN A 326 39.88 19.56 -17.37
C ASN A 326 38.46 19.04 -17.56
N ASP A 327 37.53 19.99 -17.71
CA ASP A 327 36.14 19.64 -17.92
C ASP A 327 35.90 18.90 -19.23
N LEU A 328 36.82 19.04 -20.19
CA LEU A 328 36.68 18.30 -21.44
C LEU A 328 36.70 16.81 -21.21
N SER A 329 37.57 16.34 -20.32
CA SER A 329 37.61 14.92 -19.98
C SER A 329 36.31 14.47 -19.35
N LEU A 330 35.77 15.28 -18.44
CA LEU A 330 34.52 14.92 -17.77
C LEU A 330 33.37 14.85 -18.76
N TYR A 331 33.27 15.82 -19.67
CA TYR A 331 32.19 15.82 -20.65
C TYR A 331 32.30 14.62 -21.58
N ASN A 332 33.52 14.26 -21.99
CA ASN A 332 33.70 13.11 -22.88
C ASN A 332 33.23 11.82 -22.23
N LEU A 333 33.51 11.65 -20.93
CA LEU A 333 33.02 10.48 -20.22
C LEU A 333 31.50 10.45 -20.20
N PHE A 334 30.87 11.59 -19.91
CA PHE A 334 29.42 11.66 -19.95
C PHE A 334 28.88 11.49 -21.37
N LEU A 335 29.59 12.03 -22.36
CA LEU A 335 29.18 11.82 -23.75
C LEU A 335 29.24 10.35 -24.12
N GLU A 336 30.32 9.66 -23.73
CA GLU A 336 30.50 8.26 -24.10
C GLU A 336 29.40 7.39 -23.52
N GLU A 337 28.86 7.77 -22.36
CA GLU A 337 27.84 6.98 -21.69
C GLU A 337 26.44 7.18 -22.28
N ASN A 338 26.22 8.24 -23.06
CA ASN A 338 24.88 8.48 -23.60
C ASN A 338 24.89 8.96 -25.04
N ILE A 339 26.01 8.89 -25.75
CA ILE A 339 26.01 9.28 -27.17
C ILE A 339 25.36 8.24 -28.05
N SER A 340 25.17 7.02 -27.56
CA SER A 340 24.58 5.95 -28.36
C SER A 340 23.06 6.06 -28.48
N GLU A 341 22.41 6.89 -27.65
CA GLU A 341 20.97 6.99 -27.69
C GLU A 341 20.47 7.79 -28.88
N VAL A 342 21.27 8.76 -29.37
CA VAL A 342 20.84 9.57 -30.49
C VAL A 342 21.01 8.78 -31.79
N LYS A 343 20.08 8.96 -32.72
CA LYS A 343 20.10 8.19 -33.96
C LYS A 343 21.25 8.64 -34.87
N SER A 344 21.67 9.90 -34.78
CA SER A 344 22.71 10.40 -35.67
C SER A 344 24.06 9.74 -35.40
N TYR A 345 24.34 9.38 -34.14
CA TYR A 345 25.63 8.79 -33.81
C TYR A 345 25.75 7.36 -34.31
N LYS A 346 24.71 6.54 -34.13
CA LYS A 346 24.80 5.14 -34.55
C LYS A 346 24.93 5.02 -36.06
N CYS A 347 24.16 5.82 -36.81
CA CYS A 347 24.28 5.80 -38.26
C CYS A 347 25.66 6.23 -38.71
N LEU A 348 26.21 7.26 -38.07
CA LEU A 348 27.54 7.74 -38.43
C LEU A 348 28.62 6.74 -38.01
N LYS A 349 28.44 6.09 -36.87
CA LYS A 349 29.46 5.16 -36.39
C LYS A 349 29.60 3.96 -37.31
N VAL A 350 28.50 3.51 -37.91
CA VAL A 350 28.55 2.40 -38.85
C VAL A 350 29.40 2.76 -40.06
N LEU A 351 29.21 3.97 -40.59
CA LEU A 351 30.03 4.42 -41.71
C LEU A 351 31.50 4.46 -41.35
N GLU A 352 31.82 4.85 -40.11
CA GLU A 352 33.20 4.83 -39.66
C GLU A 352 33.76 3.42 -39.64
N ASN A 353 32.92 2.41 -39.44
CA ASN A 353 33.33 1.02 -39.43
C ASN A 353 33.42 0.41 -40.82
N ILE A 354 33.49 1.23 -41.86
CA ILE A 354 33.57 0.73 -43.23
C ILE A 354 35.00 0.87 -43.75
N ALA B 2 12.47 -1.47 10.39
CA ALA B 2 13.92 -1.60 10.31
C ALA B 2 14.58 -0.24 10.16
N ILE B 3 15.81 -0.11 10.65
CA ILE B 3 16.54 1.15 10.55
C ILE B 3 16.83 1.49 9.10
N ALA B 4 17.19 0.49 8.30
CA ALA B 4 17.54 0.76 6.91
C ALA B 4 16.35 1.32 6.13
N GLN B 5 15.17 0.71 6.28
CA GLN B 5 13.98 1.26 5.65
C GLN B 5 13.51 2.53 6.35
N LEU B 6 13.87 2.69 7.62
CA LEU B 6 13.57 3.93 8.34
C LEU B 6 14.26 5.12 7.69
N ALA B 7 15.56 5.00 7.43
CA ALA B 7 16.29 6.08 6.77
C ALA B 7 15.82 6.26 5.34
N THR B 8 15.42 5.15 4.69
CA THR B 8 15.01 5.21 3.28
C THR B 8 13.88 6.22 3.06
N GLU B 9 12.96 6.31 4.02
CA GLU B 9 11.81 7.21 3.86
C GLU B 9 12.26 8.67 3.83
N TYR B 10 13.21 9.05 4.68
CA TYR B 10 13.59 10.45 4.84
C TYR B 10 14.88 10.81 4.11
N VAL B 11 15.77 9.84 3.92
CA VAL B 11 17.03 10.04 3.19
C VAL B 11 17.18 8.91 2.18
N PHE B 12 18.10 9.12 1.24
CA PHE B 12 18.30 8.28 0.04
C PHE B 12 17.15 8.40 -0.93
N SER B 13 16.10 9.13 -0.59
CA SER B 13 14.96 9.35 -1.46
C SER B 13 14.46 10.77 -1.23
N ASP B 14 13.82 11.34 -2.25
CA ASP B 14 13.36 12.72 -2.19
C ASP B 14 12.15 12.80 -1.26
N PHE B 15 12.41 13.10 0.02
CA PHE B 15 11.34 13.26 0.99
C PHE B 15 10.68 14.62 0.84
N LEU B 16 11.48 15.69 0.95
CA LEU B 16 11.01 17.04 0.65
C LEU B 16 12.03 17.79 -0.20
N LEU B 17 12.98 17.07 -0.81
CA LEU B 17 14.02 17.65 -1.64
C LEU B 17 13.65 17.70 -3.12
N LYS B 18 12.41 17.32 -3.45
CA LYS B 18 11.95 17.25 -4.82
C LYS B 18 10.94 18.36 -5.10
N GLU B 19 10.79 18.67 -6.39
CA GLU B 19 9.75 19.60 -6.81
C GLU B 19 8.39 19.00 -6.51
N PRO B 20 7.48 19.73 -5.87
CA PRO B 20 6.20 19.15 -5.49
C PRO B 20 5.39 18.72 -6.69
N THR B 21 4.64 17.63 -6.52
CA THR B 21 3.83 17.08 -7.60
C THR B 21 2.51 17.84 -7.71
N GLU B 22 2.59 19.16 -7.83
CA GLU B 22 1.41 20.01 -7.96
C GLU B 22 1.46 20.71 -9.31
N PRO B 23 0.59 20.35 -10.26
CA PRO B 23 0.63 20.95 -11.61
C PRO B 23 0.05 22.36 -11.68
N LYS B 24 0.48 23.21 -10.75
CA LYS B 24 0.07 24.61 -10.72
C LYS B 24 1.23 25.58 -10.88
N PHE B 25 2.44 25.18 -10.52
CA PHE B 25 3.63 26.00 -10.72
C PHE B 25 4.33 25.73 -12.04
N LYS B 26 3.78 24.83 -12.87
CA LYS B 26 4.31 24.54 -14.20
C LYS B 26 5.74 24.01 -14.15
N GLY B 27 6.06 23.28 -13.08
CA GLY B 27 7.34 22.62 -12.97
C GLY B 27 8.53 23.56 -12.89
N LEU B 28 8.62 24.33 -11.82
CA LEU B 28 9.74 25.23 -11.60
C LEU B 28 10.21 25.11 -10.16
N ARG B 29 11.49 25.44 -9.95
CA ARG B 29 12.07 25.38 -8.60
C ARG B 29 11.63 26.62 -7.83
N LEU B 30 10.73 26.41 -6.87
CA LEU B 30 10.22 27.48 -6.03
C LEU B 30 11.15 27.79 -4.85
N GLU B 31 12.19 26.99 -4.63
CA GLU B 31 13.16 27.23 -3.58
C GLU B 31 14.56 27.07 -4.16
N LEU B 32 15.51 27.80 -3.58
CA LEU B 32 16.89 27.72 -4.02
C LEU B 32 17.50 26.37 -3.64
N ALA B 33 18.59 26.02 -4.33
CA ALA B 33 19.26 24.75 -4.04
C ALA B 33 19.79 24.72 -2.61
N VAL B 34 20.38 25.82 -2.16
CA VAL B 34 20.86 25.88 -0.78
C VAL B 34 19.70 25.85 0.20
N ASP B 35 18.63 26.61 -0.09
CA ASP B 35 17.47 26.62 0.80
C ASP B 35 16.82 25.24 0.87
N LYS B 36 16.67 24.58 -0.27
CA LYS B 36 16.09 23.24 -0.28
C LYS B 36 16.98 22.25 0.47
N MET B 37 18.29 22.36 0.30
CA MET B 37 19.22 21.49 1.03
C MET B 37 19.15 21.77 2.53
N VAL B 38 19.11 23.06 2.91
CA VAL B 38 19.03 23.41 4.33
C VAL B 38 17.73 22.92 4.92
N THR B 39 16.62 23.13 4.21
CA THR B 39 15.32 22.69 4.70
C THR B 39 15.27 21.18 4.88
N CYS B 40 15.81 20.43 3.91
CA CYS B 40 15.79 18.98 4.01
C CYS B 40 16.60 18.49 5.20
N ILE B 41 17.79 19.05 5.41
CA ILE B 41 18.64 18.63 6.52
C ILE B 41 18.04 19.08 7.85
N ALA B 42 17.59 20.34 7.92
CA ALA B 42 17.07 20.87 9.17
C ALA B 42 15.78 20.19 9.61
N VAL B 43 14.99 19.68 8.67
CA VAL B 43 13.73 19.02 9.01
C VAL B 43 13.86 17.51 8.99
N GLY B 44 14.55 16.97 7.99
CA GLY B 44 14.66 15.53 7.85
C GLY B 44 15.59 14.86 8.84
N LEU B 45 16.48 15.59 9.48
CA LEU B 45 17.38 15.00 10.45
C LEU B 45 16.68 14.74 11.79
N PRO B 46 15.96 15.72 12.36
CA PRO B 46 15.23 15.40 13.61
C PRO B 46 14.24 14.26 13.45
N LEU B 47 13.56 14.18 12.31
CA LEU B 47 12.67 13.05 12.05
C LEU B 47 13.45 11.75 12.00
N LEU B 48 14.62 11.76 11.38
CA LEU B 48 15.45 10.57 11.34
C LEU B 48 15.87 10.15 12.75
N LEU B 49 16.28 11.12 13.57
CA LEU B 49 16.77 10.80 14.91
C LEU B 49 15.64 10.40 15.84
N ILE B 50 14.45 10.97 15.66
CA ILE B 50 13.31 10.60 16.49
C ILE B 50 12.99 9.12 16.32
N SER B 51 12.90 8.67 15.07
CA SER B 51 12.59 7.27 14.80
C SER B 51 13.78 6.35 15.04
N LEU B 52 15.01 6.85 14.87
CA LEU B 52 16.17 6.03 15.18
C LEU B 52 16.25 5.72 16.67
N ALA B 53 15.97 6.72 17.51
CA ALA B 53 16.10 6.53 18.95
C ALA B 53 15.13 5.48 19.47
N PHE B 54 13.94 5.40 18.88
CA PHE B 54 12.90 4.47 19.33
C PHE B 54 12.65 3.39 18.29
N ALA B 55 13.70 2.95 17.61
CA ALA B 55 13.61 1.82 16.72
C ALA B 55 13.57 0.53 17.54
N GLN B 56 12.97 -0.50 16.95
CA GLN B 56 12.85 -1.80 17.62
C GLN B 56 14.14 -2.60 17.60
N GLU B 57 15.25 -1.99 17.19
CA GLU B 57 16.55 -2.66 17.17
C GLU B 57 17.61 -1.92 17.96
N ILE B 58 17.23 -0.93 18.77
CA ILE B 58 18.17 -0.22 19.64
C ILE B 58 17.60 -0.18 21.04
N SER B 59 16.32 -0.46 21.18
CA SER B 59 15.62 -0.39 22.45
C SER B 59 15.10 -1.76 22.85
N ILE B 60 15.02 -1.99 24.17
CA ILE B 60 14.46 -3.25 24.68
C ILE B 60 12.95 -3.31 24.52
N GLY B 61 12.30 -2.19 24.23
CA GLY B 61 10.85 -2.16 24.12
C GLY B 61 10.24 -1.20 25.11
N THR B 62 10.82 -1.13 26.30
CA THR B 62 10.39 -0.21 27.34
C THR B 62 11.33 0.97 27.41
N GLN B 63 10.80 2.12 27.85
CA GLN B 63 11.58 3.34 27.98
C GLN B 63 11.82 3.74 29.42
N ILE B 64 11.14 3.11 30.38
CA ILE B 64 11.40 3.31 31.80
C ILE B 64 11.38 1.95 32.47
N SER B 65 12.18 1.80 33.52
CA SER B 65 12.22 0.55 34.27
C SER B 65 12.54 0.88 35.73
N CYS B 66 11.65 0.48 36.63
CA CYS B 66 11.82 0.71 38.05
C CYS B 66 12.03 -0.61 38.76
N PHE B 67 13.02 -0.66 39.64
CA PHE B 67 13.35 -1.89 40.35
C PHE B 67 12.40 -2.05 41.53
N SER B 68 11.34 -2.83 41.32
CA SER B 68 10.39 -3.15 42.37
C SER B 68 10.92 -4.26 43.26
N PRO B 69 10.46 -4.35 44.51
CA PRO B 69 10.87 -5.46 45.37
C PRO B 69 10.37 -6.79 44.85
N SER B 70 11.10 -7.85 45.20
CA SER B 70 10.76 -9.18 44.71
C SER B 70 9.41 -9.67 45.20
N SER B 71 8.90 -9.10 46.29
CA SER B 71 7.60 -9.52 46.81
C SER B 71 6.45 -9.07 45.91
N PHE B 72 6.67 -8.09 45.04
CA PHE B 72 5.61 -7.61 44.16
C PHE B 72 5.32 -8.63 43.06
N SER B 73 4.05 -8.70 42.66
CA SER B 73 3.67 -9.46 41.49
C SER B 73 4.09 -8.70 40.24
N TRP B 74 3.96 -9.34 39.08
CA TRP B 74 4.37 -8.69 37.85
C TRP B 74 3.51 -7.47 37.55
N ARG B 75 2.20 -7.58 37.76
CA ARG B 75 1.32 -6.45 37.49
C ARG B 75 1.57 -5.30 38.46
N GLN B 76 1.87 -5.60 39.72
CA GLN B 76 2.27 -4.56 40.65
C GLN B 76 3.55 -3.87 40.20
N ALA B 77 4.52 -4.66 39.74
CA ALA B 77 5.75 -4.08 39.20
C ALA B 77 5.46 -3.30 37.92
N ALA B 78 4.50 -3.77 37.12
CA ALA B 78 4.09 -3.00 35.95
C ALA B 78 3.45 -1.68 36.36
N PHE B 79 2.74 -1.67 37.49
CA PHE B 79 2.15 -0.43 37.97
C PHE B 79 3.24 0.59 38.32
N VAL B 80 4.30 0.14 38.99
CA VAL B 80 5.36 1.06 39.39
C VAL B 80 6.03 1.67 38.18
N ASP B 81 6.34 0.84 37.18
CA ASP B 81 6.94 1.35 35.95
C ASP B 81 6.00 2.33 35.25
N SER B 82 4.72 2.00 35.20
CA SER B 82 3.75 2.87 34.54
C SER B 82 3.50 4.14 35.34
N TYR B 83 3.37 4.00 36.67
CA TYR B 83 3.12 5.17 37.51
C TYR B 83 4.28 6.15 37.45
N CYS B 84 5.50 5.66 37.67
CA CYS B 84 6.66 6.54 37.70
C CYS B 84 6.91 7.18 36.34
N TRP B 85 6.53 6.49 35.25
CA TRP B 85 6.58 7.13 33.94
C TRP B 85 5.63 8.31 33.87
N ALA B 86 4.44 8.16 34.45
CA ALA B 86 3.54 9.29 34.58
C ALA B 86 3.96 10.22 35.72
N ALA B 87 4.65 9.70 36.73
CA ALA B 87 5.12 10.52 37.85
C ALA B 87 6.46 11.17 37.53
N VAL B 88 6.54 11.81 36.37
CA VAL B 88 7.66 12.66 36.02
C VAL B 88 7.27 14.13 36.02
N GLN B 89 6.00 14.45 35.85
CA GLN B 89 5.51 15.82 35.78
C GLN B 89 4.87 16.28 37.09
N GLN B 90 5.07 15.52 38.17
CA GLN B 90 4.51 15.82 39.47
C GLN B 90 5.59 16.40 40.37
N LYS B 91 5.18 16.84 41.56
CA LYS B 91 6.09 17.51 42.48
C LYS B 91 6.29 16.74 43.78
N ASN B 92 5.22 16.28 44.41
CA ASN B 92 5.35 15.57 45.68
C ASN B 92 5.72 14.11 45.45
N SER B 93 6.75 13.88 44.65
CA SER B 93 7.27 12.55 44.32
C SER B 93 8.59 12.75 43.59
N LEU B 94 9.15 11.66 43.07
CA LEU B 94 10.39 11.65 42.30
C LEU B 94 11.47 12.55 42.90
N GLN B 95 11.66 12.45 44.23
CA GLN B 95 12.62 13.28 44.94
C GLN B 95 14.03 12.79 44.63
N SER B 96 14.57 13.26 43.52
CA SER B 96 15.91 12.90 43.10
C SER B 96 16.88 14.07 43.26
N GLY B 99 15.73 19.22 41.19
CA GLY B 99 15.87 18.91 39.77
C GLY B 99 14.55 18.91 39.02
N ASN B 100 14.18 17.73 38.51
CA ASN B 100 12.90 17.48 37.85
C ASN B 100 12.83 18.14 36.48
N LEU B 101 13.82 18.95 36.14
CA LEU B 101 13.86 19.55 34.81
C LEU B 101 14.45 18.58 33.77
N PRO B 102 15.60 17.94 34.03
CA PRO B 102 16.10 16.96 33.06
C PRO B 102 15.16 15.78 32.85
N LEU B 103 14.41 15.39 33.88
CA LEU B 103 13.47 14.29 33.73
C LEU B 103 12.35 14.65 32.77
N TRP B 104 11.90 15.91 32.80
CA TRP B 104 10.94 16.37 31.80
C TRP B 104 11.49 16.24 30.40
N LEU B 105 12.74 16.66 30.19
CA LEU B 105 13.33 16.61 28.85
C LEU B 105 13.54 15.18 28.39
N HIS B 106 13.98 14.30 29.29
CA HIS B 106 14.22 12.91 28.91
C HIS B 106 12.93 12.23 28.45
N LYS B 107 11.83 12.48 29.16
CA LYS B 107 10.56 11.85 28.79
C LYS B 107 10.05 12.39 27.46
N PHE B 108 10.19 13.69 27.22
CA PHE B 108 9.61 14.34 26.05
C PHE B 108 10.64 14.75 25.02
N PHE B 109 11.81 14.10 25.02
CA PHE B 109 12.84 14.44 24.02
C PHE B 109 12.37 14.22 22.59
N PRO B 110 11.74 13.09 22.23
CA PRO B 110 11.24 12.98 20.86
C PRO B 110 10.21 14.04 20.49
N TYR B 111 9.41 14.48 21.46
CA TYR B 111 8.46 15.56 21.19
C TYR B 111 9.17 16.87 20.89
N ILE B 112 10.22 17.18 21.66
CA ILE B 112 10.92 18.44 21.47
C ILE B 112 11.63 18.47 20.12
N LEU B 113 12.23 17.35 19.71
CA LEU B 113 12.81 17.27 18.37
C LEU B 113 11.73 17.44 17.31
N LEU B 114 10.57 16.84 17.52
CA LEU B 114 9.47 17.02 16.57
C LEU B 114 9.02 18.47 16.55
N LEU B 115 8.99 19.12 17.72
CA LEU B 115 8.65 20.54 17.76
C LEU B 115 9.64 21.38 16.96
N PHE B 116 10.93 21.06 17.09
CA PHE B 116 11.93 21.75 16.27
C PHE B 116 11.75 21.45 14.79
N ALA B 117 11.35 20.21 14.46
CA ALA B 117 11.06 19.88 13.08
C ALA B 117 9.89 20.70 12.55
N ILE B 118 8.86 20.89 13.36
CA ILE B 118 7.72 21.71 12.95
C ILE B 118 8.15 23.16 12.77
N LEU B 119 8.90 23.70 13.74
CA LEU B 119 9.30 25.10 13.67
C LEU B 119 10.28 25.37 12.55
N LEU B 120 11.01 24.34 12.10
CA LEU B 120 11.92 24.49 10.98
C LEU B 120 11.26 24.23 9.64
N TYR B 121 10.01 23.78 9.64
CA TYR B 121 9.28 23.55 8.39
C TYR B 121 8.30 24.66 8.06
N LEU B 122 7.83 25.41 9.06
CA LEU B 122 6.89 26.49 8.78
C LEU B 122 7.46 27.60 7.90
N PRO B 123 8.67 28.13 8.15
CA PRO B 123 9.20 29.17 7.26
C PRO B 123 9.32 28.71 5.82
N PRO B 124 9.74 27.46 5.56
CA PRO B 124 9.59 26.96 4.18
C PRO B 124 8.15 26.92 3.70
N LEU B 125 7.21 26.58 4.58
CA LEU B 125 5.81 26.56 4.20
C LEU B 125 5.24 27.97 4.06
N PHE B 126 5.68 28.89 4.93
CA PHE B 126 5.26 30.28 4.79
C PHE B 126 5.77 30.87 3.48
N TRP B 127 7.00 30.54 3.10
CA TRP B 127 7.55 31.01 1.83
C TRP B 127 6.81 30.40 0.65
N ARG B 128 6.34 29.15 0.80
CA ARG B 128 5.70 28.46 -0.31
C ARG B 128 4.33 29.04 -0.66
N PHE B 129 3.73 29.83 0.21
CA PHE B 129 2.42 30.43 -0.04
C PHE B 129 2.45 31.95 -0.07
N ALA B 130 3.12 32.58 0.90
CA ALA B 130 3.13 34.03 0.96
C ALA B 130 3.99 34.68 -0.12
N ALA B 131 5.00 33.96 -0.63
CA ALA B 131 5.90 34.55 -1.59
C ALA B 131 6.22 33.69 -2.79
N ALA B 132 5.92 32.39 -2.78
CA ALA B 132 6.28 31.53 -3.91
C ALA B 132 5.36 31.75 -5.11
N PRO B 133 4.02 31.69 -4.97
CA PRO B 133 3.18 31.89 -6.16
C PRO B 133 3.37 33.25 -6.82
N HIS B 134 3.64 34.30 -6.02
CA HIS B 134 3.91 35.61 -6.58
C HIS B 134 5.18 35.60 -7.42
N ILE B 135 6.24 34.98 -6.90
CA ILE B 135 7.48 34.87 -7.64
C ILE B 135 7.33 33.91 -8.80
N CYS B 136 6.65 32.78 -8.58
CA CYS B 136 6.50 31.78 -9.64
C CYS B 136 5.76 32.35 -10.84
N SER B 137 4.69 33.11 -10.61
CA SER B 137 4.00 33.77 -11.71
C SER B 137 4.90 34.79 -12.40
N ASP B 138 5.66 35.55 -11.61
CA ASP B 138 6.60 36.49 -12.20
C ASP B 138 7.71 35.78 -12.96
N LEU B 139 8.20 34.66 -12.42
CA LEU B 139 9.28 33.92 -13.07
C LEU B 139 8.85 33.40 -14.44
N LYS B 140 7.63 32.87 -14.53
CA LYS B 140 7.15 32.37 -15.81
C LYS B 140 7.04 33.47 -16.85
N PHE B 141 6.58 34.65 -16.45
CA PHE B 141 6.48 35.78 -17.37
C PHE B 141 7.85 36.21 -17.86
N ILE B 142 8.83 36.27 -16.96
CA ILE B 142 10.16 36.71 -17.35
C ILE B 142 10.79 35.74 -18.34
N MET B 143 10.68 34.44 -18.06
CA MET B 143 11.22 33.45 -18.99
C MET B 143 10.48 33.47 -20.32
N GLU B 144 9.16 33.66 -20.29
CA GLU B 144 8.38 33.68 -21.52
C GLU B 144 8.77 34.86 -22.41
N GLU B 145 8.94 36.04 -21.80
CA GLU B 145 9.25 37.22 -22.61
C GLU B 145 10.69 37.21 -23.10
N LEU B 146 11.61 36.59 -22.34
CA LEU B 146 12.98 36.49 -22.80
C LEU B 146 13.08 35.66 -24.08
N ASP B 147 12.31 34.56 -24.15
CA ASP B 147 12.26 33.78 -25.38
C ASP B 147 11.67 34.58 -26.52
N LYS B 148 10.62 35.36 -26.24
CA LYS B 148 10.02 36.21 -27.27
C LYS B 148 11.02 37.25 -27.77
N VAL B 149 11.77 37.85 -26.85
CA VAL B 149 12.80 38.81 -27.25
C VAL B 149 13.86 38.13 -28.10
N TYR B 150 14.29 36.93 -27.71
CA TYR B 150 15.27 36.20 -28.50
C TYR B 150 14.70 35.83 -29.87
N ASN B 151 13.43 35.41 -29.91
CA ASN B 151 12.83 35.02 -31.18
C ASN B 151 12.71 36.20 -32.13
N ARG B 152 12.30 37.36 -31.63
CA ARG B 152 12.16 38.52 -32.50
C ARG B 152 13.51 39.12 -32.89
N ALA B 153 14.53 38.94 -32.06
CA ALA B 153 15.87 39.42 -32.41
C ALA B 153 16.56 38.49 -33.40
N ILE B 154 16.29 37.18 -33.34
CA ILE B 154 16.88 36.26 -34.29
C ILE B 154 16.12 36.22 -35.61
N LYS B 155 14.95 36.85 -35.67
CA LYS B 155 14.13 36.87 -36.87
C LYS B 155 14.52 37.98 -37.84
N ALA B 156 15.60 38.73 -37.55
CA ALA B 156 16.01 39.80 -38.45
C ALA B 156 16.54 39.27 -39.78
N ALA B 157 16.90 37.99 -39.85
CA ALA B 157 17.38 37.40 -41.09
C ALA B 157 16.25 37.22 -42.09
N PRO B 194 12.47 48.37 -24.31
CA PRO B 194 12.98 47.62 -23.16
C PRO B 194 11.91 47.40 -22.09
N ILE B 195 10.93 46.54 -22.39
CA ILE B 195 9.88 46.24 -21.42
C ILE B 195 10.45 45.49 -20.22
N VAL B 196 11.38 44.57 -20.47
CA VAL B 196 11.96 43.79 -19.38
C VAL B 196 12.83 44.69 -18.49
N GLU B 197 13.54 45.65 -19.09
CA GLU B 197 14.41 46.52 -18.31
C GLU B 197 13.59 47.36 -17.32
N GLN B 198 12.48 47.92 -17.79
CA GLN B 198 11.63 48.71 -16.90
C GLN B 198 10.98 47.83 -15.82
N TYR B 199 10.58 46.63 -16.20
CA TYR B 199 9.95 45.73 -15.23
C TYR B 199 10.91 45.35 -14.11
N LEU B 200 12.16 45.05 -14.46
CA LEU B 200 13.15 44.72 -13.44
C LEU B 200 13.44 45.92 -12.55
N LYS B 201 13.50 47.12 -13.13
CA LYS B 201 13.70 48.32 -12.34
C LYS B 201 12.52 48.57 -11.41
N THR B 202 11.31 48.24 -11.86
CA THR B 202 10.14 48.36 -10.99
C THR B 202 10.25 47.44 -9.78
N LYS B 203 10.73 46.21 -10.00
CA LYS B 203 10.94 45.30 -8.87
C LYS B 203 12.06 45.78 -7.96
N LYS B 204 12.98 46.60 -8.48
CA LYS B 204 14.12 47.05 -7.69
C LYS B 204 13.69 47.96 -6.54
N ASN B 205 12.80 48.92 -6.82
CA ASN B 205 12.38 49.84 -5.77
C ASN B 205 11.59 49.14 -4.68
N SER B 206 10.71 48.22 -5.06
CA SER B 206 9.96 47.45 -4.08
C SER B 206 10.88 46.46 -3.37
N ASN B 207 10.60 46.25 -2.08
CA ASN B 207 11.40 45.33 -1.28
C ASN B 207 10.53 44.45 -0.38
N ASN B 208 9.28 44.23 -0.76
CA ASN B 208 8.40 43.38 0.05
C ASN B 208 8.81 41.92 -0.03
N LEU B 209 9.17 41.45 -1.23
CA LEU B 209 9.52 40.04 -1.40
C LEU B 209 10.81 39.70 -0.65
N ILE B 210 11.82 40.57 -0.73
CA ILE B 210 13.10 40.26 -0.11
C ILE B 210 12.97 40.23 1.41
N ILE B 211 12.12 41.09 1.97
CA ILE B 211 11.91 41.09 3.42
C ILE B 211 11.32 39.75 3.87
N LYS B 212 10.37 39.22 3.10
CA LYS B 212 9.82 37.90 3.43
C LYS B 212 10.90 36.83 3.37
N TYR B 213 11.78 36.89 2.37
CA TYR B 213 12.88 35.93 2.28
C TYR B 213 13.82 36.06 3.46
N ILE B 214 14.19 37.30 3.82
CA ILE B 214 15.08 37.52 4.94
C ILE B 214 14.41 37.09 6.25
N SER B 215 13.13 37.42 6.42
CA SER B 215 12.41 37.00 7.61
C SER B 215 12.30 35.49 7.68
N CYS B 216 12.08 34.83 6.54
CA CYS B 216 12.03 33.38 6.53
C CYS B 216 13.36 32.77 6.95
N ARG B 217 14.47 33.31 6.42
CA ARG B 217 15.79 32.82 6.81
C ARG B 217 16.10 33.18 8.26
N LEU B 218 15.74 34.40 8.68
CA LEU B 218 15.99 34.81 10.05
C LEU B 218 15.20 33.94 11.03
N LEU B 219 13.93 33.64 10.71
CA LEU B 219 13.14 32.77 11.57
C LEU B 219 13.75 31.38 11.65
N THR B 220 14.20 30.84 10.51
CA THR B 220 14.85 29.54 10.52
C THR B 220 16.14 29.56 11.33
N LEU B 221 16.92 30.64 11.18
CA LEU B 221 18.18 30.74 11.92
C LEU B 221 17.93 30.81 13.43
N ILE B 222 16.90 31.54 13.85
CA ILE B 222 16.60 31.65 15.27
C ILE B 222 16.22 30.28 15.85
N ILE B 223 15.39 29.52 15.13
CA ILE B 223 14.98 28.21 15.61
C ILE B 223 16.19 27.28 15.71
N ILE B 224 17.06 27.30 14.71
CA ILE B 224 18.27 26.50 14.77
C ILE B 224 19.15 26.93 15.94
N LEU B 225 19.29 28.24 16.13
CA LEU B 225 20.04 28.74 17.28
C LEU B 225 19.37 28.33 18.59
N LEU B 226 18.04 28.40 18.65
CA LEU B 226 17.32 27.89 19.81
C LEU B 226 17.50 26.39 19.94
N ALA B 227 17.49 25.65 18.83
CA ALA B 227 17.72 24.21 18.89
C ALA B 227 19.12 23.89 19.40
N CYS B 228 20.12 24.65 18.94
CA CYS B 228 21.48 24.42 19.41
C CYS B 228 21.61 24.65 20.90
N ILE B 229 20.93 25.68 21.42
CA ILE B 229 20.97 25.95 22.85
C ILE B 229 20.34 24.80 23.63
N TYR B 230 19.19 24.31 23.16
CA TYR B 230 18.53 23.20 23.84
C TYR B 230 19.38 21.92 23.75
N LEU B 231 19.83 21.57 22.55
CA LEU B 231 20.62 20.36 22.39
C LEU B 231 21.92 20.44 23.18
N GLY B 232 22.57 21.60 23.15
CA GLY B 232 23.76 21.78 23.97
C GLY B 232 23.47 21.62 25.46
N TYR B 233 22.36 22.21 25.91
CA TYR B 233 21.96 22.03 27.31
C TYR B 233 21.58 20.59 27.59
N TYR B 234 20.85 19.96 26.67
CA TYR B 234 20.43 18.58 26.89
C TYR B 234 21.63 17.64 26.91
N PHE B 235 22.60 17.85 26.01
CA PHE B 235 23.80 17.03 26.01
C PHE B 235 24.67 17.32 27.23
N SER B 236 24.59 18.54 27.78
CA SER B 236 25.35 18.87 28.98
C SER B 236 24.81 18.17 30.22
N LEU B 237 23.57 17.69 30.18
CA LEU B 237 23.01 16.98 31.32
C LEU B 237 23.82 15.73 31.61
N SER B 238 24.12 15.52 32.89
CA SER B 238 24.92 14.36 33.29
C SER B 238 24.18 13.07 32.97
N SER B 239 24.96 12.04 32.61
CA SER B 239 24.37 10.74 32.30
C SER B 239 23.67 10.13 33.50
N LEU B 240 24.13 10.41 34.71
CA LEU B 240 23.49 9.92 35.93
C LEU B 240 22.41 10.88 36.41
N SER B 241 21.51 11.26 35.51
CA SER B 241 20.38 12.11 35.83
C SER B 241 19.04 11.47 35.55
N ASP B 242 18.99 10.51 34.62
CA ASP B 242 17.74 9.78 34.37
C ASP B 242 17.34 8.91 35.54
N GLU B 243 18.27 8.55 36.42
CA GLU B 243 17.94 7.79 37.61
C GLU B 243 17.25 8.71 38.62
N PHE B 244 15.95 8.54 38.80
CA PHE B 244 15.19 9.34 39.75
C PHE B 244 14.54 8.44 40.79
N VAL B 245 14.47 8.96 42.01
CA VAL B 245 13.96 8.20 43.15
C VAL B 245 12.45 8.42 43.18
N CYS B 246 11.73 7.59 42.42
CA CYS B 246 10.28 7.66 42.36
C CYS B 246 9.66 7.06 43.63
N SER B 247 8.37 7.29 43.79
CA SER B 247 7.66 6.78 44.96
C SER B 247 6.17 6.70 44.66
N ILE B 248 5.51 5.70 45.24
CA ILE B 248 4.05 5.56 45.14
C ILE B 248 3.44 5.77 46.51
N LYS B 249 3.09 7.02 46.82
CA LYS B 249 2.49 7.37 48.11
C LYS B 249 1.41 8.41 47.84
N SER B 250 0.18 7.94 47.64
CA SER B 250 -0.95 8.83 47.39
C SER B 250 -2.23 8.06 47.67
N GLY B 251 -3.21 8.75 48.24
CA GLY B 251 -4.48 8.14 48.58
C GLY B 251 -4.35 7.01 49.58
N ILE B 252 -4.60 5.78 49.14
CA ILE B 252 -4.54 4.64 50.04
C ILE B 252 -3.09 4.23 50.32
N LEU B 253 -2.21 4.41 49.34
CA LEU B 253 -0.84 3.92 49.45
C LEU B 253 -0.03 4.65 50.53
N ARG B 254 -0.43 5.85 50.94
CA ARG B 254 0.28 6.54 52.01
C ARG B 254 0.17 5.78 53.32
N ASN B 255 -1.03 5.31 53.65
CA ASN B 255 -1.25 4.52 54.86
C ASN B 255 -1.17 3.03 54.54
N ASP B 256 -0.02 2.63 54.00
CA ASP B 256 0.21 1.25 53.59
C ASP B 256 1.69 0.95 53.81
N SER B 257 1.99 0.25 54.90
CA SER B 257 3.37 -0.11 55.23
C SER B 257 3.72 -1.49 54.64
N THR B 258 3.46 -1.61 53.34
CA THR B 258 3.79 -2.82 52.60
C THR B 258 4.73 -2.55 51.43
N VAL B 259 4.50 -1.49 50.67
CA VAL B 259 5.36 -1.13 49.55
C VAL B 259 6.57 -0.39 50.11
N PRO B 260 7.73 -0.44 49.45
CA PRO B 260 8.86 0.39 49.87
C PRO B 260 8.55 1.86 49.64
N ASP B 261 9.14 2.71 50.50
CA ASP B 261 8.86 4.14 50.43
C ASP B 261 9.34 4.73 49.11
N GLN B 262 10.50 4.29 48.63
CA GLN B 262 11.12 4.86 47.44
C GLN B 262 11.46 3.76 46.44
N PHE B 263 11.34 4.07 45.16
CA PHE B 263 11.66 3.16 44.08
C PHE B 263 12.76 3.74 43.21
N GLN B 264 13.72 2.89 42.84
CA GLN B 264 14.79 3.30 41.93
C GLN B 264 14.35 3.05 40.49
N CYS B 265 14.24 4.11 39.71
CA CYS B 265 13.85 4.00 38.31
C CYS B 265 15.00 4.43 37.42
N LYS B 266 14.91 4.06 36.15
CA LYS B 266 15.94 4.36 35.18
C LYS B 266 15.30 4.57 33.82
N LEU B 267 15.38 5.79 33.30
CA LEU B 267 14.89 6.07 31.95
C LEU B 267 15.89 5.47 30.96
N ILE B 268 15.49 4.36 30.33
CA ILE B 268 16.44 3.56 29.56
C ILE B 268 16.92 4.32 28.33
N ALA B 269 15.99 4.89 27.57
CA ALA B 269 16.33 5.58 26.32
C ALA B 269 16.74 7.02 26.63
N VAL B 270 17.91 7.15 27.26
CA VAL B 270 18.51 8.44 27.56
C VAL B 270 19.90 8.58 26.96
N GLY B 271 20.74 7.55 27.12
CA GLY B 271 22.05 7.59 26.49
C GLY B 271 21.95 7.66 24.97
N ILE B 272 20.93 7.01 24.40
CA ILE B 272 20.67 7.14 22.98
C ILE B 272 20.27 8.58 22.65
N PHE B 273 19.44 9.19 23.51
CA PHE B 273 19.00 10.56 23.27
C PHE B 273 20.19 11.51 23.27
N GLN B 274 21.07 11.39 24.26
CA GLN B 274 22.22 12.29 24.32
C GLN B 274 23.17 12.04 23.16
N LEU B 275 23.29 10.79 22.71
CA LEU B 275 24.09 10.51 21.52
C LEU B 275 23.50 11.19 20.30
N LEU B 276 22.17 11.13 20.15
CA LEU B 276 21.53 11.74 18.99
C LEU B 276 21.45 13.26 19.14
N SER B 277 21.35 13.76 20.36
CA SER B 277 21.25 15.21 20.55
C SER B 277 22.53 15.91 20.09
N VAL B 278 23.69 15.38 20.44
CA VAL B 278 24.94 15.99 20.01
C VAL B 278 25.11 15.85 18.51
N ILE B 279 24.68 14.73 17.93
CA ILE B 279 24.75 14.56 16.47
C ILE B 279 23.90 15.63 15.78
N ASN B 280 22.68 15.84 16.27
CA ASN B 280 21.85 16.92 15.74
C ASN B 280 22.48 18.27 16.02
N LEU B 281 23.09 18.44 17.20
CA LEU B 281 23.78 19.68 17.52
C LEU B 281 24.95 19.92 16.58
N VAL B 282 25.73 18.88 16.29
CA VAL B 282 26.90 19.03 15.42
C VAL B 282 26.46 19.44 14.02
N VAL B 283 25.41 18.80 13.51
CA VAL B 283 24.90 19.17 12.18
C VAL B 283 24.38 20.59 12.18
N TYR B 284 23.64 20.97 13.23
CA TYR B 284 23.06 22.31 13.27
C TYR B 284 24.13 23.39 13.34
N VAL B 285 25.15 23.20 14.17
CA VAL B 285 26.22 24.19 14.23
C VAL B 285 27.06 24.18 12.96
N LEU B 286 26.94 23.12 12.15
CA LEU B 286 27.51 23.15 10.80
C LEU B 286 26.52 23.73 9.80
N LEU B 287 25.22 23.58 10.05
CA LEU B 287 24.21 24.13 9.16
C LEU B 287 23.96 25.60 9.43
N ALA B 288 24.23 26.07 10.64
CA ALA B 288 24.01 27.48 10.96
C ALA B 288 24.84 28.43 10.10
N PRO B 289 26.13 28.20 9.83
CA PRO B 289 26.84 29.09 8.91
C PRO B 289 26.23 29.12 7.51
N VAL B 290 25.66 28.01 7.06
CA VAL B 290 25.00 28.00 5.75
C VAL B 290 23.78 28.91 5.76
N VAL B 291 23.01 28.88 6.85
CA VAL B 291 21.80 29.70 6.92
C VAL B 291 22.15 31.18 6.94
N VAL B 292 23.15 31.56 7.74
CA VAL B 292 23.52 32.97 7.83
C VAL B 292 24.16 33.44 6.54
N TYR B 293 24.86 32.56 5.82
CA TYR B 293 25.37 32.90 4.50
C TYR B 293 24.23 33.20 3.54
N THR B 294 23.16 32.40 3.61
CA THR B 294 21.99 32.65 2.78
C THR B 294 21.31 33.97 3.15
N LEU B 295 21.42 34.38 4.42
CA LEU B 295 20.79 35.61 4.86
C LEU B 295 21.32 36.82 4.11
N PHE B 296 22.60 36.80 3.74
CA PHE B 296 23.22 37.90 2.99
C PHE B 296 22.92 37.68 1.51
N VAL B 297 21.71 38.07 1.11
CA VAL B 297 21.24 37.91 -0.26
C VAL B 297 22.07 38.71 -1.27
N PRO B 298 22.31 40.02 -1.06
CA PRO B 298 23.04 40.78 -2.10
C PRO B 298 24.43 40.27 -2.38
N PHE B 299 25.14 39.75 -1.37
CA PHE B 299 26.50 39.26 -1.61
C PHE B 299 26.50 37.96 -2.39
N ARG B 300 25.47 37.13 -2.22
CA ARG B 300 25.40 35.87 -2.96
C ARG B 300 25.23 36.11 -4.45
N GLN B 301 24.39 37.05 -4.83
CA GLN B 301 24.04 37.26 -6.23
C GLN B 301 25.15 37.95 -6.98
N LYS B 302 25.09 37.84 -8.30
CA LYS B 302 25.94 38.62 -9.21
C LYS B 302 25.04 39.35 -10.19
N THR B 303 25.29 40.65 -10.36
CA THR B 303 24.42 41.47 -11.20
C THR B 303 24.56 41.14 -12.68
N ASP B 304 25.68 40.55 -13.08
CA ASP B 304 25.92 40.26 -14.49
C ASP B 304 25.28 38.95 -14.95
N VAL B 305 24.29 38.43 -14.22
CA VAL B 305 23.61 37.22 -14.64
C VAL B 305 22.88 37.44 -15.96
N LEU B 306 22.20 38.56 -16.10
CA LEU B 306 21.49 38.89 -17.34
C LEU B 306 22.34 39.69 -18.31
N LYS B 307 23.60 39.98 -17.97
CA LYS B 307 24.47 40.72 -18.87
C LYS B 307 24.82 39.93 -20.13
N VAL B 308 24.54 38.62 -20.15
CA VAL B 308 24.78 37.82 -21.35
C VAL B 308 23.82 38.18 -22.48
N TYR B 309 22.76 38.94 -22.19
CA TYR B 309 21.80 39.35 -23.20
C TYR B 309 22.22 40.61 -23.95
N GLU B 310 23.36 41.20 -23.61
CA GLU B 310 23.84 42.38 -24.33
C GLU B 310 24.29 42.04 -25.75
N ILE B 311 24.46 40.76 -26.07
CA ILE B 311 24.83 40.37 -27.43
C ILE B 311 23.72 40.72 -28.41
N LEU B 312 22.47 40.57 -27.98
CA LEU B 312 21.34 40.91 -28.83
C LEU B 312 21.35 42.41 -29.13
N PRO B 313 21.23 42.82 -30.39
CA PRO B 313 21.22 44.26 -30.71
C PRO B 313 20.07 45.01 -30.06
N THR B 314 18.92 44.38 -29.89
CA THR B 314 17.76 45.03 -29.28
C THR B 314 17.73 44.78 -27.77
N PHE B 315 18.83 45.08 -27.10
CA PHE B 315 18.92 44.90 -25.65
C PHE B 315 20.02 45.82 -25.13
N ASP B 316 19.63 46.88 -24.44
CA ASP B 316 20.59 47.84 -23.90
C ASP B 316 21.09 47.36 -22.54
N VAL B 317 21.99 48.14 -21.94
CA VAL B 317 22.57 47.78 -20.66
C VAL B 317 21.51 47.91 -19.56
N LEU B 318 21.70 47.14 -18.50
CA LEU B 318 20.77 47.15 -17.37
C LEU B 318 21.12 48.28 -16.40
N SER B 322 20.91 45.58 -6.21
CA SER B 322 22.29 45.14 -5.98
C SER B 322 22.95 45.96 -4.88
N GLU B 323 22.54 47.22 -4.77
CA GLU B 323 23.12 48.11 -3.75
C GLU B 323 22.49 47.93 -2.38
N GLY B 324 21.42 47.16 -2.28
CA GLY B 324 20.77 46.97 -1.00
C GLY B 324 19.81 45.79 -1.02
N TYR B 325 19.08 45.65 0.08
CA TYR B 325 18.12 44.56 0.24
C TYR B 325 16.88 44.89 -0.58
N ASN B 326 16.89 44.51 -1.85
CA ASN B 326 15.80 44.77 -2.77
C ASN B 326 15.35 43.48 -3.43
N ASP B 327 14.13 43.51 -3.98
CA ASP B 327 13.59 42.33 -4.65
C ASP B 327 14.38 41.97 -5.90
N LEU B 328 15.13 42.92 -6.47
CA LEU B 328 15.96 42.61 -7.64
C LEU B 328 16.99 41.53 -7.29
N SER B 329 17.61 41.63 -6.11
CA SER B 329 18.57 40.61 -5.69
C SER B 329 17.91 39.26 -5.54
N LEU B 330 16.70 39.23 -4.96
CA LEU B 330 16.00 37.96 -4.78
C LEU B 330 15.63 37.33 -6.11
N TYR B 331 15.14 38.13 -7.06
CA TYR B 331 14.78 37.59 -8.36
C TYR B 331 16.00 37.06 -9.11
N ASN B 332 17.13 37.76 -9.00
CA ASN B 332 18.33 37.30 -9.68
C ASN B 332 18.81 35.95 -9.15
N LEU B 333 18.71 35.74 -7.84
CA LEU B 333 19.05 34.44 -7.28
C LEU B 333 18.13 33.35 -7.81
N PHE B 334 16.82 33.63 -7.86
CA PHE B 334 15.88 32.67 -8.43
C PHE B 334 16.11 32.51 -9.93
N LEU B 335 16.45 33.58 -10.63
CA LEU B 335 16.77 33.47 -12.05
C LEU B 335 17.98 32.59 -12.26
N GLU B 336 19.03 32.79 -11.46
CA GLU B 336 20.27 32.04 -11.64
C GLU B 336 20.06 30.54 -11.44
N GLU B 337 19.10 30.18 -10.59
CA GLU B 337 18.86 28.77 -10.30
C GLU B 337 18.02 28.06 -11.36
N ASN B 338 17.35 28.80 -12.25
CA ASN B 338 16.51 28.16 -13.26
C ASN B 338 16.59 28.81 -14.62
N ILE B 339 17.55 29.71 -14.87
CA ILE B 339 17.70 30.29 -16.21
C ILE B 339 18.32 29.32 -17.19
N SER B 340 18.94 28.25 -16.71
CA SER B 340 19.59 27.29 -17.60
C SER B 340 18.62 26.34 -18.27
N GLU B 341 17.37 26.26 -17.81
CA GLU B 341 16.42 25.31 -18.38
C GLU B 341 15.88 25.80 -19.73
N VAL B 342 15.82 27.11 -19.94
CA VAL B 342 15.31 27.62 -21.21
C VAL B 342 16.37 27.49 -22.29
N LYS B 343 15.94 27.17 -23.51
CA LYS B 343 16.88 26.95 -24.60
C LYS B 343 17.54 28.25 -25.06
N SER B 344 16.86 29.38 -24.90
CA SER B 344 17.40 30.63 -25.38
C SER B 344 18.63 31.07 -24.59
N TYR B 345 18.68 30.75 -23.29
CA TYR B 345 19.80 31.16 -22.48
C TYR B 345 21.07 30.39 -22.78
N LYS B 346 20.98 29.07 -22.94
CA LYS B 346 22.18 28.27 -23.20
C LYS B 346 22.80 28.62 -24.54
N CYS B 347 21.97 28.79 -25.57
CA CYS B 347 22.49 29.18 -26.88
C CYS B 347 23.16 30.54 -26.82
N LEU B 348 22.56 31.49 -26.10
CA LEU B 348 23.14 32.82 -25.98
C LEU B 348 24.40 32.81 -25.12
N LYS B 349 24.43 31.98 -24.07
CA LYS B 349 25.59 31.94 -23.19
C LYS B 349 26.83 31.44 -23.91
N VAL B 350 26.65 30.49 -24.84
CA VAL B 350 27.78 29.98 -25.61
C VAL B 350 28.40 31.09 -26.45
N LEU B 351 27.56 31.91 -27.09
CA LEU B 351 28.07 33.03 -27.88
C LEU B 351 28.84 34.00 -27.00
N GLU B 352 28.39 34.21 -25.75
CA GLU B 352 29.11 35.06 -24.83
C GLU B 352 30.49 34.49 -24.51
N ASN B 353 30.63 33.16 -24.55
CA ASN B 353 31.90 32.51 -24.29
C ASN B 353 32.82 32.46 -25.52
N ILE B 354 32.57 33.31 -26.51
CA ILE B 354 33.39 33.33 -27.71
C ILE B 354 34.33 34.54 -27.67
N ALA C 2 5.75 5.18 14.12
CA ALA C 2 6.78 6.10 14.59
C ALA C 2 6.26 7.53 14.59
N ILE C 3 6.81 8.35 15.50
CA ILE C 3 6.38 9.74 15.59
C ILE C 3 6.75 10.51 14.32
N ALA C 4 7.93 10.24 13.77
CA ALA C 4 8.38 10.96 12.59
C ALA C 4 7.45 10.71 11.41
N GLN C 5 7.10 9.45 11.16
CA GLN C 5 6.15 9.16 10.09
C GLN C 5 4.73 9.56 10.50
N LEU C 6 4.47 9.64 11.81
CA LEU C 6 3.18 10.12 12.28
C LEU C 6 2.95 11.57 11.86
N ALA C 7 3.94 12.44 12.10
CA ALA C 7 3.81 13.83 11.68
C ALA C 7 3.81 13.95 10.16
N THR C 8 4.53 13.06 9.48
CA THR C 8 4.65 13.13 8.02
C THR C 8 3.28 13.10 7.35
N GLU C 9 2.36 12.32 7.89
CA GLU C 9 1.04 12.19 7.27
C GLU C 9 0.28 13.51 7.32
N TYR C 10 0.36 14.24 8.43
CA TYR C 10 -0.46 15.45 8.62
C TYR C 10 0.32 16.74 8.40
N VAL C 11 1.64 16.72 8.60
CA VAL C 11 2.49 17.88 8.38
C VAL C 11 3.70 17.43 7.56
N PHE C 12 4.41 18.41 7.00
CA PHE C 12 5.49 18.24 6.02
C PHE C 12 4.96 17.73 4.68
N SER C 13 3.66 17.45 4.58
CA SER C 13 3.04 17.02 3.34
C SER C 13 1.65 17.61 3.28
N ASP C 14 1.14 17.79 2.06
CA ASP C 14 -0.16 18.42 1.87
C ASP C 14 -1.24 17.44 2.29
N PHE C 15 -1.67 17.54 3.55
CA PHE C 15 -2.76 16.70 4.05
C PHE C 15 -4.11 17.22 3.59
N LEU C 16 -4.40 18.49 3.91
CA LEU C 16 -5.57 19.18 3.38
C LEU C 16 -5.22 20.59 2.91
N LEU C 17 -3.93 20.88 2.74
CA LEU C 17 -3.43 22.17 2.32
C LEU C 17 -3.28 22.27 0.80
N LYS C 18 -3.67 21.24 0.07
CA LYS C 18 -3.51 21.18 -1.38
C LYS C 18 -4.86 21.33 -2.07
N GLU C 19 -4.80 21.71 -3.34
CA GLU C 19 -6.00 21.75 -4.17
C GLU C 19 -6.52 20.33 -4.35
N PRO C 20 -7.81 20.07 -4.12
CA PRO C 20 -8.32 18.70 -4.20
C PRO C 20 -8.16 18.12 -5.60
N THR C 21 -7.89 16.81 -5.64
CA THR C 21 -7.70 16.11 -6.91
C THR C 21 -9.05 15.75 -7.54
N GLU C 22 -9.90 16.75 -7.69
CA GLU C 22 -11.22 16.57 -8.31
C GLU C 22 -11.29 17.38 -9.58
N PRO C 23 -11.31 16.76 -10.77
CA PRO C 23 -11.31 17.48 -12.04
C PRO C 23 -12.66 18.09 -12.40
N LYS C 24 -13.28 18.77 -11.42
CA LYS C 24 -14.55 19.45 -11.64
C LYS C 24 -14.47 20.95 -11.42
N PHE C 25 -13.52 21.43 -10.63
CA PHE C 25 -13.30 22.85 -10.43
C PHE C 25 -12.28 23.44 -11.39
N LYS C 26 -11.74 22.63 -12.30
CA LYS C 26 -10.80 23.08 -13.33
C LYS C 26 -9.54 23.68 -12.73
N GLY C 27 -9.13 23.15 -11.57
CA GLY C 27 -7.88 23.55 -10.95
C GLY C 27 -7.81 25.00 -10.51
N LEU C 28 -8.63 25.36 -9.52
CA LEU C 28 -8.64 26.71 -8.98
C LEU C 28 -8.68 26.63 -7.45
N ARG C 29 -8.17 27.68 -6.81
CA ARG C 29 -8.16 27.75 -5.36
C ARG C 29 -9.55 28.12 -4.87
N LEU C 30 -10.26 27.16 -4.29
CA LEU C 30 -11.60 27.37 -3.75
C LEU C 30 -11.59 27.95 -2.35
N GLU C 31 -10.42 28.05 -1.73
CA GLU C 31 -10.28 28.66 -0.41
C GLU C 31 -9.11 29.64 -0.42
N LEU C 32 -9.21 30.66 0.42
CA LEU C 32 -8.15 31.65 0.51
C LEU C 32 -6.92 31.04 1.17
N ALA C 33 -5.77 31.70 0.96
CA ALA C 33 -4.52 31.22 1.55
C ALA C 33 -4.58 31.24 3.06
N VAL C 34 -5.14 32.31 3.64
CA VAL C 34 -5.29 32.38 5.09
C VAL C 34 -6.29 31.34 5.58
N ASP C 35 -7.41 31.19 4.87
CA ASP C 35 -8.42 30.21 5.27
C ASP C 35 -7.86 28.79 5.19
N LYS C 36 -7.14 28.49 4.12
CA LYS C 36 -6.55 27.16 3.98
C LYS C 36 -5.50 26.92 5.07
N MET C 37 -4.69 27.93 5.38
CA MET C 37 -3.71 27.80 6.44
C MET C 37 -4.39 27.62 7.80
N VAL C 38 -5.45 28.40 8.05
CA VAL C 38 -6.17 28.27 9.32
C VAL C 38 -6.82 26.90 9.42
N THR C 39 -7.46 26.45 8.35
CA THR C 39 -8.11 25.15 8.36
C THR C 39 -7.11 24.03 8.61
N CYS C 40 -5.95 24.10 7.95
CA CYS C 40 -4.94 23.05 8.12
C CYS C 40 -4.44 23.00 9.56
N ILE C 41 -4.15 24.17 10.15
CA ILE C 41 -3.64 24.20 11.51
C ILE C 41 -4.73 23.82 12.50
N ALA C 42 -5.94 24.36 12.33
CA ALA C 42 -7.02 24.09 13.26
C ALA C 42 -7.47 22.64 13.25
N VAL C 43 -7.32 21.95 12.12
CA VAL C 43 -7.76 20.56 12.01
C VAL C 43 -6.58 19.60 12.14
N GLY C 44 -5.46 19.92 11.49
CA GLY C 44 -4.32 19.03 11.50
C GLY C 44 -3.54 18.98 12.79
N LEU C 45 -3.70 19.97 13.67
CA LEU C 45 -2.98 19.95 14.94
C LEU C 45 -3.64 18.99 15.93
N PRO C 46 -4.96 19.04 16.15
CA PRO C 46 -5.57 18.05 17.06
C PRO C 46 -5.32 16.63 16.63
N LEU C 47 -5.37 16.36 15.32
CA LEU C 47 -5.04 15.02 14.83
C LEU C 47 -3.60 14.66 15.16
N LEU C 48 -2.68 15.61 14.99
CA LEU C 48 -1.28 15.35 15.34
C LEU C 48 -1.15 15.04 16.82
N LEU C 49 -1.82 15.82 17.68
CA LEU C 49 -1.67 15.63 19.12
C LEU C 49 -2.38 14.36 19.60
N ILE C 50 -3.48 14.00 18.96
CA ILE C 50 -4.18 12.77 19.35
C ILE C 50 -3.28 11.56 19.15
N SER C 51 -2.63 11.47 17.99
CA SER C 51 -1.76 10.34 17.72
C SER C 51 -0.42 10.46 18.44
N LEU C 52 0.06 11.69 18.68
CA LEU C 52 1.29 11.86 19.45
C LEU C 52 1.12 11.36 20.88
N ALA C 53 -0.02 11.68 21.50
CA ALA C 53 -0.23 11.31 22.90
C ALA C 53 -0.23 9.81 23.10
N PHE C 54 -0.76 9.06 22.13
CA PHE C 54 -0.89 7.61 22.22
C PHE C 54 0.04 6.92 21.22
N ALA C 55 1.21 7.48 21.00
CA ALA C 55 2.24 6.83 20.21
C ALA C 55 2.90 5.73 21.04
N GLN C 56 3.44 4.73 20.34
CA GLN C 56 4.09 3.60 20.99
C GLN C 56 5.48 3.94 21.50
N GLU C 57 5.87 5.22 21.49
CA GLU C 57 7.17 5.64 21.98
C GLU C 57 7.08 6.71 23.06
N ILE C 58 5.89 6.95 23.61
CA ILE C 58 5.72 7.90 24.71
C ILE C 58 4.91 7.22 25.81
N SER C 59 4.26 6.12 25.49
CA SER C 59 3.40 5.40 26.41
C SER C 59 3.94 4.01 26.67
N ILE C 60 3.66 3.50 27.88
CA ILE C 60 4.06 2.14 28.23
C ILE C 60 3.20 1.09 27.54
N GLY C 61 2.07 1.49 26.97
CA GLY C 61 1.17 0.54 26.33
C GLY C 61 -0.21 0.57 26.97
N THR C 62 -0.24 0.75 28.28
CA THR C 62 -1.47 0.86 29.04
C THR C 62 -1.75 2.32 29.38
N GLN C 63 -3.03 2.64 29.51
CA GLN C 63 -3.46 4.00 29.84
C GLN C 63 -4.02 4.12 31.25
N ILE C 64 -4.28 3.01 31.93
CA ILE C 64 -4.67 3.02 33.33
C ILE C 64 -3.92 1.89 34.03
N SER C 65 -3.60 2.12 35.30
CA SER C 65 -2.92 1.10 36.10
C SER C 65 -3.37 1.23 37.54
N CYS C 66 -3.92 0.14 38.09
CA CYS C 66 -4.40 0.10 39.45
C CYS C 66 -3.53 -0.83 40.27
N PHE C 67 -3.12 -0.37 41.46
CA PHE C 67 -2.24 -1.16 42.32
C PHE C 67 -3.07 -2.19 43.07
N SER C 68 -3.12 -3.40 42.55
CA SER C 68 -3.81 -4.51 43.19
C SER C 68 -2.93 -5.12 44.28
N PRO C 69 -3.53 -5.77 45.27
CA PRO C 69 -2.73 -6.45 46.30
C PRO C 69 -1.94 -7.61 45.71
N SER C 70 -0.83 -7.92 46.37
CA SER C 70 0.07 -8.96 45.88
C SER C 70 -0.58 -10.33 45.87
N SER C 71 -1.63 -10.54 46.67
CA SER C 71 -2.30 -11.83 46.69
C SER C 71 -3.08 -12.11 45.41
N PHE C 72 -3.40 -11.09 44.62
CA PHE C 72 -4.14 -11.28 43.39
C PHE C 72 -3.27 -11.93 42.32
N SER C 73 -3.91 -12.77 41.50
CA SER C 73 -3.25 -13.30 40.32
C SER C 73 -3.17 -12.20 39.26
N TRP C 74 -2.44 -12.48 38.18
CA TRP C 74 -2.29 -11.47 37.14
C TRP C 74 -3.62 -11.16 36.47
N ARG C 75 -4.42 -12.18 36.20
CA ARG C 75 -5.71 -11.94 35.56
C ARG C 75 -6.66 -11.18 36.48
N GLN C 76 -6.63 -11.46 37.77
CA GLN C 76 -7.41 -10.68 38.72
C GLN C 76 -6.95 -9.22 38.72
N ALA C 77 -5.64 -8.99 38.70
CA ALA C 77 -5.13 -7.64 38.60
C ALA C 77 -5.49 -7.01 37.27
N ALA C 78 -5.53 -7.80 36.20
CA ALA C 78 -5.99 -7.30 34.91
C ALA C 78 -7.45 -6.91 34.98
N PHE C 79 -8.25 -7.65 35.76
CA PHE C 79 -9.65 -7.29 35.94
C PHE C 79 -9.81 -5.93 36.59
N VAL C 80 -9.01 -5.66 37.63
CA VAL C 80 -9.12 -4.38 38.33
C VAL C 80 -8.77 -3.23 37.40
N ASP C 81 -7.69 -3.37 36.64
CA ASP C 81 -7.31 -2.33 35.68
C ASP C 81 -8.39 -2.13 34.63
N SER C 82 -8.96 -3.24 34.14
CA SER C 82 -9.99 -3.14 33.11
C SER C 82 -11.30 -2.62 33.69
N TYR C 83 -11.68 -3.10 34.89
CA TYR C 83 -12.93 -2.65 35.50
C TYR C 83 -12.88 -1.15 35.81
N CYS C 84 -11.82 -0.71 36.50
CA CYS C 84 -11.73 0.69 36.88
C CYS C 84 -11.63 1.60 35.67
N TRP C 85 -11.06 1.12 34.57
CA TRP C 85 -11.09 1.89 33.33
C TRP C 85 -12.52 2.06 32.84
N ALA C 86 -13.33 1.02 32.96
CA ALA C 86 -14.77 1.15 32.68
C ALA C 86 -15.49 1.84 33.83
N ALA C 87 -14.99 1.72 35.05
CA ALA C 87 -15.60 2.36 36.21
C ALA C 87 -15.12 3.80 36.36
N VAL C 88 -15.20 4.55 35.27
CA VAL C 88 -14.99 6.00 35.31
C VAL C 88 -16.29 6.75 35.07
N GLN C 89 -17.28 6.13 34.43
CA GLN C 89 -18.55 6.77 34.10
C GLN C 89 -19.66 6.36 35.05
N GLN C 90 -19.31 5.73 36.17
CA GLN C 90 -20.28 5.26 37.16
C GLN C 90 -20.27 6.20 38.36
N LYS C 91 -21.20 5.96 39.29
CA LYS C 91 -21.38 6.85 40.43
C LYS C 91 -21.08 6.17 41.76
N ASN C 92 -21.60 4.97 41.99
CA ASN C 92 -21.39 4.29 43.26
C ASN C 92 -20.04 3.58 43.27
N SER C 93 -18.99 4.30 42.91
CA SER C 93 -17.62 3.81 42.88
C SER C 93 -16.71 5.02 42.67
N LEU C 94 -15.42 4.76 42.46
CA LEU C 94 -14.40 5.77 42.19
C LEU C 94 -14.54 6.99 43.10
N GLN C 95 -14.76 6.76 44.39
CA GLN C 95 -14.95 7.85 45.36
C GLN C 95 -13.61 8.53 45.61
N SER C 96 -13.29 9.49 44.75
CA SER C 96 -12.05 10.24 44.88
C SER C 96 -12.33 11.68 45.31
N GLY C 99 -16.15 14.92 42.63
CA GLY C 99 -15.42 15.13 41.39
C GLY C 99 -16.02 14.38 40.22
N ASN C 100 -15.26 13.43 39.68
CA ASN C 100 -15.68 12.52 38.61
C ASN C 100 -15.80 13.24 37.27
N LEU C 101 -15.67 14.56 37.27
CA LEU C 101 -15.67 15.30 36.01
C LEU C 101 -14.30 15.25 35.32
N PRO C 102 -13.19 15.54 36.02
CA PRO C 102 -11.88 15.42 35.35
C PRO C 102 -11.57 14.01 34.89
N LEU C 103 -12.07 12.99 35.61
CA LEU C 103 -11.82 11.61 35.19
C LEU C 103 -12.51 11.31 33.87
N TRP C 104 -13.70 11.87 33.65
CA TRP C 104 -14.35 11.75 32.35
C TRP C 104 -13.49 12.35 31.25
N LEU C 105 -12.94 13.55 31.49
CA LEU C 105 -12.14 14.21 30.46
C LEU C 105 -10.84 13.47 30.19
N HIS C 106 -10.20 12.95 31.24
CA HIS C 106 -8.93 12.24 31.07
C HIS C 106 -9.13 10.98 30.22
N LYS C 107 -10.20 10.25 30.45
CA LYS C 107 -10.45 9.03 29.69
C LYS C 107 -10.76 9.34 28.23
N PHE C 108 -11.54 10.39 27.98
CA PHE C 108 -12.03 10.70 26.65
C PHE C 108 -11.36 11.92 26.04
N PHE C 109 -10.15 12.28 26.51
CA PHE C 109 -9.46 13.44 25.93
C PHE C 109 -9.17 13.28 24.45
N PRO C 110 -8.66 12.15 23.95
CA PRO C 110 -8.49 12.03 22.49
C PRO C 110 -9.79 12.14 21.72
N TYR C 111 -10.90 11.69 22.30
CA TYR C 111 -12.19 11.84 21.63
C TYR C 111 -12.59 13.30 21.54
N ILE C 112 -12.38 14.08 22.60
CA ILE C 112 -12.78 15.47 22.61
C ILE C 112 -11.97 16.27 21.60
N LEU C 113 -10.66 15.99 21.53
CA LEU C 113 -9.85 16.63 20.49
C LEU C 113 -10.32 16.26 19.10
N LEU C 114 -10.69 14.98 18.91
CA LEU C 114 -11.24 14.57 17.62
C LEU C 114 -12.56 15.28 17.34
N LEU C 115 -13.39 15.45 18.37
CA LEU C 115 -14.63 16.19 18.21
C LEU C 115 -14.37 17.62 17.76
N PHE C 116 -13.36 18.27 18.37
CA PHE C 116 -12.99 19.61 17.94
C PHE C 116 -12.45 19.60 16.52
N ALA C 117 -11.72 18.55 16.15
CA ALA C 117 -11.25 18.42 14.77
C ALA C 117 -12.42 18.31 13.80
N ILE C 118 -13.46 17.54 14.17
CA ILE C 118 -14.64 17.43 13.32
C ILE C 118 -15.35 18.77 13.23
N LEU C 119 -15.55 19.45 14.36
CA LEU C 119 -16.29 20.71 14.36
C LEU C 119 -15.53 21.81 13.66
N LEU C 120 -14.20 21.70 13.57
CA LEU C 120 -13.40 22.68 12.85
C LEU C 120 -13.23 22.34 11.38
N TYR C 121 -13.70 21.18 10.94
CA TYR C 121 -13.62 20.80 9.54
C TYR C 121 -14.94 20.96 8.80
N LEU C 122 -16.07 20.94 9.52
CA LEU C 122 -17.37 21.10 8.85
C LEU C 122 -17.52 22.46 8.17
N PRO C 123 -17.22 23.60 8.80
CA PRO C 123 -17.38 24.88 8.11
C PRO C 123 -16.55 24.96 6.85
N PRO C 124 -15.31 24.45 6.83
CA PRO C 124 -14.63 24.30 5.53
C PRO C 124 -15.36 23.39 4.56
N LEU C 125 -15.98 22.32 5.06
CA LEU C 125 -16.73 21.42 4.19
C LEU C 125 -18.06 22.05 3.77
N PHE C 126 -18.71 22.79 4.67
CA PHE C 126 -19.93 23.50 4.31
C PHE C 126 -19.64 24.54 3.24
N TRP C 127 -18.51 25.25 3.36
CA TRP C 127 -18.14 26.23 2.34
C TRP C 127 -17.82 25.56 1.02
N ARG C 128 -17.27 24.34 1.06
CA ARG C 128 -16.84 23.67 -0.16
C ARG C 128 -18.01 23.21 -1.02
N PHE C 129 -19.22 23.15 -0.47
CA PHE C 129 -20.40 22.73 -1.22
C PHE C 129 -21.46 23.81 -1.33
N ALA C 130 -21.78 24.49 -0.23
CA ALA C 130 -22.84 25.49 -0.26
C ALA C 130 -22.43 26.76 -0.99
N ALA C 131 -21.13 27.07 -1.05
CA ALA C 131 -20.70 28.33 -1.65
C ALA C 131 -19.52 28.20 -2.61
N ALA C 132 -18.79 27.09 -2.62
CA ALA C 132 -17.62 26.99 -3.48
C ALA C 132 -17.99 26.78 -4.94
N PRO C 133 -18.84 25.80 -5.30
CA PRO C 133 -19.16 25.62 -6.72
C PRO C 133 -19.82 26.84 -7.34
N HIS C 134 -20.63 27.57 -6.57
CA HIS C 134 -21.25 28.79 -7.08
C HIS C 134 -20.19 29.84 -7.40
N ILE C 135 -19.23 30.02 -6.48
CA ILE C 135 -18.15 30.97 -6.72
C ILE C 135 -17.21 30.45 -7.80
N CYS C 136 -16.89 29.15 -7.77
CA CYS C 136 -15.96 28.59 -8.75
C CYS C 136 -16.48 28.75 -10.17
N SER C 137 -17.77 28.49 -10.38
CA SER C 137 -18.36 28.71 -11.70
C SER C 137 -18.32 30.19 -12.07
N ASP C 138 -18.61 31.07 -11.11
CA ASP C 138 -18.53 32.50 -11.38
C ASP C 138 -17.08 32.93 -11.64
N LEU C 139 -16.13 32.36 -10.89
CA LEU C 139 -14.73 32.74 -11.05
C LEU C 139 -14.22 32.39 -12.45
N LYS C 140 -14.58 31.21 -12.94
CA LYS C 140 -14.15 30.82 -14.28
C LYS C 140 -14.71 31.75 -15.34
N PHE C 141 -15.97 32.15 -15.22
CA PHE C 141 -16.56 33.06 -16.19
C PHE C 141 -15.86 34.41 -16.18
N ILE C 142 -15.55 34.93 -14.98
CA ILE C 142 -14.91 36.24 -14.88
C ILE C 142 -13.53 36.21 -15.51
N MET C 143 -12.74 35.16 -15.22
CA MET C 143 -11.42 35.06 -15.81
C MET C 143 -11.51 34.87 -17.33
N GLU C 144 -12.48 34.08 -17.79
CA GLU C 144 -12.63 33.84 -19.22
C GLU C 144 -12.97 35.12 -19.97
N GLU C 145 -13.89 35.93 -19.43
CA GLU C 145 -14.30 37.13 -20.14
C GLU C 145 -13.24 38.22 -20.06
N LEU C 146 -12.44 38.26 -18.99
CA LEU C 146 -11.35 39.22 -18.91
C LEU C 146 -10.33 38.99 -20.00
N ASP C 147 -10.00 37.72 -20.28
CA ASP C 147 -9.11 37.42 -21.39
C ASP C 147 -9.72 37.83 -22.72
N LYS C 148 -11.03 37.58 -22.89
CA LYS C 148 -11.70 37.99 -24.12
C LYS C 148 -11.69 39.50 -24.29
N VAL C 149 -11.90 40.23 -23.20
CA VAL C 149 -11.83 41.69 -23.26
C VAL C 149 -10.42 42.14 -23.62
N TYR C 150 -9.41 41.52 -23.01
CA TYR C 150 -8.02 41.85 -23.36
C TYR C 150 -7.71 41.52 -24.80
N ASN C 151 -8.20 40.36 -25.29
CA ASN C 151 -7.93 39.96 -26.66
C ASN C 151 -8.57 40.91 -27.66
N ARG C 152 -9.82 41.31 -27.41
CA ARG C 152 -10.48 42.22 -28.34
C ARG C 152 -9.94 43.64 -28.25
N ALA C 153 -9.41 44.05 -27.10
CA ALA C 153 -8.80 45.36 -26.97
C ALA C 153 -7.41 45.42 -27.58
N ILE C 154 -6.67 44.32 -27.54
CA ILE C 154 -5.34 44.29 -28.15
C ILE C 154 -5.41 44.02 -29.65
N LYS C 155 -6.58 43.67 -30.17
CA LYS C 155 -6.75 43.40 -31.59
C LYS C 155 -7.02 44.65 -32.42
N ALA C 156 -6.97 45.83 -31.81
CA ALA C 156 -7.20 47.07 -32.55
C ALA C 156 -6.10 47.35 -33.57
N ALA C 157 -4.93 46.73 -33.41
CA ALA C 157 -3.83 46.92 -34.35
C ALA C 157 -4.14 46.25 -35.69
N PRO C 194 -19.77 47.45 -21.24
CA PRO C 194 -19.25 47.01 -19.94
C PRO C 194 -20.08 45.89 -19.32
N ILE C 195 -20.00 44.69 -19.90
CA ILE C 195 -20.73 43.56 -19.36
C ILE C 195 -20.18 43.16 -18.00
N VAL C 196 -18.86 43.21 -17.82
CA VAL C 196 -18.26 42.83 -16.55
C VAL C 196 -18.62 43.84 -15.47
N GLU C 197 -18.67 45.13 -15.82
CA GLU C 197 -18.99 46.16 -14.84
C GLU C 197 -20.39 45.97 -14.27
N GLN C 198 -21.36 45.69 -15.14
CA GLN C 198 -22.73 45.46 -14.68
C GLN C 198 -22.83 44.18 -13.87
N TYR C 199 -22.11 43.14 -14.28
CA TYR C 199 -22.15 41.86 -13.56
C TYR C 199 -21.60 42.02 -12.14
N LEU C 200 -20.49 42.74 -11.98
CA LEU C 200 -19.93 42.96 -10.66
C LEU C 200 -20.88 43.80 -9.80
N LYS C 201 -21.52 44.80 -10.40
CA LYS C 201 -22.50 45.60 -9.66
C LYS C 201 -23.69 44.76 -9.25
N THR C 202 -24.08 43.79 -10.08
CA THR C 202 -25.16 42.88 -9.70
C THR C 202 -24.78 42.06 -8.49
N LYS C 203 -23.54 41.58 -8.43
CA LYS C 203 -23.08 40.84 -7.25
C LYS C 203 -22.99 41.75 -6.02
N LYS C 204 -22.86 43.05 -6.23
CA LYS C 204 -22.69 43.97 -5.11
C LYS C 204 -23.95 44.05 -4.26
N ASN C 205 -25.12 44.18 -4.89
CA ASN C 205 -26.36 44.30 -4.14
C ASN C 205 -26.66 43.02 -3.37
N SER C 206 -26.45 41.86 -3.98
CA SER C 206 -26.67 40.61 -3.30
C SER C 206 -25.59 40.38 -2.23
N ASN C 207 -25.99 39.76 -1.13
CA ASN C 207 -25.06 39.50 -0.03
C ASN C 207 -25.25 38.10 0.54
N ASN C 208 -25.76 37.16 -0.27
CA ASN C 208 -25.96 35.80 0.22
C ASN C 208 -24.62 35.08 0.39
N LEU C 209 -23.70 35.26 -0.56
CA LEU C 209 -22.41 34.57 -0.50
C LEU C 209 -21.58 35.04 0.68
N ILE C 210 -21.54 36.35 0.93
CA ILE C 210 -20.70 36.88 1.99
C ILE C 210 -21.21 36.43 3.35
N ILE C 211 -22.54 36.32 3.51
CA ILE C 211 -23.09 35.85 4.78
C ILE C 211 -22.64 34.43 5.07
N LYS C 212 -22.61 33.58 4.05
CA LYS C 212 -22.12 32.22 4.23
C LYS C 212 -20.65 32.22 4.64
N TYR C 213 -19.85 33.09 4.03
CA TYR C 213 -18.43 33.19 4.40
C TYR C 213 -18.28 33.68 5.83
N ILE C 214 -19.04 34.70 6.21
CA ILE C 214 -18.97 35.21 7.58
C ILE C 214 -19.47 34.18 8.57
N SER C 215 -20.56 33.49 8.23
CA SER C 215 -21.08 32.44 9.11
C SER C 215 -20.07 31.30 9.23
N CYS C 216 -19.41 30.94 8.14
CA CYS C 216 -18.39 29.89 8.19
C CYS C 216 -17.25 30.30 9.11
N ARG C 217 -16.77 31.55 8.99
CA ARG C 217 -15.70 32.02 9.86
C ARG C 217 -16.19 32.18 11.29
N LEU C 218 -17.42 32.67 11.47
CA LEU C 218 -17.97 32.82 12.82
C LEU C 218 -18.13 31.47 13.50
N LEU C 219 -18.62 30.47 12.76
CA LEU C 219 -18.75 29.12 13.33
C LEU C 219 -17.38 28.56 13.71
N THR C 220 -16.39 28.74 12.85
CA THR C 220 -15.04 28.28 13.17
C THR C 220 -14.49 29.01 14.39
N LEU C 221 -14.71 30.32 14.48
CA LEU C 221 -14.22 31.09 15.61
C LEU C 221 -14.86 30.62 16.91
N ILE C 222 -16.17 30.34 16.88
CA ILE C 222 -16.85 29.89 18.09
C ILE C 222 -16.28 28.56 18.58
N ILE C 223 -16.06 27.63 17.66
CA ILE C 223 -15.51 26.33 18.03
C ILE C 223 -14.12 26.48 18.62
N ILE C 224 -13.29 27.33 18.02
CA ILE C 224 -11.95 27.59 18.56
C ILE C 224 -12.06 28.22 19.94
N LEU C 225 -12.97 29.20 20.09
CA LEU C 225 -13.19 29.79 21.40
C LEU C 225 -13.71 28.75 22.39
N LEU C 226 -14.61 27.88 21.95
CA LEU C 226 -15.04 26.77 22.81
C LEU C 226 -13.88 25.82 23.10
N ALA C 227 -13.04 25.56 22.10
CA ALA C 227 -11.88 24.70 22.32
C ALA C 227 -10.92 25.32 23.33
N CYS C 228 -10.70 26.64 23.22
CA CYS C 228 -9.81 27.31 24.16
C CYS C 228 -10.34 27.22 25.58
N ILE C 229 -11.66 27.36 25.75
CA ILE C 229 -12.25 27.26 27.08
C ILE C 229 -12.05 25.85 27.64
N TYR C 230 -12.29 24.83 26.82
CA TYR C 230 -12.10 23.46 27.28
C TYR C 230 -10.63 23.17 27.59
N LEU C 231 -9.74 23.51 26.66
CA LEU C 231 -8.32 23.24 26.88
C LEU C 231 -7.79 24.01 28.07
N GLY C 232 -8.21 25.27 28.22
CA GLY C 232 -7.82 26.02 29.40
C GLY C 232 -8.34 25.39 30.68
N TYR C 233 -9.59 24.93 30.67
CA TYR C 233 -10.12 24.23 31.83
C TYR C 233 -9.42 22.90 32.04
N TYR C 234 -9.15 22.16 30.97
CA TYR C 234 -8.48 20.88 31.09
C TYR C 234 -7.06 21.05 31.62
N PHE C 235 -6.34 22.05 31.12
CA PHE C 235 -5.00 22.31 31.62
C PHE C 235 -5.02 22.83 33.04
N SER C 236 -6.10 23.50 33.45
CA SER C 236 -6.21 23.98 34.81
C SER C 236 -6.43 22.86 35.82
N LEU C 237 -6.84 21.68 35.36
CA LEU C 237 -7.03 20.55 36.25
C LEU C 237 -5.71 20.17 36.90
N SER C 238 -5.74 19.94 38.21
CA SER C 238 -4.52 19.60 38.94
C SER C 238 -3.97 18.27 38.46
N SER C 239 -2.64 18.17 38.47
CA SER C 239 -1.98 16.94 38.04
C SER C 239 -2.34 15.77 38.94
N LEU C 240 -2.61 16.02 40.23
CA LEU C 240 -3.02 14.96 41.15
C LEU C 240 -4.53 14.78 41.16
N SER C 241 -5.10 14.62 39.97
CA SER C 241 -6.52 14.37 39.80
C SER C 241 -6.83 13.06 39.08
N ASP C 242 -5.89 12.57 38.26
CA ASP C 242 -6.07 11.28 37.62
C ASP C 242 -6.06 10.13 38.62
N GLU C 243 -5.48 10.33 39.79
CA GLU C 243 -5.50 9.31 40.84
C GLU C 243 -6.88 9.25 41.46
N PHE C 244 -7.63 8.20 41.16
CA PHE C 244 -8.96 8.03 41.72
C PHE C 244 -9.03 6.73 42.50
N VAL C 245 -9.82 6.76 43.58
CA VAL C 245 -9.93 5.63 44.51
C VAL C 245 -11.05 4.74 43.96
N CYS C 246 -10.68 3.85 43.06
CA CYS C 246 -11.63 2.92 42.47
C CYS C 246 -11.95 1.79 43.45
N SER C 247 -12.99 1.02 43.12
CA SER C 247 -13.42 -0.07 43.98
C SER C 247 -14.21 -1.08 43.16
N ILE C 248 -14.08 -2.35 43.52
CA ILE C 248 -14.87 -3.42 42.90
C ILE C 248 -15.81 -4.00 43.95
N LYS C 249 -17.02 -3.45 44.03
CA LYS C 249 -18.03 -3.90 44.99
C LYS C 249 -19.39 -3.87 44.28
N SER C 250 -19.76 -4.98 43.67
CA SER C 250 -21.03 -5.09 42.98
C SER C 250 -21.37 -6.56 42.82
N GLY C 251 -22.66 -6.88 42.95
CA GLY C 251 -23.11 -8.25 42.83
C GLY C 251 -22.52 -9.17 43.89
N ILE C 252 -21.66 -10.10 43.45
CA ILE C 252 -21.08 -11.04 44.39
C ILE C 252 -19.96 -10.39 45.19
N LEU C 253 -19.24 -9.45 44.60
CA LEU C 253 -18.06 -8.88 45.24
C LEU C 253 -18.38 -8.06 46.48
N ARG C 254 -19.62 -7.59 46.64
CA ARG C 254 -19.98 -6.86 47.85
C ARG C 254 -19.89 -7.75 49.08
N ASN C 255 -20.42 -8.97 48.98
CA ASN C 255 -20.35 -9.94 50.09
C ASN C 255 -19.12 -10.84 49.90
N ASP C 256 -17.95 -10.20 49.84
CA ASP C 256 -16.70 -10.92 49.63
C ASP C 256 -15.61 -10.17 50.39
N SER C 257 -15.24 -10.69 51.56
CA SER C 257 -14.20 -10.07 52.39
C SER C 257 -12.83 -10.65 52.06
N THR C 258 -12.52 -10.63 50.76
CA THR C 258 -11.22 -11.08 50.26
C THR C 258 -10.48 -9.99 49.50
N VAL C 259 -11.16 -9.24 48.65
CA VAL C 259 -10.55 -8.15 47.90
C VAL C 259 -10.48 -6.93 48.82
N PRO C 260 -9.51 -6.03 48.62
CA PRO C 260 -9.52 -4.77 49.38
C PRO C 260 -10.71 -3.91 48.97
N ASP C 261 -11.20 -3.12 49.92
CA ASP C 261 -12.37 -2.30 49.66
C ASP C 261 -12.10 -1.26 48.57
N GLN C 262 -10.92 -0.67 48.57
CA GLN C 262 -10.58 0.41 47.66
C GLN C 262 -9.28 0.11 46.94
N PHE C 263 -9.21 0.53 45.68
CA PHE C 263 -8.04 0.34 44.84
C PHE C 263 -7.49 1.70 44.40
N GLN C 264 -6.18 1.85 44.45
CA GLN C 264 -5.53 3.07 43.98
C GLN C 264 -5.19 2.92 42.51
N CYS C 265 -5.79 3.75 41.67
CA CYS C 265 -5.56 3.72 40.24
C CYS C 265 -4.87 5.01 39.79
N LYS C 266 -4.29 4.96 38.60
CA LYS C 266 -3.56 6.11 38.05
C LYS C 266 -3.72 6.10 36.54
N LEU C 267 -4.40 7.12 36.01
CA LEU C 267 -4.50 7.29 34.57
C LEU C 267 -3.15 7.77 34.05
N ILE C 268 -2.42 6.87 33.38
CA ILE C 268 -1.02 7.14 33.06
C ILE C 268 -0.90 8.26 32.05
N ALA C 269 -1.68 8.19 30.97
CA ALA C 269 -1.59 9.18 29.89
C ALA C 269 -2.45 10.39 30.23
N VAL C 270 -1.99 11.14 31.24
CA VAL C 270 -2.63 12.37 31.66
C VAL C 270 -1.66 13.56 31.60
N GLY C 271 -0.45 13.39 32.12
CA GLY C 271 0.54 14.45 32.00
C GLY C 271 0.87 14.77 30.56
N ILE C 272 0.87 13.74 29.70
CA ILE C 272 1.02 13.98 28.27
C ILE C 272 -0.16 14.77 27.73
N PHE C 273 -1.38 14.43 28.18
CA PHE C 273 -2.56 15.14 27.72
C PHE C 273 -2.51 16.61 28.08
N GLN C 274 -2.16 16.91 29.34
CA GLN C 274 -2.08 18.31 29.75
C GLN C 274 -0.97 19.05 29.04
N LEU C 275 0.13 18.37 28.75
CA LEU C 275 1.19 18.98 27.95
C LEU C 275 0.69 19.32 26.55
N LEU C 276 -0.05 18.40 25.94
CA LEU C 276 -0.55 18.65 24.59
C LEU C 276 -1.74 19.60 24.59
N SER C 277 -2.54 19.62 25.67
CA SER C 277 -3.68 20.52 25.72
C SER C 277 -3.26 21.97 25.71
N VAL C 278 -2.23 22.32 26.50
CA VAL C 278 -1.75 23.69 26.52
C VAL C 278 -1.10 24.05 25.19
N ILE C 279 -0.41 23.11 24.56
CA ILE C 279 0.19 23.37 23.24
C ILE C 279 -0.90 23.67 22.23
N ASN C 280 -1.97 22.88 22.23
CA ASN C 280 -3.11 23.17 21.36
C ASN C 280 -3.78 24.48 21.77
N LEU C 281 -3.85 24.76 23.07
CA LEU C 281 -4.41 26.01 23.54
C LEU C 281 -3.56 27.20 23.08
N VAL C 282 -2.23 27.07 23.16
CA VAL C 282 -1.35 28.17 22.77
C VAL C 282 -1.51 28.46 21.28
N VAL C 283 -1.56 27.41 20.46
CA VAL C 283 -1.75 27.61 19.03
C VAL C 283 -3.11 28.24 18.74
N TYR C 284 -4.15 27.77 19.43
CA TYR C 284 -5.49 28.29 19.18
C TYR C 284 -5.61 29.75 19.56
N VAL C 285 -5.07 30.14 20.72
CA VAL C 285 -5.12 31.55 21.10
C VAL C 285 -4.22 32.39 20.22
N LEU C 286 -3.29 31.76 19.49
CA LEU C 286 -2.56 32.46 18.44
C LEU C 286 -3.30 32.41 17.11
N LEU C 287 -4.08 31.36 16.89
CA LEU C 287 -4.85 31.25 15.66
C LEU C 287 -6.15 32.04 15.72
N ALA C 288 -6.67 32.28 16.91
CA ALA C 288 -7.92 33.04 17.05
C ALA C 288 -7.81 34.45 16.48
N PRO C 289 -6.75 35.24 16.72
CA PRO C 289 -6.68 36.55 16.07
C PRO C 289 -6.69 36.46 14.55
N VAL C 290 -6.10 35.40 13.99
CA VAL C 290 -6.13 35.23 12.53
C VAL C 290 -7.55 35.03 12.04
N VAL C 291 -8.33 34.24 12.77
CA VAL C 291 -9.71 33.96 12.34
C VAL C 291 -10.56 35.23 12.39
N VAL C 292 -10.43 35.99 13.49
CA VAL C 292 -11.24 37.21 13.62
C VAL C 292 -10.79 38.26 12.61
N TYR C 293 -9.51 38.28 12.26
CA TYR C 293 -9.05 39.17 11.20
C TYR C 293 -9.69 38.80 9.87
N THR C 294 -9.82 37.50 9.59
CA THR C 294 -10.49 37.06 8.38
C THR C 294 -11.96 37.43 8.40
N LEU C 295 -12.57 37.50 9.59
CA LEU C 295 -13.98 37.82 9.70
C LEU C 295 -14.29 39.19 9.12
N PHE C 296 -13.36 40.14 9.25
CA PHE C 296 -13.53 41.48 8.70
C PHE C 296 -13.14 41.47 7.23
N VAL C 297 -14.05 40.99 6.39
CA VAL C 297 -13.84 40.87 4.95
C VAL C 297 -13.58 42.22 4.27
N PRO C 298 -14.43 43.24 4.48
CA PRO C 298 -14.22 44.49 3.72
C PRO C 298 -12.88 45.16 4.00
N PHE C 299 -12.36 45.07 5.23
CA PHE C 299 -11.09 45.71 5.53
C PHE C 299 -9.92 44.98 4.88
N ARG C 300 -10.02 43.66 4.73
CA ARG C 300 -8.96 42.90 4.09
C ARG C 300 -8.78 43.29 2.63
N GLN C 301 -9.89 43.44 1.91
CA GLN C 301 -9.83 43.65 0.47
C GLN C 301 -9.41 45.08 0.13
N LYS C 302 -8.98 45.25 -1.11
CA LYS C 302 -8.73 46.56 -1.69
C LYS C 302 -9.54 46.67 -2.98
N THR C 303 -10.26 47.79 -3.13
CA THR C 303 -11.15 47.94 -4.26
C THR C 303 -10.39 48.13 -5.57
N ASP C 304 -9.14 48.58 -5.51
CA ASP C 304 -8.36 48.86 -6.71
C ASP C 304 -7.70 47.61 -7.29
N VAL C 305 -8.17 46.42 -6.93
CA VAL C 305 -7.59 45.20 -7.49
C VAL C 305 -7.82 45.14 -9.01
N LEU C 306 -9.02 45.48 -9.45
CA LEU C 306 -9.33 45.51 -10.87
C LEU C 306 -9.08 46.87 -11.52
N LYS C 307 -8.60 47.85 -10.77
CA LYS C 307 -8.31 49.16 -11.34
C LYS C 307 -7.15 49.13 -12.32
N VAL C 308 -6.39 48.04 -12.37
CA VAL C 308 -5.31 47.91 -13.35
C VAL C 308 -5.83 47.75 -14.77
N TYR C 309 -7.13 47.49 -14.93
CA TYR C 309 -7.74 47.34 -16.25
C TYR C 309 -8.16 48.66 -16.87
N GLU C 310 -7.96 49.78 -16.17
CA GLU C 310 -8.28 51.08 -16.74
C GLU C 310 -7.35 51.47 -17.87
N ILE C 311 -6.22 50.78 -18.04
CA ILE C 311 -5.31 51.07 -19.14
C ILE C 311 -5.98 50.76 -20.47
N LEU C 312 -6.78 49.71 -20.52
CA LEU C 312 -7.49 49.35 -21.74
C LEU C 312 -8.46 50.47 -22.11
N PRO C 313 -8.46 50.95 -23.36
CA PRO C 313 -9.41 52.01 -23.74
C PRO C 313 -10.86 51.61 -23.60
N THR C 314 -11.18 50.33 -23.83
CA THR C 314 -12.57 49.85 -23.71
C THR C 314 -12.86 49.33 -22.32
N PHE C 315 -12.56 50.15 -21.31
CA PHE C 315 -12.82 49.75 -19.92
C PHE C 315 -12.92 51.03 -19.09
N ASP C 316 -14.15 51.35 -18.66
CA ASP C 316 -14.38 52.55 -17.87
C ASP C 316 -14.12 52.26 -16.40
N VAL C 317 -14.30 53.29 -15.56
CA VAL C 317 -14.06 53.14 -14.13
C VAL C 317 -15.13 52.27 -13.50
N LEU C 318 -14.78 51.62 -12.40
CA LEU C 318 -15.71 50.75 -11.69
C LEU C 318 -16.58 51.55 -10.73
N SER C 322 -17.79 47.28 -1.17
CA SER C 322 -16.67 47.87 -0.43
C SER C 322 -17.17 48.65 0.78
N GLU C 323 -18.37 49.23 0.66
CA GLU C 323 -18.94 50.01 1.75
C GLU C 323 -19.61 49.13 2.81
N GLY C 324 -19.76 47.85 2.57
CA GLY C 324 -20.41 46.99 3.53
C GLY C 324 -20.17 45.53 3.24
N TYR C 325 -20.85 44.68 4.00
CA TYR C 325 -20.73 43.23 3.87
C TYR C 325 -21.51 42.79 2.64
N ASN C 326 -20.84 42.82 1.49
CA ASN C 326 -21.45 42.45 0.22
C ASN C 326 -20.61 41.40 -0.48
N ASP C 327 -21.24 40.70 -1.44
CA ASP C 327 -20.54 39.67 -2.19
C ASP C 327 -19.41 40.23 -3.04
N LEU C 328 -19.44 41.53 -3.36
CA LEU C 328 -18.35 42.13 -4.11
C LEU C 328 -17.03 42.04 -3.35
N SER C 329 -17.07 42.25 -2.04
CA SER C 329 -15.85 42.12 -1.23
C SER C 329 -15.34 40.68 -1.26
N LEU C 330 -16.26 39.71 -1.14
CA LEU C 330 -15.84 38.31 -1.15
C LEU C 330 -15.22 37.91 -2.48
N TYR C 331 -15.83 38.35 -3.59
CA TYR C 331 -15.28 38.01 -4.90
C TYR C 331 -13.92 38.64 -5.11
N ASN C 332 -13.73 39.89 -4.66
CA ASN C 332 -12.44 40.55 -4.82
C ASN C 332 -11.33 39.80 -4.08
N LEU C 333 -11.64 39.31 -2.87
CA LEU C 333 -10.65 38.52 -2.15
C LEU C 333 -10.30 37.25 -2.91
N PHE C 334 -11.30 36.55 -3.45
CA PHE C 334 -11.03 35.37 -4.26
C PHE C 334 -10.33 35.74 -5.56
N LEU C 335 -10.69 36.88 -6.15
CA LEU C 335 -9.98 37.34 -7.35
C LEU C 335 -8.52 37.60 -7.05
N GLU C 336 -8.24 38.28 -5.93
CA GLU C 336 -6.87 38.65 -5.61
C GLU C 336 -5.99 37.43 -5.41
N GLU C 337 -6.58 36.32 -4.94
CA GLU C 337 -5.81 35.12 -4.66
C GLU C 337 -5.52 34.29 -5.91
N ASN C 338 -6.21 34.55 -7.03
CA ASN C 338 -5.98 33.74 -8.23
C ASN C 338 -5.99 34.56 -9.52
N ILE C 339 -5.96 35.89 -9.45
CA ILE C 339 -5.89 36.68 -10.68
C ILE C 339 -4.51 36.66 -11.31
N SER C 340 -3.49 36.24 -10.56
CA SER C 340 -2.13 36.22 -11.09
C SER C 340 -1.85 35.03 -12.00
N GLU C 341 -2.74 34.03 -12.02
CA GLU C 341 -2.49 32.85 -12.85
C GLU C 341 -2.78 33.10 -14.32
N VAL C 342 -3.69 34.02 -14.64
CA VAL C 342 -4.00 34.31 -16.03
C VAL C 342 -2.91 35.19 -16.64
N LYS C 343 -2.60 34.94 -17.91
CA LYS C 343 -1.52 35.68 -18.56
C LYS C 343 -1.90 37.13 -18.82
N SER C 344 -3.19 37.41 -19.00
CA SER C 344 -3.61 38.76 -19.33
C SER C 344 -3.39 39.73 -18.17
N TYR C 345 -3.50 39.25 -16.93
CA TYR C 345 -3.34 40.14 -15.78
C TYR C 345 -1.89 40.54 -15.56
N LYS C 346 -0.95 39.59 -15.65
CA LYS C 346 0.45 39.91 -15.41
C LYS C 346 0.99 40.88 -16.46
N CYS C 347 0.65 40.66 -17.73
CA CYS C 347 1.09 41.57 -18.78
C CYS C 347 0.52 42.96 -18.56
N LEU C 348 -0.76 43.04 -18.17
CA LEU C 348 -1.39 44.34 -17.93
C LEU C 348 -0.83 45.01 -16.67
N LYS C 349 -0.54 44.22 -15.64
CA LYS C 349 -0.04 44.79 -14.40
C LYS C 349 1.32 45.45 -14.58
N VAL C 350 2.17 44.88 -15.45
CA VAL C 350 3.47 45.47 -15.72
C VAL C 350 3.31 46.84 -16.35
N LEU C 351 2.39 46.98 -17.30
CA LEU C 351 2.14 48.28 -17.91
C LEU C 351 1.67 49.29 -16.87
N GLU C 352 0.86 48.85 -15.91
CA GLU C 352 0.43 49.74 -14.83
C GLU C 352 1.61 50.21 -13.99
N ASN C 353 2.67 49.40 -13.90
CA ASN C 353 3.87 49.75 -13.16
C ASN C 353 4.83 50.62 -13.96
N ILE C 354 4.38 51.26 -15.03
CA ILE C 354 5.23 52.12 -15.84
C ILE C 354 4.94 53.58 -15.55
N ALA D 2 -4.29 4.15 14.70
CA ALA D 2 -4.42 5.39 15.44
C ALA D 2 -5.78 6.04 15.18
N ILE D 3 -6.28 6.79 16.16
CA ILE D 3 -7.57 7.46 16.01
C ILE D 3 -7.50 8.51 14.90
N ALA D 4 -6.39 9.25 14.83
CA ALA D 4 -6.28 10.32 13.84
C ALA D 4 -6.33 9.76 12.42
N GLN D 5 -5.59 8.69 12.14
CA GLN D 5 -5.68 8.06 10.83
C GLN D 5 -6.99 7.30 10.68
N LEU D 6 -7.59 6.89 11.79
CA LEU D 6 -8.90 6.25 11.75
C LEU D 6 -9.95 7.20 11.17
N ALA D 7 -10.01 8.42 11.70
CA ALA D 7 -10.96 9.40 11.17
C ALA D 7 -10.60 9.81 9.75
N THR D 8 -9.30 9.83 9.43
CA THR D 8 -8.84 10.26 8.11
C THR D 8 -9.50 9.46 6.99
N GLU D 9 -9.70 8.16 7.21
CA GLU D 9 -10.28 7.30 6.18
C GLU D 9 -11.71 7.71 5.87
N TYR D 10 -12.51 8.03 6.89
CA TYR D 10 -13.92 8.28 6.70
C TYR D 10 -14.29 9.76 6.67
N VAL D 11 -13.50 10.61 7.34
CA VAL D 11 -13.71 12.04 7.36
C VAL D 11 -12.39 12.73 7.06
N PHE D 12 -12.45 14.02 6.73
CA PHE D 12 -11.36 14.83 6.22
C PHE D 12 -10.94 14.42 4.82
N SER D 13 -11.54 13.36 4.27
CA SER D 13 -11.26 12.90 2.92
C SER D 13 -12.55 12.38 2.33
N ASP D 14 -12.65 12.41 1.00
CA ASP D 14 -13.87 12.01 0.32
C ASP D 14 -13.99 10.49 0.38
N PHE D 15 -14.71 10.00 1.39
CA PHE D 15 -14.95 8.56 1.53
C PHE D 15 -16.05 8.11 0.59
N LEU D 16 -17.23 8.73 0.70
CA LEU D 16 -18.32 8.52 -0.27
C LEU D 16 -18.95 9.85 -0.66
N LEU D 17 -18.28 10.97 -0.38
CA LEU D 17 -18.76 12.31 -0.69
C LEU D 17 -18.28 12.80 -2.04
N LYS D 18 -17.59 11.96 -2.81
CA LYS D 18 -17.02 12.34 -4.08
C LYS D 18 -17.78 11.67 -5.22
N GLU D 19 -17.64 12.25 -6.41
CA GLU D 19 -18.18 11.64 -7.60
C GLU D 19 -17.46 10.32 -7.87
N PRO D 20 -18.17 9.23 -8.11
CA PRO D 20 -17.49 7.93 -8.28
C PRO D 20 -16.56 7.93 -9.48
N THR D 21 -15.45 7.21 -9.34
CA THR D 21 -14.46 7.13 -10.41
C THR D 21 -14.87 6.10 -11.45
N GLU D 22 -16.09 6.23 -11.97
CA GLU D 22 -16.62 5.34 -13.00
C GLU D 22 -16.86 6.14 -14.26
N PRO D 23 -16.08 5.93 -15.34
CA PRO D 23 -16.22 6.72 -16.57
C PRO D 23 -17.41 6.30 -17.43
N LYS D 24 -18.57 6.14 -16.78
CA LYS D 24 -19.81 5.80 -17.48
C LYS D 24 -20.89 6.86 -17.35
N PHE D 25 -20.86 7.68 -16.30
CA PHE D 25 -21.79 8.77 -16.14
C PHE D 25 -21.27 10.10 -16.69
N LYS D 26 -20.08 10.08 -17.30
CA LYS D 26 -19.50 11.25 -17.95
C LYS D 26 -19.29 12.41 -16.97
N GLY D 27 -19.00 12.07 -15.72
CA GLY D 27 -18.67 13.07 -14.72
C GLY D 27 -19.79 14.04 -14.38
N LEU D 28 -20.86 13.52 -13.77
CA LEU D 28 -21.98 14.34 -13.35
C LEU D 28 -22.40 13.94 -11.95
N ARG D 29 -23.01 14.88 -11.24
CA ARG D 29 -23.48 14.62 -9.88
C ARG D 29 -24.77 13.83 -9.95
N LEU D 30 -24.71 12.55 -9.60
CA LEU D 30 -25.87 11.67 -9.60
C LEU D 30 -26.70 11.79 -8.31
N GLU D 31 -26.21 12.53 -7.32
CA GLU D 31 -26.94 12.77 -6.09
C GLU D 31 -26.88 14.25 -5.74
N LEU D 32 -27.93 14.71 -5.06
CA LEU D 32 -27.98 16.11 -4.66
C LEU D 32 -26.96 16.39 -3.57
N ALA D 33 -26.62 17.67 -3.40
CA ALA D 33 -25.67 18.05 -2.38
C ALA D 33 -26.16 17.71 -0.99
N VAL D 34 -27.45 17.96 -0.72
CA VAL D 34 -28.01 17.59 0.58
C VAL D 34 -28.06 16.08 0.74
N ASP D 35 -28.47 15.36 -0.32
CA ASP D 35 -28.53 13.90 -0.23
C ASP D 35 -27.15 13.31 -0.02
N LYS D 36 -26.14 13.82 -0.74
CA LYS D 36 -24.78 13.32 -0.57
C LYS D 36 -24.27 13.63 0.83
N MET D 37 -24.56 14.83 1.34
CA MET D 37 -24.15 15.17 2.70
C MET D 37 -24.86 14.30 3.73
N VAL D 38 -26.17 14.07 3.54
CA VAL D 38 -26.91 13.22 4.47
C VAL D 38 -26.39 11.79 4.42
N THR D 39 -26.14 11.27 3.22
CA THR D 39 -25.65 9.91 3.09
C THR D 39 -24.28 9.76 3.74
N CYS D 40 -23.39 10.74 3.55
CA CYS D 40 -22.06 10.66 4.13
C CYS D 40 -22.13 10.66 5.65
N ILE D 41 -22.94 11.55 6.22
CA ILE D 41 -23.04 11.62 7.68
C ILE D 41 -23.76 10.40 8.24
N ALA D 42 -24.87 10.00 7.60
CA ALA D 42 -25.64 8.88 8.11
C ALA D 42 -24.89 7.55 8.02
N VAL D 43 -23.98 7.41 7.08
CA VAL D 43 -23.23 6.17 6.91
C VAL D 43 -21.84 6.27 7.51
N GLY D 44 -21.16 7.39 7.29
CA GLY D 44 -19.80 7.54 7.76
C GLY D 44 -19.64 7.76 9.25
N LEU D 45 -20.71 8.16 9.95
CA LEU D 45 -20.61 8.36 11.38
C LEU D 45 -20.64 7.03 12.14
N PRO D 46 -21.59 6.12 11.86
CA PRO D 46 -21.54 4.82 12.56
C PRO D 46 -20.24 4.08 12.33
N LEU D 47 -19.69 4.15 11.12
CA LEU D 47 -18.39 3.54 10.86
C LEU D 47 -17.30 4.20 11.70
N LEU D 48 -17.35 5.52 11.82
CA LEU D 48 -16.37 6.22 12.67
C LEU D 48 -16.51 5.78 14.12
N LEU D 49 -17.74 5.68 14.62
CA LEU D 49 -17.94 5.34 16.03
C LEU D 49 -17.63 3.88 16.30
N ILE D 50 -17.88 3.00 15.34
CA ILE D 50 -17.57 1.58 15.52
C ILE D 50 -16.08 1.40 15.75
N SER D 51 -15.26 2.01 14.89
CA SER D 51 -13.82 1.88 15.02
C SER D 51 -13.26 2.72 16.17
N LEU D 52 -13.90 3.85 16.49
CA LEU D 52 -13.46 4.64 17.63
C LEU D 52 -13.64 3.88 18.94
N ALA D 53 -14.77 3.19 19.09
CA ALA D 53 -15.05 2.50 20.34
C ALA D 53 -14.04 1.39 20.61
N PHE D 54 -13.57 0.73 19.57
CA PHE D 54 -12.64 -0.40 19.71
C PHE D 54 -11.27 -0.05 19.16
N ALA D 55 -10.86 1.20 19.34
CA ALA D 55 -9.50 1.62 19.02
C ALA D 55 -8.54 1.12 20.09
N GLN D 56 -7.28 0.94 19.70
CA GLN D 56 -6.25 0.45 20.62
C GLN D 56 -5.74 1.53 21.56
N GLU D 57 -6.42 2.68 21.61
CA GLU D 57 -6.03 3.77 22.50
C GLU D 57 -7.17 4.21 23.41
N ILE D 58 -8.25 3.46 23.47
CA ILE D 58 -9.37 3.77 24.38
C ILE D 58 -9.73 2.52 25.16
N SER D 59 -9.26 1.37 24.70
CA SER D 59 -9.57 0.08 25.29
C SER D 59 -8.32 -0.58 25.83
N ILE D 60 -8.49 -1.39 26.88
CA ILE D 60 -7.37 -2.15 27.44
C ILE D 60 -6.97 -3.31 26.55
N GLY D 61 -7.80 -3.68 25.59
CA GLY D 61 -7.52 -4.82 24.74
C GLY D 61 -8.60 -5.88 24.83
N THR D 62 -9.14 -6.05 26.04
CA THR D 62 -10.23 -6.97 26.28
C THR D 62 -11.54 -6.22 26.41
N GLN D 63 -12.63 -6.89 26.05
CA GLN D 63 -13.96 -6.30 26.12
C GLN D 63 -14.83 -6.90 27.23
N ILE D 64 -14.40 -8.00 27.84
CA ILE D 64 -15.06 -8.56 29.00
C ILE D 64 -14.00 -8.98 30.00
N SER D 65 -14.33 -8.89 31.29
CA SER D 65 -13.41 -9.30 32.34
C SER D 65 -14.20 -9.83 33.51
N CYS D 66 -13.95 -11.07 33.88
CA CYS D 66 -14.63 -11.73 35.00
C CYS D 66 -13.64 -11.95 36.12
N PHE D 67 -14.06 -11.62 37.34
CA PHE D 67 -13.19 -11.75 38.52
C PHE D 67 -13.22 -13.20 38.98
N SER D 68 -12.23 -13.96 38.56
CA SER D 68 -12.07 -15.34 38.98
C SER D 68 -11.40 -15.40 40.36
N PRO D 69 -11.61 -16.48 41.11
CA PRO D 69 -10.91 -16.63 42.39
C PRO D 69 -9.41 -16.77 42.20
N SER D 70 -8.68 -16.38 43.24
CA SER D 70 -7.21 -16.39 43.16
C SER D 70 -6.65 -17.79 43.01
N SER D 71 -7.42 -18.82 43.39
CA SER D 71 -6.94 -20.19 43.25
C SER D 71 -6.86 -20.65 41.80
N PHE D 72 -7.56 -19.97 40.89
CA PHE D 72 -7.53 -20.35 39.49
C PHE D 72 -6.19 -20.00 38.85
N SER D 73 -5.76 -20.83 37.92
CA SER D 73 -4.62 -20.51 37.08
C SER D 73 -5.03 -19.46 36.05
N TRP D 74 -4.05 -18.93 35.32
CA TRP D 74 -4.37 -17.89 34.35
C TRP D 74 -5.24 -18.44 33.22
N ARG D 75 -4.95 -19.65 32.75
CA ARG D 75 -5.76 -20.21 31.67
C ARG D 75 -7.17 -20.53 32.14
N GLN D 76 -7.33 -20.98 33.39
CA GLN D 76 -8.67 -21.16 33.93
C GLN D 76 -9.41 -19.84 34.00
N ALA D 77 -8.73 -18.78 34.44
CA ALA D 77 -9.34 -17.46 34.44
C ALA D 77 -9.63 -16.98 33.02
N ALA D 78 -8.76 -17.33 32.07
CA ALA D 78 -9.04 -17.02 30.68
C ALA D 78 -10.27 -17.76 30.18
N PHE D 79 -10.49 -18.98 30.68
CA PHE D 79 -11.68 -19.73 30.31
C PHE D 79 -12.95 -19.01 30.78
N VAL D 80 -12.94 -18.50 32.01
CA VAL D 80 -14.12 -17.84 32.55
C VAL D 80 -14.45 -16.59 31.73
N ASP D 81 -13.43 -15.80 31.42
CA ASP D 81 -13.65 -14.60 30.60
C ASP D 81 -14.16 -14.98 29.22
N SER D 82 -13.60 -16.03 28.62
CA SER D 82 -14.03 -16.45 27.30
C SER D 82 -15.40 -17.10 27.34
N TYR D 83 -15.65 -17.95 28.34
CA TYR D 83 -16.96 -18.61 28.44
C TYR D 83 -18.07 -17.60 28.65
N CYS D 84 -17.91 -16.72 29.64
CA CYS D 84 -18.97 -15.76 29.94
C CYS D 84 -19.19 -14.78 28.79
N TRP D 85 -18.16 -14.50 28.00
CA TRP D 85 -18.36 -13.72 26.78
C TRP D 85 -19.25 -14.47 25.80
N ALA D 86 -19.06 -15.79 25.68
CA ALA D 86 -19.99 -16.61 24.91
C ALA D 86 -21.28 -16.87 25.67
N ALA D 87 -21.23 -16.86 27.00
CA ALA D 87 -22.43 -17.08 27.82
C ALA D 87 -23.19 -15.78 28.05
N VAL D 88 -23.45 -15.07 26.95
CA VAL D 88 -24.36 -13.93 26.96
C VAL D 88 -25.65 -14.23 26.23
N GLN D 89 -25.65 -15.20 25.31
CA GLN D 89 -26.82 -15.56 24.51
C GLN D 89 -27.51 -16.81 25.03
N GLN D 90 -27.18 -17.25 26.24
CA GLN D 90 -27.76 -18.44 26.85
C GLN D 90 -28.77 -18.03 27.90
N LYS D 91 -29.48 -19.02 28.45
CA LYS D 91 -30.55 -18.78 29.40
C LYS D 91 -30.27 -19.32 30.79
N ASN D 92 -29.81 -20.57 30.89
CA ASN D 92 -29.57 -21.17 32.19
C ASN D 92 -28.20 -20.76 32.73
N SER D 93 -27.94 -19.46 32.73
CA SER D 93 -26.71 -18.86 33.22
C SER D 93 -26.93 -17.36 33.27
N LEU D 94 -25.85 -16.61 33.55
CA LEU D 94 -25.85 -15.15 33.61
C LEU D 94 -27.07 -14.59 34.31
N GLN D 95 -27.43 -15.16 35.46
CA GLN D 95 -28.61 -14.75 36.21
C GLN D 95 -28.31 -13.42 36.89
N SER D 96 -28.53 -12.34 36.14
CA SER D 96 -28.32 -10.99 36.65
C SER D 96 -29.65 -10.27 36.86
N GLY D 99 -33.60 -10.03 32.79
CA GLY D 99 -32.91 -9.12 31.89
C GLY D 99 -32.42 -9.80 30.62
N ASN D 100 -31.10 -9.84 30.46
CA ASN D 100 -30.41 -10.53 29.37
C ASN D 100 -30.60 -9.83 28.03
N LEU D 101 -31.45 -8.81 27.99
CA LEU D 101 -31.61 -8.03 26.77
C LEU D 101 -30.51 -6.99 26.63
N PRO D 102 -30.20 -6.17 27.66
CA PRO D 102 -29.09 -5.22 27.50
C PRO D 102 -27.75 -5.90 27.28
N LEU D 103 -27.55 -7.10 27.83
CA LEU D 103 -26.29 -7.81 27.62
C LEU D 103 -26.13 -8.20 26.16
N TRP D 104 -27.22 -8.58 25.50
CA TRP D 104 -27.17 -8.83 24.06
C TRP D 104 -26.71 -7.58 23.31
N LEU D 105 -27.29 -6.43 23.64
CA LEU D 105 -26.95 -5.20 22.94
C LEU D 105 -25.51 -4.77 23.20
N HIS D 106 -25.05 -4.93 24.44
CA HIS D 106 -23.68 -4.52 24.77
C HIS D 106 -22.66 -5.35 23.99
N LYS D 107 -22.90 -6.66 23.88
CA LYS D 107 -21.96 -7.52 23.16
C LYS D 107 -21.95 -7.20 21.67
N PHE D 108 -23.12 -6.93 21.09
CA PHE D 108 -23.26 -6.77 19.65
C PHE D 108 -23.52 -5.32 19.24
N PHE D 109 -23.15 -4.36 20.09
CA PHE D 109 -23.36 -2.96 19.73
C PHE D 109 -22.62 -2.55 18.45
N PRO D 110 -21.34 -2.88 18.25
CA PRO D 110 -20.72 -2.54 16.96
C PRO D 110 -21.40 -3.18 15.77
N TYR D 111 -21.95 -4.39 15.94
CA TYR D 111 -22.69 -5.01 14.85
C TYR D 111 -23.96 -4.24 14.52
N ILE D 112 -24.69 -3.79 15.54
CA ILE D 112 -25.94 -3.09 15.31
C ILE D 112 -25.69 -1.76 14.62
N LEU D 113 -24.63 -1.04 15.02
CA LEU D 113 -24.28 0.18 14.31
C LEU D 113 -23.90 -0.11 12.87
N LEU D 114 -23.17 -1.21 12.64
CA LEU D 114 -22.85 -1.60 11.27
C LEU D 114 -24.11 -1.95 10.50
N LEU D 115 -25.07 -2.61 11.15
CA LEU D 115 -26.33 -2.91 10.49
C LEU D 115 -27.06 -1.62 10.09
N PHE D 116 -27.06 -0.62 10.97
CA PHE D 116 -27.64 0.67 10.62
C PHE D 116 -26.87 1.33 9.48
N ALA D 117 -25.55 1.17 9.47
CA ALA D 117 -24.76 1.69 8.36
C ALA D 117 -25.13 1.03 7.05
N ILE D 118 -25.36 -0.29 7.07
CA ILE D 118 -25.79 -0.99 5.87
C ILE D 118 -27.16 -0.51 5.43
N LEU D 119 -28.10 -0.43 6.38
CA LEU D 119 -29.47 -0.06 6.03
C LEU D 119 -29.56 1.40 5.58
N LEU D 120 -28.62 2.23 5.98
CA LEU D 120 -28.59 3.62 5.53
C LEU D 120 -27.81 3.81 4.25
N TYR D 121 -27.14 2.77 3.75
CA TYR D 121 -26.41 2.86 2.50
C TYR D 121 -27.15 2.24 1.32
N LEU D 122 -28.07 1.29 1.57
CA LEU D 122 -28.82 0.67 0.49
C LEU D 122 -29.68 1.66 -0.29
N PRO D 123 -30.48 2.52 0.33
CA PRO D 123 -31.30 3.46 -0.45
C PRO D 123 -30.45 4.36 -1.34
N PRO D 124 -29.28 4.85 -0.88
CA PRO D 124 -28.37 5.48 -1.84
C PRO D 124 -27.91 4.55 -2.94
N LEU D 125 -27.67 3.28 -2.62
CA LEU D 125 -27.28 2.32 -3.64
C LEU D 125 -28.44 1.94 -4.55
N PHE D 126 -29.65 1.82 -3.99
CA PHE D 126 -30.82 1.57 -4.81
C PHE D 126 -31.07 2.73 -5.78
N TRP D 127 -30.88 3.96 -5.31
CA TRP D 127 -31.04 5.12 -6.18
C TRP D 127 -29.97 5.16 -7.26
N ARG D 128 -28.77 4.67 -6.95
CA ARG D 128 -27.66 4.74 -7.88
C ARG D 128 -27.82 3.81 -9.07
N PHE D 129 -28.71 2.83 -8.99
CA PHE D 129 -28.95 1.88 -10.08
C PHE D 129 -30.35 1.94 -10.64
N ALA D 130 -31.37 1.97 -9.76
CA ALA D 130 -32.75 1.96 -10.24
C ALA D 130 -33.18 3.28 -10.86
N ALA D 131 -32.56 4.39 -10.47
CA ALA D 131 -32.99 5.69 -10.96
C ALA D 131 -31.87 6.62 -11.41
N ALA D 132 -30.61 6.33 -11.09
CA ALA D 132 -29.53 7.24 -11.47
C ALA D 132 -29.19 7.16 -12.96
N PRO D 133 -28.92 5.97 -13.52
CA PRO D 133 -28.60 5.93 -14.95
C PRO D 133 -29.70 6.47 -15.85
N HIS D 134 -30.96 6.25 -15.47
CA HIS D 134 -32.06 6.80 -16.24
C HIS D 134 -32.05 8.33 -16.22
N ILE D 135 -31.83 8.91 -15.04
CA ILE D 135 -31.75 10.37 -14.94
C ILE D 135 -30.45 10.87 -15.58
N CYS D 136 -29.35 10.17 -15.34
CA CYS D 136 -28.06 10.62 -15.89
C CYS D 136 -28.09 10.68 -17.40
N SER D 137 -28.66 9.67 -18.05
CA SER D 137 -28.81 9.71 -19.50
C SER D 137 -29.72 10.84 -19.93
N ASP D 138 -30.82 11.05 -19.21
CA ASP D 138 -31.70 12.18 -19.51
C ASP D 138 -31.01 13.50 -19.26
N LEU D 139 -30.22 13.61 -18.19
CA LEU D 139 -29.56 14.86 -17.86
C LEU D 139 -28.57 15.26 -18.95
N LYS D 140 -27.80 14.29 -19.47
CA LYS D 140 -26.85 14.59 -20.53
C LYS D 140 -27.55 15.10 -21.79
N PHE D 141 -28.69 14.49 -22.15
CA PHE D 141 -29.43 14.93 -23.32
C PHE D 141 -29.95 16.35 -23.15
N ILE D 142 -30.47 16.66 -21.95
CA ILE D 142 -31.02 18.00 -21.72
C ILE D 142 -29.93 19.05 -21.81
N MET D 143 -28.77 18.80 -21.19
CA MET D 143 -27.67 19.75 -21.26
C MET D 143 -27.16 19.87 -22.69
N GLU D 144 -27.08 18.76 -23.42
CA GLU D 144 -26.58 18.80 -24.79
C GLU D 144 -27.49 19.62 -25.69
N GLU D 145 -28.80 19.44 -25.56
CA GLU D 145 -29.71 20.15 -26.45
C GLU D 145 -29.83 21.63 -26.08
N LEU D 146 -29.66 21.96 -24.80
CA LEU D 146 -29.68 23.37 -24.40
C LEU D 146 -28.54 24.13 -25.03
N ASP D 147 -27.35 23.53 -25.09
CA ASP D 147 -26.24 24.17 -25.78
C ASP D 147 -26.53 24.31 -27.27
N LYS D 148 -27.13 23.29 -27.89
CA LYS D 148 -27.49 23.38 -29.30
C LYS D 148 -28.51 24.48 -29.54
N VAL D 149 -29.50 24.62 -28.65
CA VAL D 149 -30.47 25.70 -28.78
C VAL D 149 -29.78 27.06 -28.64
N TYR D 150 -28.86 27.18 -27.67
CA TYR D 150 -28.12 28.42 -27.51
C TYR D 150 -27.25 28.71 -28.73
N ASN D 151 -26.60 27.68 -29.28
CA ASN D 151 -25.74 27.88 -30.43
C ASN D 151 -26.53 28.32 -31.65
N ARG D 152 -27.69 27.69 -31.90
CA ARG D 152 -28.48 28.08 -33.06
C ARG D 152 -29.18 29.42 -32.88
N ALA D 153 -29.46 29.81 -31.64
CA ALA D 153 -30.05 31.13 -31.39
C ALA D 153 -29.02 32.25 -31.46
N ILE D 154 -27.77 31.97 -31.09
CA ILE D 154 -26.72 32.98 -31.17
C ILE D 154 -26.14 33.07 -32.58
N LYS D 155 -26.48 32.14 -33.46
CA LYS D 155 -25.98 32.13 -34.82
C LYS D 155 -26.80 33.01 -35.77
N ALA D 156 -27.79 33.74 -35.26
CA ALA D 156 -28.59 34.60 -36.12
C ALA D 156 -27.79 35.77 -36.69
N ALA D 157 -26.65 36.10 -36.09
CA ALA D 157 -25.81 37.18 -36.59
C ALA D 157 -25.13 36.78 -37.89
N PRO D 194 -40.22 23.89 -30.11
CA PRO D 194 -39.96 23.67 -28.68
C PRO D 194 -39.88 22.18 -28.32
N ILE D 195 -38.80 21.53 -28.76
CA ILE D 195 -38.62 20.11 -28.45
C ILE D 195 -38.39 19.91 -26.96
N VAL D 196 -37.63 20.81 -26.33
CA VAL D 196 -37.35 20.68 -24.90
C VAL D 196 -38.62 20.93 -24.09
N GLU D 197 -39.47 21.86 -24.52
CA GLU D 197 -40.70 22.15 -23.79
C GLU D 197 -41.62 20.94 -23.75
N GLN D 198 -41.79 20.27 -24.89
CA GLN D 198 -42.63 19.08 -24.92
C GLN D 198 -42.02 17.94 -24.12
N TYR D 199 -40.69 17.79 -24.18
CA TYR D 199 -40.04 16.73 -23.43
C TYR D 199 -40.21 16.90 -21.94
N LEU D 200 -40.06 18.13 -21.44
CA LEU D 200 -40.25 18.38 -20.02
C LEU D 200 -41.70 18.15 -19.61
N LYS D 201 -42.65 18.54 -20.46
CA LYS D 201 -44.06 18.28 -20.18
C LYS D 201 -44.34 16.77 -20.16
N THR D 202 -43.66 16.02 -21.02
CA THR D 202 -43.81 14.57 -21.00
C THR D 202 -43.35 13.98 -19.67
N LYS D 203 -42.23 14.48 -19.15
CA LYS D 203 -41.76 14.03 -17.84
C LYS D 203 -42.70 14.47 -16.72
N LYS D 204 -43.49 15.52 -16.95
CA LYS D 204 -44.36 16.03 -15.90
C LYS D 204 -45.48 15.05 -15.56
N ASN D 205 -46.12 14.48 -16.58
CA ASN D 205 -47.22 13.55 -16.33
C ASN D 205 -46.74 12.28 -15.64
N SER D 206 -45.61 11.75 -16.06
CA SER D 206 -45.04 10.58 -15.41
C SER D 206 -44.51 10.93 -14.03
N ASN D 207 -44.65 9.98 -13.10
CA ASN D 207 -44.19 10.20 -11.73
C ASN D 207 -43.49 8.97 -11.17
N ASN D 208 -42.91 8.14 -12.04
CA ASN D 208 -42.20 6.95 -11.57
C ASN D 208 -40.89 7.31 -10.90
N LEU D 209 -40.15 8.27 -11.47
CA LEU D 209 -38.86 8.64 -10.90
C LEU D 209 -39.02 9.30 -9.53
N ILE D 210 -39.99 10.20 -9.38
CA ILE D 210 -40.14 10.90 -8.12
C ILE D 210 -40.56 9.95 -7.00
N ILE D 211 -41.37 8.95 -7.32
CA ILE D 211 -41.77 7.97 -6.30
C ILE D 211 -40.54 7.22 -5.78
N LYS D 212 -39.62 6.85 -6.67
CA LYS D 212 -38.39 6.20 -6.24
C LYS D 212 -37.58 7.11 -5.33
N TYR D 213 -37.51 8.40 -5.67
CA TYR D 213 -36.79 9.35 -4.83
C TYR D 213 -37.46 9.49 -3.47
N ILE D 214 -38.79 9.62 -3.45
CA ILE D 214 -39.51 9.73 -2.19
C ILE D 214 -39.37 8.45 -1.37
N SER D 215 -39.49 7.29 -2.03
CA SER D 215 -39.33 6.02 -1.34
C SER D 215 -37.92 5.88 -0.78
N CYS D 216 -36.91 6.32 -1.54
CA CYS D 216 -35.54 6.27 -1.06
C CYS D 216 -35.36 7.14 0.18
N ARG D 217 -35.91 8.36 0.15
CA ARG D 217 -35.83 9.23 1.32
C ARG D 217 -36.66 8.69 2.47
N LEU D 218 -37.85 8.17 2.16
CA LEU D 218 -38.71 7.61 3.21
C LEU D 218 -38.04 6.41 3.87
N LEU D 219 -37.43 5.54 3.08
CA LEU D 219 -36.73 4.39 3.64
C LEU D 219 -35.57 4.84 4.52
N THR D 220 -34.80 5.84 4.06
CA THR D 220 -33.71 6.36 4.88
C THR D 220 -34.24 6.99 6.16
N LEU D 221 -35.34 7.73 6.07
CA LEU D 221 -35.90 8.37 7.26
C LEU D 221 -36.37 7.32 8.27
N ILE D 222 -36.98 6.24 7.81
CA ILE D 222 -37.47 5.21 8.71
C ILE D 222 -36.30 4.56 9.45
N ILE D 223 -35.21 4.26 8.73
CA ILE D 223 -34.06 3.64 9.36
C ILE D 223 -33.46 4.57 10.41
N ILE D 224 -33.33 5.85 10.08
CA ILE D 224 -32.83 6.83 11.05
C ILE D 224 -33.77 6.91 12.25
N LEU D 225 -35.08 6.94 12.01
CA LEU D 225 -36.03 6.92 13.10
C LEU D 225 -35.91 5.63 13.92
N LEU D 226 -35.75 4.49 13.24
CA LEU D 226 -35.48 3.25 13.96
C LEU D 226 -34.15 3.32 14.69
N ALA D 227 -33.12 3.91 14.09
CA ALA D 227 -31.85 4.06 14.77
C ALA D 227 -31.97 4.93 16.01
N CYS D 228 -32.73 6.03 15.90
CA CYS D 228 -32.92 6.91 17.05
C CYS D 228 -33.61 6.18 18.20
N ILE D 229 -34.61 5.34 17.87
CA ILE D 229 -35.30 4.58 18.91
C ILE D 229 -34.35 3.61 19.59
N TYR D 230 -33.52 2.91 18.80
CA TYR D 230 -32.56 1.98 19.38
C TYR D 230 -31.51 2.71 20.22
N LEU D 231 -30.91 3.75 19.65
CA LEU D 231 -29.88 4.49 20.37
C LEU D 231 -30.44 5.14 21.63
N GLY D 232 -31.64 5.70 21.54
CA GLY D 232 -32.28 6.24 22.73
C GLY D 232 -32.54 5.17 23.77
N TYR D 233 -33.01 4.00 23.35
CA TYR D 233 -33.20 2.89 24.28
C TYR D 233 -31.86 2.40 24.82
N TYR D 234 -30.85 2.30 23.96
CA TYR D 234 -29.55 1.83 24.40
C TYR D 234 -28.91 2.79 25.39
N PHE D 235 -29.02 4.10 25.12
CA PHE D 235 -28.49 5.09 26.04
C PHE D 235 -29.29 5.14 27.33
N SER D 236 -30.58 4.77 27.28
CA SER D 236 -31.39 4.75 28.48
C SER D 236 -31.03 3.61 29.41
N LEU D 237 -30.33 2.60 28.91
CA LEU D 237 -29.90 1.49 29.75
C LEU D 237 -28.98 1.98 30.85
N SER D 238 -29.23 1.53 32.07
CA SER D 238 -28.42 1.96 33.21
C SER D 238 -26.98 1.51 33.05
N SER D 239 -26.06 2.34 33.54
CA SER D 239 -24.64 2.01 33.46
C SER D 239 -24.30 0.76 34.25
N LEU D 240 -25.03 0.47 35.32
CA LEU D 240 -24.80 -0.74 36.11
C LEU D 240 -25.64 -1.90 35.58
N SER D 241 -25.55 -2.14 34.27
CA SER D 241 -26.23 -3.25 33.64
C SER D 241 -25.28 -4.21 32.93
N ASP D 242 -24.09 -3.76 32.55
CA ASP D 242 -23.10 -4.65 31.96
C ASP D 242 -22.56 -5.66 32.97
N GLU D 243 -22.69 -5.37 34.27
CA GLU D 243 -22.28 -6.31 35.30
C GLU D 243 -23.30 -7.43 35.38
N PHE D 244 -22.95 -8.62 34.90
CA PHE D 244 -23.83 -9.77 34.96
C PHE D 244 -23.19 -10.89 35.75
N VAL D 245 -24.04 -11.63 36.47
CA VAL D 245 -23.57 -12.69 37.36
C VAL D 245 -23.50 -13.97 36.52
N CYS D 246 -22.36 -14.15 35.86
CA CYS D 246 -22.13 -15.33 35.03
C CYS D 246 -21.83 -16.54 35.91
N SER D 247 -21.84 -17.72 35.27
CA SER D 247 -21.60 -18.95 36.00
C SER D 247 -21.14 -20.03 35.00
N ILE D 248 -20.26 -20.91 35.48
CA ILE D 248 -19.82 -22.05 34.69
C ILE D 248 -20.32 -23.33 35.36
N LYS D 249 -21.51 -23.79 34.97
CA LYS D 249 -22.12 -25.00 35.53
C LYS D 249 -22.80 -25.73 34.38
N SER D 250 -22.06 -26.65 33.76
CA SER D 250 -22.59 -27.44 32.66
C SER D 250 -21.71 -28.67 32.49
N GLY D 251 -22.35 -29.80 32.17
CA GLY D 251 -21.63 -31.04 31.99
C GLY D 251 -20.91 -31.50 33.24
N ILE D 252 -19.58 -31.49 33.21
CA ILE D 252 -18.80 -31.94 34.35
C ILE D 252 -18.78 -30.90 35.45
N LEU D 253 -18.82 -29.61 35.09
CA LEU D 253 -18.66 -28.54 36.08
C LEU D 253 -19.82 -28.46 37.07
N ARG D 254 -20.99 -29.01 36.74
CA ARG D 254 -22.10 -29.00 37.70
C ARG D 254 -21.77 -29.84 38.93
N ASN D 255 -21.20 -31.02 38.73
CA ASN D 255 -20.80 -31.88 39.84
C ASN D 255 -19.32 -31.65 40.17
N ASP D 256 -19.01 -30.39 40.49
CA ASP D 256 -17.63 -29.99 40.79
C ASP D 256 -17.70 -28.88 41.84
N SER D 257 -17.44 -29.25 43.10
CA SER D 257 -17.47 -28.29 44.19
C SER D 257 -16.08 -27.68 44.41
N THR D 258 -15.51 -27.18 43.32
CA THR D 258 -14.22 -26.50 43.35
C THR D 258 -14.29 -25.07 42.84
N VAL D 259 -15.00 -24.83 41.74
CA VAL D 259 -15.18 -23.49 41.20
C VAL D 259 -16.27 -22.78 41.99
N PRO D 260 -16.24 -21.46 42.10
CA PRO D 260 -17.36 -20.75 42.72
C PRO D 260 -18.60 -20.86 41.85
N ASP D 261 -19.75 -20.83 42.52
CA ASP D 261 -21.01 -21.01 41.81
C ASP D 261 -21.26 -19.87 40.83
N GLN D 262 -20.92 -18.65 41.21
CA GLN D 262 -21.21 -17.46 40.40
C GLN D 262 -19.95 -16.64 40.21
N PHE D 263 -19.84 -16.03 39.04
CA PHE D 263 -18.71 -15.17 38.69
C PHE D 263 -19.19 -13.76 38.39
N GLN D 264 -18.48 -12.77 38.90
CA GLN D 264 -18.79 -11.38 38.62
C GLN D 264 -18.04 -10.94 37.37
N CYS D 265 -18.77 -10.59 36.32
CA CYS D 265 -18.17 -10.14 35.07
C CYS D 265 -18.52 -8.68 34.82
N LYS D 266 -17.76 -8.06 33.92
CA LYS D 266 -17.96 -6.66 33.61
C LYS D 266 -17.60 -6.43 32.14
N LEU D 267 -18.60 -6.07 31.34
CA LEU D 267 -18.36 -5.72 29.95
C LEU D 267 -17.68 -4.35 29.91
N ILE D 268 -16.39 -4.34 29.61
CA ILE D 268 -15.58 -3.13 29.79
C ILE D 268 -16.01 -2.04 28.82
N ALA D 269 -16.13 -2.39 27.54
CA ALA D 269 -16.47 -1.41 26.50
C ALA D 269 -17.98 -1.22 26.44
N VAL D 270 -18.52 -0.60 27.49
CA VAL D 270 -19.93 -0.25 27.57
C VAL D 270 -20.14 1.24 27.79
N GLY D 271 -19.40 1.83 28.72
CA GLY D 271 -19.48 3.28 28.89
C GLY D 271 -19.07 4.03 27.64
N ILE D 272 -18.09 3.49 26.91
CA ILE D 272 -17.74 4.07 25.61
C ILE D 272 -18.90 3.93 24.64
N PHE D 273 -19.56 2.77 24.64
CA PHE D 273 -20.69 2.55 23.74
C PHE D 273 -21.81 3.55 24.01
N GLN D 274 -22.17 3.73 25.28
CA GLN D 274 -23.24 4.67 25.61
C GLN D 274 -22.84 6.10 25.29
N LEU D 275 -21.56 6.44 25.47
CA LEU D 275 -21.09 7.76 25.06
C LEU D 275 -21.23 7.96 23.56
N LEU D 276 -20.87 6.93 22.78
CA LEU D 276 -20.98 7.05 21.32
C LEU D 276 -22.41 6.91 20.84
N SER D 277 -23.24 6.15 21.56
CA SER D 277 -24.63 5.98 21.14
C SER D 277 -25.39 7.31 21.19
N VAL D 278 -25.22 8.07 22.27
CA VAL D 278 -25.91 9.35 22.36
C VAL D 278 -25.36 10.34 21.33
N ILE D 279 -24.05 10.29 21.06
CA ILE D 279 -23.46 11.14 20.03
C ILE D 279 -24.08 10.83 18.67
N ASN D 280 -24.19 9.55 18.35
CA ASN D 280 -24.87 9.17 17.11
C ASN D 280 -26.35 9.55 17.17
N LEU D 281 -26.97 9.40 18.33
CA LEU D 281 -28.37 9.81 18.49
C LEU D 281 -28.53 11.32 18.29
N VAL D 282 -27.62 12.11 18.85
CA VAL D 282 -27.72 13.56 18.73
C VAL D 282 -27.59 13.98 17.26
N VAL D 283 -26.63 13.38 16.55
CA VAL D 283 -26.47 13.69 15.14
C VAL D 283 -27.71 13.28 14.34
N TYR D 284 -28.23 12.08 14.64
CA TYR D 284 -29.38 11.59 13.89
C TYR D 284 -30.62 12.45 14.11
N VAL D 285 -30.89 12.85 15.36
CA VAL D 285 -32.04 13.72 15.60
C VAL D 285 -31.80 15.11 15.05
N LEU D 286 -30.55 15.46 14.75
CA LEU D 286 -30.27 16.67 13.99
C LEU D 286 -30.32 16.42 12.49
N LEU D 287 -30.00 15.20 12.06
CA LEU D 287 -30.04 14.86 10.65
C LEU D 287 -31.46 14.51 10.19
N ALA D 288 -32.32 14.06 11.10
CA ALA D 288 -33.68 13.72 10.73
C ALA D 288 -34.46 14.90 10.15
N PRO D 289 -34.42 16.11 10.71
CA PRO D 289 -35.11 17.22 10.03
C PRO D 289 -34.60 17.49 8.62
N VAL D 290 -33.31 17.25 8.38
CA VAL D 290 -32.78 17.44 7.03
C VAL D 290 -33.40 16.43 6.08
N VAL D 291 -33.55 15.18 6.51
CA VAL D 291 -34.10 14.14 5.65
C VAL D 291 -35.56 14.45 5.31
N VAL D 292 -36.35 14.83 6.33
CA VAL D 292 -37.76 15.10 6.08
C VAL D 292 -37.94 16.36 5.24
N TYR D 293 -37.02 17.33 5.37
CA TYR D 293 -37.05 18.49 4.49
C TYR D 293 -36.80 18.08 3.04
N THR D 294 -35.87 17.14 2.82
CA THR D 294 -35.64 16.62 1.48
C THR D 294 -36.85 15.88 0.94
N LEU D 295 -37.63 15.26 1.84
CA LEU D 295 -38.80 14.50 1.41
C LEU D 295 -39.79 15.38 0.66
N PHE D 296 -39.91 16.65 1.06
CA PHE D 296 -40.82 17.59 0.40
C PHE D 296 -40.11 18.16 -0.83
N VAL D 297 -40.12 17.38 -1.91
CA VAL D 297 -39.46 17.74 -3.15
C VAL D 297 -40.07 19.00 -3.78
N PRO D 298 -41.40 19.10 -3.97
CA PRO D 298 -41.93 20.28 -4.68
C PRO D 298 -41.64 21.61 -3.98
N PHE D 299 -41.59 21.63 -2.65
CA PHE D 299 -41.33 22.88 -1.95
C PHE D 299 -39.88 23.31 -2.09
N ARG D 300 -38.96 22.34 -2.18
CA ARG D 300 -37.54 22.68 -2.34
C ARG D 300 -37.27 23.37 -3.67
N GLN D 301 -37.88 22.88 -4.75
CA GLN D 301 -37.57 23.37 -6.08
C GLN D 301 -38.21 24.74 -6.34
N LYS D 302 -37.70 25.41 -7.36
CA LYS D 302 -38.30 26.63 -7.89
C LYS D 302 -38.51 26.43 -9.38
N THR D 303 -39.73 26.75 -9.85
CA THR D 303 -40.07 26.49 -11.25
C THR D 303 -39.34 27.43 -12.20
N ASP D 304 -38.88 28.58 -11.73
CA ASP D 304 -38.21 29.56 -12.57
C ASP D 304 -36.74 29.26 -12.80
N VAL D 305 -36.29 28.02 -12.57
CA VAL D 305 -34.89 27.69 -12.81
C VAL D 305 -34.55 27.81 -14.28
N LEU D 306 -35.44 27.34 -15.16
CA LEU D 306 -35.23 27.43 -16.59
C LEU D 306 -35.85 28.69 -17.20
N LYS D 307 -36.46 29.55 -16.38
CA LYS D 307 -37.03 30.79 -16.89
C LYS D 307 -35.99 31.77 -17.39
N VAL D 308 -34.71 31.53 -17.09
CA VAL D 308 -33.65 32.38 -17.62
C VAL D 308 -33.45 32.22 -19.11
N TYR D 309 -34.04 31.18 -19.71
CA TYR D 309 -33.93 30.95 -21.14
C TYR D 309 -34.96 31.71 -21.96
N GLU D 310 -35.84 32.49 -21.32
CA GLU D 310 -36.80 33.30 -22.05
C GLU D 310 -36.14 34.46 -22.80
N ILE D 311 -34.88 34.77 -22.49
CA ILE D 311 -34.19 35.83 -23.21
C ILE D 311 -33.99 35.45 -24.67
N LEU D 312 -33.75 34.17 -24.93
CA LEU D 312 -33.59 33.70 -26.31
C LEU D 312 -34.89 33.89 -27.07
N PRO D 313 -34.86 34.50 -28.25
CA PRO D 313 -36.11 34.68 -29.02
C PRO D 313 -36.79 33.38 -29.38
N THR D 314 -36.03 32.32 -29.63
CA THR D 314 -36.60 31.02 -29.99
C THR D 314 -36.82 30.15 -28.76
N PHE D 315 -37.52 30.70 -27.76
CA PHE D 315 -37.81 29.96 -26.53
C PHE D 315 -39.03 30.60 -25.89
N ASP D 316 -40.17 29.91 -25.95
CA ASP D 316 -41.40 30.42 -25.37
C ASP D 316 -41.47 30.07 -23.88
N VAL D 317 -42.56 30.50 -23.24
CA VAL D 317 -42.72 30.26 -21.81
C VAL D 317 -42.97 28.78 -21.56
N LEU D 318 -42.60 28.33 -20.36
CA LEU D 318 -42.79 26.94 -19.97
C LEU D 318 -44.20 26.69 -19.45
N SER D 322 -44.75 20.85 -10.69
CA SER D 322 -44.67 21.86 -9.64
C SER D 322 -45.90 21.82 -8.75
N GLU D 323 -47.04 21.42 -9.32
CA GLU D 323 -48.28 21.35 -8.56
C GLU D 323 -48.41 20.06 -7.75
N GLY D 324 -47.51 19.10 -7.95
CA GLY D 324 -47.60 17.85 -7.23
C GLY D 324 -46.32 17.06 -7.32
N TYR D 325 -46.38 15.84 -6.79
CA TYR D 325 -45.23 14.93 -6.78
C TYR D 325 -45.05 14.36 -8.19
N ASN D 326 -44.30 15.07 -9.02
CA ASN D 326 -44.06 14.68 -10.40
C ASN D 326 -42.57 14.66 -10.68
N ASP D 327 -42.19 13.95 -11.74
CA ASP D 327 -40.79 13.86 -12.13
C ASP D 327 -40.22 15.20 -12.55
N LEU D 328 -41.07 16.16 -12.94
CA LEU D 328 -40.59 17.49 -13.30
C LEU D 328 -39.89 18.15 -12.12
N SER D 329 -40.46 18.00 -10.91
CA SER D 329 -39.83 18.56 -9.72
C SER D 329 -38.47 17.91 -9.46
N LEU D 330 -38.39 16.59 -9.62
CA LEU D 330 -37.14 15.89 -9.39
C LEU D 330 -36.07 16.32 -10.39
N TYR D 331 -36.44 16.45 -11.66
CA TYR D 331 -35.46 16.86 -12.68
C TYR D 331 -34.98 18.28 -12.43
N ASN D 332 -35.87 19.18 -12.00
CA ASN D 332 -35.47 20.55 -11.74
C ASN D 332 -34.46 20.63 -10.61
N LEU D 333 -34.65 19.81 -9.56
CA LEU D 333 -33.67 19.78 -8.48
C LEU D 333 -32.32 19.29 -8.98
N PHE D 334 -32.32 18.24 -9.80
CA PHE D 334 -31.06 17.77 -10.38
C PHE D 334 -30.49 18.78 -11.37
N LEU D 335 -31.35 19.47 -12.13
CA LEU D 335 -30.88 20.52 -13.02
C LEU D 335 -30.22 21.64 -12.23
N GLU D 336 -30.86 22.07 -11.13
CA GLU D 336 -30.34 23.19 -10.36
C GLU D 336 -28.97 22.89 -9.78
N GLU D 337 -28.70 21.61 -9.47
CA GLU D 337 -27.42 21.23 -8.88
C GLU D 337 -26.29 21.12 -9.88
N ASN D 338 -26.57 21.07 -11.18
CA ASN D 338 -25.51 20.92 -12.16
C ASN D 338 -25.71 21.75 -13.42
N ILE D 339 -26.66 22.70 -13.44
CA ILE D 339 -26.82 23.56 -14.60
C ILE D 339 -25.73 24.62 -14.69
N SER D 340 -25.00 24.86 -13.61
CA SER D 340 -23.97 25.89 -13.61
C SER D 340 -22.68 25.43 -14.29
N GLU D 341 -22.51 24.14 -14.55
CA GLU D 341 -21.27 23.66 -15.16
C GLU D 341 -21.21 23.96 -16.65
N VAL D 342 -22.35 24.04 -17.34
CA VAL D 342 -22.35 24.33 -18.76
C VAL D 342 -22.10 25.80 -18.99
N LYS D 343 -21.35 26.13 -20.05
CA LYS D 343 -20.99 27.52 -20.31
C LYS D 343 -22.19 28.33 -20.79
N SER D 344 -23.16 27.68 -21.43
CA SER D 344 -24.30 28.41 -21.99
C SER D 344 -25.18 28.99 -20.89
N TYR D 345 -25.27 28.32 -19.74
CA TYR D 345 -26.13 28.80 -18.67
C TYR D 345 -25.55 30.03 -17.97
N LYS D 346 -24.25 30.02 -17.66
CA LYS D 346 -23.67 31.15 -16.96
C LYS D 346 -23.71 32.42 -17.80
N CYS D 347 -23.39 32.30 -19.09
CA CYS D 347 -23.46 33.46 -19.97
C CYS D 347 -24.87 34.00 -20.07
N LEU D 348 -25.86 33.11 -20.16
CA LEU D 348 -27.25 33.53 -20.25
C LEU D 348 -27.74 34.12 -18.93
N LYS D 349 -27.29 33.54 -17.80
CA LYS D 349 -27.75 34.01 -16.49
C LYS D 349 -27.29 35.45 -16.22
N VAL D 350 -26.10 35.80 -16.70
CA VAL D 350 -25.60 37.16 -16.51
C VAL D 350 -26.49 38.16 -17.25
N LEU D 351 -26.91 37.83 -18.48
CA LEU D 351 -27.81 38.69 -19.22
C LEU D 351 -29.14 38.86 -18.50
N GLU D 352 -29.62 37.80 -17.84
CA GLU D 352 -30.84 37.89 -17.05
C GLU D 352 -30.66 38.85 -15.88
N ASN D 353 -29.44 38.99 -15.37
CA ASN D 353 -29.15 39.89 -14.26
C ASN D 353 -28.91 41.33 -14.72
N ILE D 354 -29.35 41.69 -15.92
CA ILE D 354 -29.17 43.04 -16.43
C ILE D 354 -30.48 43.80 -16.35
N ALA E 2 -10.01 -3.38 11.78
CA ALA E 2 -11.20 -2.77 12.34
C ALA E 2 -12.44 -3.19 11.57
N ILE E 3 -13.59 -3.23 12.25
CA ILE E 3 -14.84 -3.62 11.60
C ILE E 3 -15.23 -2.60 10.53
N ALA E 4 -15.04 -1.31 10.82
CA ALA E 4 -15.44 -0.28 9.87
C ALA E 4 -14.65 -0.39 8.56
N GLN E 5 -13.33 -0.57 8.65
CA GLN E 5 -12.55 -0.77 7.44
C GLN E 5 -12.78 -2.17 6.87
N LEU E 6 -13.20 -3.11 7.71
CA LEU E 6 -13.56 -4.44 7.23
C LEU E 6 -14.72 -4.37 6.26
N ALA E 7 -15.80 -3.68 6.65
CA ALA E 7 -16.94 -3.54 5.75
C ALA E 7 -16.60 -2.69 4.54
N THR E 8 -15.69 -1.73 4.71
CA THR E 8 -15.34 -0.81 3.63
C THR E 8 -14.84 -1.57 2.40
N GLU E 9 -14.09 -2.66 2.61
CA GLU E 9 -13.54 -3.42 1.49
C GLU E 9 -14.64 -4.06 0.65
N TYR E 10 -15.68 -4.60 1.30
CA TYR E 10 -16.69 -5.36 0.58
C TYR E 10 -17.97 -4.58 0.34
N VAL E 11 -18.28 -3.61 1.19
CA VAL E 11 -19.45 -2.76 1.04
C VAL E 11 -19.02 -1.30 1.21
N PHE E 12 -19.89 -0.38 0.79
CA PHE E 12 -19.64 1.05 0.66
C PHE E 12 -18.66 1.35 -0.46
N SER E 13 -18.12 0.33 -1.13
CA SER E 13 -17.21 0.50 -2.25
C SER E 13 -17.48 -0.61 -3.23
N ASP E 14 -17.17 -0.36 -4.50
CA ASP E 14 -17.45 -1.34 -5.56
C ASP E 14 -16.46 -2.48 -5.45
N PHE E 15 -16.85 -3.54 -4.73
CA PHE E 15 -16.01 -4.73 -4.61
C PHE E 15 -16.11 -5.59 -5.86
N LEU E 16 -17.33 -6.00 -6.23
CA LEU E 16 -17.58 -6.66 -7.49
C LEU E 16 -18.82 -6.10 -8.18
N LEU E 17 -19.27 -4.92 -7.74
CA LEU E 17 -20.46 -4.27 -8.28
C LEU E 17 -20.11 -3.29 -9.41
N LYS E 18 -18.85 -3.23 -9.81
CA LYS E 18 -18.38 -2.29 -10.82
C LYS E 18 -18.05 -3.02 -12.11
N GLU E 19 -18.03 -2.26 -13.20
CA GLU E 19 -17.58 -2.80 -14.47
C GLU E 19 -16.09 -3.15 -14.37
N PRO E 20 -15.68 -4.35 -14.78
CA PRO E 20 -14.28 -4.74 -14.61
C PRO E 20 -13.33 -3.84 -15.39
N THR E 21 -12.16 -3.61 -14.81
CA THR E 21 -11.16 -2.76 -15.43
C THR E 21 -10.38 -3.52 -16.49
N GLU E 22 -11.09 -4.14 -17.42
CA GLU E 22 -10.47 -4.90 -18.51
C GLU E 22 -10.83 -4.24 -19.84
N PRO E 23 -9.87 -3.60 -20.53
CA PRO E 23 -10.16 -2.89 -21.78
C PRO E 23 -10.36 -3.81 -22.98
N LYS E 24 -11.17 -4.85 -22.79
CA LYS E 24 -11.49 -5.78 -23.87
C LYS E 24 -12.97 -5.82 -24.21
N PHE E 25 -13.85 -5.46 -23.28
CA PHE E 25 -15.28 -5.38 -23.53
C PHE E 25 -15.73 -3.98 -23.94
N LYS E 26 -14.80 -3.04 -24.07
CA LYS E 26 -15.08 -1.68 -24.54
C LYS E 26 -16.07 -0.96 -23.63
N GLY E 27 -16.01 -1.27 -22.34
CA GLY E 27 -16.81 -0.56 -21.35
C GLY E 27 -18.31 -0.75 -21.50
N LEU E 28 -18.79 -1.97 -21.30
CA LEU E 28 -20.21 -2.26 -21.36
C LEU E 28 -20.59 -3.14 -20.18
N ARG E 29 -21.87 -3.07 -19.80
CA ARG E 29 -22.38 -3.87 -18.70
C ARG E 29 -22.62 -5.29 -19.17
N LEU E 30 -21.76 -6.21 -18.75
CA LEU E 30 -21.86 -7.61 -19.11
C LEU E 30 -22.84 -8.38 -18.23
N GLU E 31 -23.35 -7.76 -17.18
CA GLU E 31 -24.35 -8.36 -16.31
C GLU E 31 -25.47 -7.38 -16.06
N LEU E 32 -26.67 -7.92 -15.84
CA LEU E 32 -27.83 -7.07 -15.57
C LEU E 32 -27.70 -6.42 -14.19
N ALA E 33 -28.46 -5.34 -14.00
CA ALA E 33 -28.44 -4.64 -12.72
C ALA E 33 -28.92 -5.54 -11.59
N VAL E 34 -29.98 -6.30 -11.83
CA VAL E 34 -30.46 -7.23 -10.80
C VAL E 34 -29.45 -8.34 -10.57
N ASP E 35 -28.89 -8.89 -11.65
CA ASP E 35 -27.90 -9.96 -11.51
C ASP E 35 -26.66 -9.46 -10.77
N LYS E 36 -26.18 -8.26 -11.11
CA LYS E 36 -25.01 -7.72 -10.43
C LYS E 36 -25.32 -7.45 -8.96
N MET E 37 -26.52 -6.95 -8.66
CA MET E 37 -26.92 -6.72 -7.28
C MET E 37 -27.03 -8.04 -6.52
N VAL E 38 -27.63 -9.05 -7.15
CA VAL E 38 -27.77 -10.36 -6.51
C VAL E 38 -26.39 -10.98 -6.27
N THR E 39 -25.52 -10.91 -7.28
CA THR E 39 -24.18 -11.48 -7.13
C THR E 39 -23.40 -10.79 -6.01
N CYS E 40 -23.50 -9.47 -5.93
CA CYS E 40 -22.76 -8.73 -4.90
C CYS E 40 -23.26 -9.11 -3.51
N ILE E 41 -24.58 -9.19 -3.34
CA ILE E 41 -25.13 -9.52 -2.02
C ILE E 41 -24.87 -10.98 -1.68
N ALA E 42 -25.08 -11.88 -2.65
CA ALA E 42 -24.92 -13.31 -2.39
C ALA E 42 -23.48 -13.69 -2.11
N VAL E 43 -22.52 -12.94 -2.66
CA VAL E 43 -21.10 -13.26 -2.47
C VAL E 43 -20.48 -12.37 -1.40
N GLY E 44 -20.79 -11.07 -1.44
CA GLY E 44 -20.17 -10.14 -0.51
C GLY E 44 -20.68 -10.21 0.92
N LEU E 45 -21.83 -10.82 1.15
CA LEU E 45 -22.34 -10.93 2.51
C LEU E 45 -21.63 -12.04 3.28
N PRO E 46 -21.49 -13.26 2.75
CA PRO E 46 -20.73 -14.28 3.49
C PRO E 46 -19.31 -13.85 3.80
N LEU E 47 -18.66 -13.16 2.87
CA LEU E 47 -17.33 -12.64 3.14
C LEU E 47 -17.36 -11.62 4.27
N LEU E 48 -18.38 -10.75 4.28
CA LEU E 48 -18.51 -9.79 5.38
C LEU E 48 -18.71 -10.51 6.70
N LEU E 49 -19.56 -11.53 6.74
CA LEU E 49 -19.86 -12.20 7.99
C LEU E 49 -18.70 -13.07 8.46
N ILE E 50 -17.94 -13.65 7.51
CA ILE E 50 -16.78 -14.46 7.89
C ILE E 50 -15.77 -13.61 8.66
N SER E 51 -15.45 -12.43 8.12
CA SER E 51 -14.48 -11.56 8.77
C SER E 51 -15.07 -10.84 9.99
N LEU E 52 -16.38 -10.58 9.99
CA LEU E 52 -17.01 -9.98 11.15
C LEU E 52 -16.95 -10.91 12.35
N ALA E 53 -17.22 -12.21 12.13
CA ALA E 53 -17.27 -13.16 13.23
C ALA E 53 -15.93 -13.29 13.92
N PHE E 54 -14.83 -13.20 13.17
CA PHE E 54 -13.48 -13.36 13.70
C PHE E 54 -12.71 -12.06 13.67
N ALA E 55 -13.40 -10.95 13.90
CA ALA E 55 -12.74 -9.66 14.06
C ALA E 55 -12.10 -9.59 15.44
N GLN E 56 -11.06 -8.77 15.54
CA GLN E 56 -10.34 -8.59 16.80
C GLN E 56 -11.06 -7.71 17.80
N GLU E 57 -12.33 -7.38 17.53
CA GLU E 57 -13.13 -6.56 18.43
C GLU E 57 -14.43 -7.22 18.83
N ILE E 58 -14.59 -8.52 18.55
CA ILE E 58 -15.78 -9.26 18.96
C ILE E 58 -15.35 -10.55 19.63
N SER E 59 -14.09 -10.93 19.45
CA SER E 59 -13.54 -12.16 19.97
C SER E 59 -12.43 -11.88 20.96
N ILE E 60 -12.26 -12.78 21.93
CA ILE E 60 -11.19 -12.67 22.91
C ILE E 60 -9.84 -13.00 22.31
N GLY E 61 -9.80 -13.63 21.13
CA GLY E 61 -8.56 -14.02 20.51
C GLY E 61 -8.51 -15.52 20.28
N THR E 62 -9.08 -16.27 21.21
CA THR E 62 -9.18 -17.73 21.10
C THR E 62 -10.58 -18.12 20.69
N GLN E 63 -10.68 -19.26 20.01
CA GLN E 63 -11.96 -19.79 19.55
C GLN E 63 -12.40 -21.03 20.30
N ILE E 64 -11.53 -21.64 21.09
CA ILE E 64 -11.89 -22.75 21.98
C ILE E 64 -11.21 -22.52 23.31
N SER E 65 -11.86 -22.97 24.38
CA SER E 65 -11.30 -22.84 25.73
C SER E 65 -11.76 -24.03 26.55
N CYS E 66 -10.81 -24.79 27.09
CA CYS E 66 -11.11 -25.96 27.90
C CYS E 66 -10.65 -25.70 29.33
N PHE E 67 -11.52 -26.01 30.29
CA PHE E 67 -11.23 -25.77 31.70
C PHE E 67 -10.34 -26.89 32.21
N SER E 68 -9.04 -26.65 32.22
CA SER E 68 -8.07 -27.59 32.77
C SER E 68 -8.00 -27.47 34.29
N PRO E 69 -7.58 -28.53 34.97
CA PRO E 69 -7.42 -28.43 36.44
C PRO E 69 -6.32 -27.47 36.81
N SER E 70 -6.44 -26.92 38.02
CA SER E 70 -5.49 -25.91 38.48
C SER E 70 -4.08 -26.46 38.63
N SER E 71 -3.93 -27.78 38.77
CA SER E 71 -2.61 -28.38 38.90
C SER E 71 -1.81 -28.31 37.61
N PHE E 72 -2.46 -28.12 36.48
CA PHE E 72 -1.76 -28.05 35.19
C PHE E 72 -0.98 -26.75 35.06
N SER E 73 0.17 -26.83 34.41
CA SER E 73 0.90 -25.64 34.02
C SER E 73 0.19 -24.97 32.85
N TRP E 74 0.63 -23.75 32.50
CA TRP E 74 -0.01 -23.04 31.41
C TRP E 74 0.16 -23.77 30.09
N ARG E 75 1.35 -24.31 29.82
CA ARG E 75 1.57 -25.02 28.56
C ARG E 75 0.76 -26.31 28.51
N GLN E 76 0.62 -27.01 29.63
CA GLN E 76 -0.26 -28.17 29.67
C GLN E 76 -1.70 -27.78 29.38
N ALA E 77 -2.16 -26.67 29.97
CA ALA E 77 -3.50 -26.18 29.67
C ALA E 77 -3.60 -25.73 28.21
N ALA E 78 -2.52 -25.17 27.67
CA ALA E 78 -2.51 -24.83 26.25
C ALA E 78 -2.61 -26.09 25.39
N PHE E 79 -2.02 -27.19 25.85
CA PHE E 79 -2.13 -28.45 25.12
C PHE E 79 -3.57 -28.92 25.05
N VAL E 80 -4.29 -28.83 26.17
CA VAL E 80 -5.68 -29.31 26.20
C VAL E 80 -6.53 -28.49 25.24
N ASP E 81 -6.37 -27.17 25.27
CA ASP E 81 -7.12 -26.31 24.35
C ASP E 81 -6.77 -26.62 22.90
N SER E 82 -5.49 -26.83 22.63
CA SER E 82 -5.06 -27.12 21.26
C SER E 82 -5.47 -28.52 20.84
N TYR E 83 -5.32 -29.51 21.73
CA TYR E 83 -5.70 -30.88 21.39
C TYR E 83 -7.19 -30.99 21.12
N CYS E 84 -8.01 -30.48 22.04
CA CYS E 84 -9.45 -30.61 21.88
C CYS E 84 -9.96 -29.85 20.67
N TRP E 85 -9.27 -28.76 20.29
CA TRP E 85 -9.60 -28.09 19.03
C TRP E 85 -9.33 -29.01 17.85
N ALA E 86 -8.24 -29.76 17.89
CA ALA E 86 -8.01 -30.79 16.89
C ALA E 86 -8.86 -32.03 17.14
N ALA E 87 -9.23 -32.28 18.40
CA ALA E 87 -10.06 -33.44 18.74
C ALA E 87 -11.55 -33.12 18.59
N VAL E 88 -11.89 -32.56 17.43
CA VAL E 88 -13.28 -32.39 17.05
C VAL E 88 -13.67 -33.33 15.91
N GLN E 89 -12.70 -33.80 15.13
CA GLN E 89 -12.95 -34.67 13.98
C GLN E 89 -12.65 -36.13 14.28
N GLN E 90 -12.47 -36.46 15.55
CA GLN E 90 -12.15 -37.82 15.99
C GLN E 90 -13.40 -38.47 16.58
N LYS E 91 -13.29 -39.76 16.89
CA LYS E 91 -14.43 -40.54 17.36
C LYS E 91 -14.26 -41.02 18.79
N ASN E 92 -13.11 -41.60 19.13
CA ASN E 92 -12.90 -42.14 20.47
C ASN E 92 -12.50 -41.04 21.44
N SER E 93 -13.27 -39.96 21.45
CA SER E 93 -13.07 -38.81 22.32
C SER E 93 -14.30 -37.91 22.19
N LEU E 94 -14.25 -36.73 22.80
CA LEU E 94 -15.30 -35.72 22.76
C LEU E 94 -16.70 -36.33 22.93
N GLN E 95 -16.84 -37.22 23.91
CA GLN E 95 -18.11 -37.92 24.15
C GLN E 95 -19.08 -36.94 24.80
N SER E 96 -19.77 -36.17 23.96
CA SER E 96 -20.75 -35.21 24.43
C SER E 96 -22.17 -35.66 24.10
N GLY E 99 -23.63 -37.31 18.87
CA GLY E 99 -23.58 -36.02 18.22
C GLY E 99 -22.41 -35.87 17.25
N ASN E 100 -21.50 -34.95 17.59
CA ASN E 100 -20.25 -34.72 16.88
C ASN E 100 -20.48 -34.07 15.51
N LEU E 101 -21.74 -33.93 15.10
CA LEU E 101 -22.04 -33.23 13.86
C LEU E 101 -22.06 -31.72 14.06
N PRO E 102 -22.75 -31.18 15.07
CA PRO E 102 -22.68 -29.72 15.28
C PRO E 102 -21.28 -29.22 15.60
N LEU E 103 -20.46 -30.04 16.27
CA LEU E 103 -19.09 -29.63 16.56
C LEU E 103 -18.28 -29.46 15.30
N TRP E 104 -18.50 -30.32 14.31
CA TRP E 104 -17.86 -30.14 13.01
C TRP E 104 -18.25 -28.81 12.38
N LEU E 105 -19.54 -28.47 12.43
CA LEU E 105 -20.01 -27.23 11.81
C LEU E 105 -19.48 -26.01 12.55
N HIS E 106 -19.44 -26.07 13.89
CA HIS E 106 -18.97 -24.93 14.66
C HIS E 106 -17.51 -24.63 14.35
N LYS E 107 -16.68 -25.66 14.26
CA LYS E 107 -15.26 -25.46 13.97
C LYS E 107 -15.04 -24.91 12.57
N PHE E 108 -15.80 -25.40 11.59
CA PHE E 108 -15.59 -25.05 10.19
C PHE E 108 -16.67 -24.14 9.62
N PHE E 109 -17.38 -23.41 10.49
CA PHE E 109 -18.40 -22.49 9.99
C PHE E 109 -17.86 -21.43 9.05
N PRO E 110 -16.76 -20.74 9.33
CA PRO E 110 -16.23 -19.79 8.34
C PRO E 110 -15.84 -20.44 7.03
N TYR E 111 -15.38 -21.69 7.06
CA TYR E 111 -15.07 -22.39 5.82
C TYR E 111 -16.33 -22.66 5.01
N ILE E 112 -17.42 -23.06 5.66
CA ILE E 112 -18.64 -23.39 4.94
C ILE E 112 -19.23 -22.14 4.31
N LEU E 113 -19.20 -21.01 5.03
CA LEU E 113 -19.64 -19.75 4.43
C LEU E 113 -18.77 -19.39 3.24
N LEU E 114 -17.46 -19.59 3.36
CA LEU E 114 -16.57 -19.34 2.22
C LEU E 114 -16.89 -20.28 1.07
N LEU E 115 -17.21 -21.54 1.37
CA LEU E 115 -17.60 -22.47 0.33
C LEU E 115 -18.85 -21.99 -0.39
N PHE E 116 -19.83 -21.48 0.35
CA PHE E 116 -21.02 -20.92 -0.27
C PHE E 116 -20.68 -19.68 -1.08
N ALA E 117 -19.72 -18.87 -0.60
CA ALA E 117 -19.28 -17.73 -1.38
C ALA E 117 -18.65 -18.16 -2.70
N ILE E 118 -17.85 -19.23 -2.67
CA ILE E 118 -17.26 -19.75 -3.90
C ILE E 118 -18.35 -20.27 -4.84
N LEU E 119 -19.28 -21.06 -4.31
CA LEU E 119 -20.30 -21.66 -5.15
C LEU E 119 -21.28 -20.62 -5.69
N LEU E 120 -21.39 -19.48 -5.03
CA LEU E 120 -22.25 -18.40 -5.52
C LEU E 120 -21.52 -17.44 -6.44
N TYR E 121 -20.20 -17.60 -6.61
CA TYR E 121 -19.43 -16.77 -7.51
C TYR E 121 -19.10 -17.45 -8.83
N LEU E 122 -19.08 -18.78 -8.87
CA LEU E 122 -18.78 -19.48 -10.11
C LEU E 122 -19.81 -19.22 -11.21
N PRO E 123 -21.11 -19.32 -10.98
CA PRO E 123 -22.08 -19.04 -12.06
C PRO E 123 -21.92 -17.65 -12.63
N PRO E 124 -21.68 -16.61 -11.81
CA PRO E 124 -21.28 -15.33 -12.41
C PRO E 124 -19.99 -15.41 -13.21
N LEU E 125 -19.01 -16.20 -12.75
CA LEU E 125 -17.78 -16.37 -13.50
C LEU E 125 -17.97 -17.24 -14.73
N PHE E 126 -18.82 -18.26 -14.64
CA PHE E 126 -19.13 -19.06 -15.82
C PHE E 126 -19.83 -18.22 -16.88
N TRP E 127 -20.75 -17.34 -16.45
CA TRP E 127 -21.41 -16.46 -17.39
C TRP E 127 -20.45 -15.45 -18.00
N ARG E 128 -19.43 -15.04 -17.26
CA ARG E 128 -18.51 -14.01 -17.72
C ARG E 128 -17.59 -14.51 -18.84
N PHE E 129 -17.48 -15.82 -19.02
CA PHE E 129 -16.62 -16.39 -20.06
C PHE E 129 -17.40 -17.20 -21.09
N ALA E 130 -18.31 -18.07 -20.65
CA ALA E 130 -19.02 -18.93 -21.58
C ALA E 130 -20.06 -18.16 -22.41
N ALA E 131 -20.58 -17.06 -21.88
CA ALA E 131 -21.65 -16.35 -22.58
C ALA E 131 -21.47 -14.83 -22.66
N ALA E 132 -20.57 -14.23 -21.88
CA ALA E 132 -20.43 -12.78 -21.90
C ALA E 132 -19.72 -12.27 -23.15
N PRO E 133 -18.54 -12.80 -23.51
CA PRO E 133 -17.87 -12.27 -24.72
C PRO E 133 -18.69 -12.47 -25.98
N HIS E 134 -19.44 -13.57 -26.07
CA HIS E 134 -20.31 -13.77 -27.23
C HIS E 134 -21.39 -12.71 -27.30
N ILE E 135 -22.02 -12.41 -26.16
CA ILE E 135 -23.04 -11.37 -26.12
C ILE E 135 -22.41 -10.00 -26.28
N CYS E 136 -21.27 -9.77 -25.62
CA CYS E 136 -20.63 -8.46 -25.68
C CYS E 136 -20.24 -8.10 -27.11
N SER E 137 -19.68 -9.05 -27.85
CA SER E 137 -19.37 -8.80 -29.26
C SER E 137 -20.65 -8.54 -30.06
N ASP E 138 -21.70 -9.31 -29.79
CA ASP E 138 -22.97 -9.08 -30.47
C ASP E 138 -23.57 -7.74 -30.07
N LEU E 139 -23.45 -7.36 -28.80
CA LEU E 139 -24.03 -6.11 -28.33
C LEU E 139 -23.37 -4.91 -29.00
N LYS E 140 -22.04 -4.94 -29.16
CA LYS E 140 -21.35 -3.84 -29.82
C LYS E 140 -21.78 -3.71 -31.27
N PHE E 141 -21.96 -4.83 -31.98
CA PHE E 141 -22.39 -4.76 -33.37
C PHE E 141 -23.80 -4.18 -33.48
N ILE E 142 -24.70 -4.58 -32.58
CA ILE E 142 -26.07 -4.09 -32.64
C ILE E 142 -26.11 -2.59 -32.40
N MET E 143 -25.39 -2.11 -31.39
CA MET E 143 -25.36 -0.68 -31.12
C MET E 143 -24.70 0.09 -32.26
N GLU E 144 -23.64 -0.48 -32.85
CA GLU E 144 -22.94 0.19 -33.93
C GLU E 144 -23.84 0.34 -35.16
N GLU E 145 -24.58 -0.72 -35.52
CA GLU E 145 -25.41 -0.65 -36.71
C GLU E 145 -26.65 0.21 -36.49
N LEU E 146 -27.16 0.27 -35.26
CA LEU E 146 -28.30 1.15 -34.99
C LEU E 146 -27.95 2.61 -35.21
N ASP E 147 -26.75 3.01 -34.80
CA ASP E 147 -26.29 4.37 -35.07
C ASP E 147 -26.14 4.60 -36.57
N LYS E 148 -25.62 3.61 -37.30
CA LYS E 148 -25.48 3.74 -38.75
C LYS E 148 -26.85 3.86 -39.41
N VAL E 149 -27.83 3.08 -38.96
CA VAL E 149 -29.18 3.19 -39.49
C VAL E 149 -29.76 4.57 -39.20
N TYR E 150 -29.55 5.07 -37.97
CA TYR E 150 -30.03 6.41 -37.64
C TYR E 150 -29.32 7.47 -38.47
N ASN E 151 -28.01 7.32 -38.68
CA ASN E 151 -27.26 8.31 -39.45
C ASN E 151 -27.72 8.35 -40.91
N ARG E 152 -27.94 7.17 -41.52
CA ARG E 152 -28.36 7.14 -42.91
C ARG E 152 -29.82 7.56 -43.07
N ALA E 153 -30.66 7.36 -42.05
CA ALA E 153 -32.04 7.82 -42.11
C ALA E 153 -32.17 9.32 -41.88
N ILE E 154 -31.29 9.90 -41.05
CA ILE E 154 -31.34 11.33 -40.83
C ILE E 154 -30.62 12.11 -41.92
N LYS E 155 -29.91 11.42 -42.81
CA LYS E 155 -29.18 12.07 -43.90
C LYS E 155 -30.05 12.31 -45.13
N ALA E 156 -31.35 12.03 -45.05
CA ALA E 156 -32.22 12.26 -46.20
C ALA E 156 -32.39 13.75 -46.51
N ALA E 157 -32.08 14.63 -45.57
CA ALA E 157 -32.19 16.07 -45.79
C ALA E 157 -31.08 16.55 -46.73
N PRO E 194 -33.62 -4.46 -44.16
CA PRO E 194 -33.73 -4.76 -42.73
C PRO E 194 -32.71 -5.80 -42.27
N ILE E 195 -31.44 -5.43 -42.23
CA ILE E 195 -30.39 -6.34 -41.79
C ILE E 195 -30.55 -6.66 -40.31
N VAL E 196 -30.90 -5.65 -39.51
CA VAL E 196 -31.06 -5.87 -38.07
C VAL E 196 -32.27 -6.75 -37.78
N GLU E 197 -33.35 -6.59 -38.56
CA GLU E 197 -34.55 -7.39 -38.34
C GLU E 197 -34.27 -8.87 -38.56
N GLN E 198 -33.56 -9.20 -39.64
CA GLN E 198 -33.23 -10.60 -39.91
C GLN E 198 -32.26 -11.14 -38.87
N TYR E 199 -31.30 -10.33 -38.44
CA TYR E 199 -30.34 -10.77 -37.43
C TYR E 199 -31.02 -11.10 -36.11
N LEU E 200 -31.95 -10.25 -35.67
CA LEU E 200 -32.68 -10.53 -34.43
C LEU E 200 -33.53 -11.78 -34.57
N LYS E 201 -34.16 -11.97 -35.74
CA LYS E 201 -34.94 -13.18 -35.97
C LYS E 201 -34.06 -14.42 -35.96
N THR E 202 -32.82 -14.28 -36.46
CA THR E 202 -31.88 -15.41 -36.40
C THR E 202 -31.56 -15.78 -34.96
N LYS E 203 -31.37 -14.78 -34.10
CA LYS E 203 -31.14 -15.06 -32.69
C LYS E 203 -32.37 -15.65 -32.02
N LYS E 204 -33.56 -15.42 -32.57
CA LYS E 204 -34.78 -15.89 -31.95
C LYS E 204 -34.87 -17.42 -31.98
N ASN E 205 -34.58 -18.03 -33.13
CA ASN E 205 -34.69 -19.48 -33.23
C ASN E 205 -33.68 -20.18 -32.34
N SER E 206 -32.44 -19.67 -32.28
CA SER E 206 -31.43 -20.24 -31.40
C SER E 206 -31.77 -19.94 -29.94
N ASN E 207 -31.44 -20.90 -29.08
CA ASN E 207 -31.71 -20.74 -27.65
C ASN E 207 -30.55 -21.22 -26.80
N ASN E 208 -29.34 -21.22 -27.35
CA ASN E 208 -28.18 -21.66 -26.58
C ASN E 208 -27.81 -20.65 -25.50
N LEU E 209 -27.87 -19.36 -25.81
CA LEU E 209 -27.49 -18.33 -24.84
C LEU E 209 -28.45 -18.29 -23.66
N ILE E 210 -29.76 -18.37 -23.94
CA ILE E 210 -30.74 -18.27 -22.86
C ILE E 210 -30.65 -19.46 -21.92
N ILE E 211 -30.34 -20.64 -22.44
CA ILE E 211 -30.18 -21.81 -21.58
C ILE E 211 -29.03 -21.61 -20.60
N LYS E 212 -27.92 -21.04 -21.08
CA LYS E 212 -26.81 -20.75 -20.18
C LYS E 212 -27.22 -19.75 -19.10
N TYR E 213 -28.00 -18.73 -19.48
CA TYR E 213 -28.48 -17.77 -18.49
C TYR E 213 -29.40 -18.44 -17.47
N ILE E 214 -30.33 -19.26 -17.95
CA ILE E 214 -31.24 -19.95 -17.05
C ILE E 214 -30.47 -20.93 -16.16
N SER E 215 -29.52 -21.67 -16.75
CA SER E 215 -28.72 -22.58 -15.95
C SER E 215 -27.88 -21.84 -14.92
N CYS E 216 -27.34 -20.68 -15.29
CA CYS E 216 -26.58 -19.87 -14.34
C CYS E 216 -27.47 -19.42 -13.18
N ARG E 217 -28.67 -18.95 -13.48
CA ARG E 217 -29.60 -18.55 -12.42
C ARG E 217 -30.07 -19.75 -11.62
N LEU E 218 -30.36 -20.86 -12.31
CA LEU E 218 -30.81 -22.06 -11.60
C LEU E 218 -29.73 -22.59 -10.67
N LEU E 219 -28.47 -22.59 -11.13
CA LEU E 219 -27.37 -23.03 -10.29
C LEU E 219 -27.22 -22.12 -9.07
N THR E 220 -27.32 -20.80 -9.28
CA THR E 220 -27.25 -19.87 -8.16
C THR E 220 -28.41 -20.08 -7.19
N LEU E 221 -29.62 -20.30 -7.72
CA LEU E 221 -30.77 -20.51 -6.87
C LEU E 221 -30.62 -21.78 -6.03
N ILE E 222 -30.09 -22.85 -6.63
CA ILE E 222 -29.91 -24.09 -5.89
C ILE E 222 -28.93 -23.91 -4.73
N ILE E 223 -27.81 -23.21 -5.00
CA ILE E 223 -26.83 -22.98 -3.94
C ILE E 223 -27.42 -22.16 -2.82
N ILE E 224 -28.18 -21.11 -3.16
CA ILE E 224 -28.85 -20.31 -2.13
C ILE E 224 -29.85 -21.15 -1.36
N LEU E 225 -30.62 -21.98 -2.07
CA LEU E 225 -31.54 -22.89 -1.38
C LEU E 225 -30.77 -23.87 -0.51
N LEU E 226 -29.65 -24.41 -1.01
CA LEU E 226 -28.80 -25.23 -0.17
C LEU E 226 -28.23 -24.45 1.00
N ALA E 227 -27.84 -23.20 0.77
CA ALA E 227 -27.33 -22.37 1.86
C ALA E 227 -28.40 -22.13 2.91
N CYS E 228 -29.64 -21.86 2.47
CA CYS E 228 -30.73 -21.64 3.41
C CYS E 228 -30.99 -22.87 4.27
N ILE E 229 -30.91 -24.06 3.66
CA ILE E 229 -31.10 -25.29 4.41
C ILE E 229 -30.01 -25.46 5.46
N TYR E 230 -28.75 -25.20 5.07
CA TYR E 230 -27.65 -25.32 6.03
C TYR E 230 -27.76 -24.28 7.13
N LEU E 231 -27.96 -23.02 6.75
CA LEU E 231 -28.04 -21.96 7.76
C LEU E 231 -29.24 -22.17 8.68
N GLY E 232 -30.38 -22.59 8.12
CA GLY E 232 -31.52 -22.92 8.96
C GLY E 232 -31.22 -24.07 9.91
N TYR E 233 -30.55 -25.10 9.41
CA TYR E 233 -30.15 -26.20 10.28
C TYR E 233 -29.11 -25.75 11.30
N TYR E 234 -28.15 -24.93 10.87
CA TYR E 234 -27.11 -24.46 11.79
C TYR E 234 -27.70 -23.57 12.87
N PHE E 235 -28.63 -22.69 12.49
CA PHE E 235 -29.28 -21.84 13.49
C PHE E 235 -30.20 -22.64 14.39
N SER E 236 -30.74 -23.77 13.90
CA SER E 236 -31.59 -24.61 14.72
C SER E 236 -30.81 -25.36 15.79
N LEU E 237 -29.49 -25.46 15.65
CA LEU E 237 -28.67 -26.13 16.65
C LEU E 237 -28.78 -25.39 17.98
N SER E 238 -28.96 -26.15 19.06
CA SER E 238 -29.11 -25.55 20.38
C SER E 238 -27.83 -24.83 20.78
N SER E 239 -27.99 -23.73 21.51
CA SER E 239 -26.83 -22.98 21.97
C SER E 239 -25.95 -23.78 22.91
N LEU E 240 -26.51 -24.71 23.66
CA LEU E 240 -25.74 -25.58 24.56
C LEU E 240 -25.29 -26.84 23.83
N SER E 241 -24.66 -26.65 22.67
CA SER E 241 -24.10 -27.75 21.89
C SER E 241 -22.61 -27.61 21.64
N ASP E 242 -22.07 -26.39 21.68
CA ASP E 242 -20.63 -26.20 21.56
C ASP E 242 -19.87 -26.76 22.76
N GLU E 243 -20.53 -26.92 23.90
CA GLU E 243 -19.90 -27.52 25.06
C GLU E 243 -19.77 -29.02 24.84
N PHE E 244 -18.55 -29.49 24.61
CA PHE E 244 -18.31 -30.91 24.40
C PHE E 244 -17.33 -31.43 25.44
N VAL E 245 -17.54 -32.67 25.86
CA VAL E 245 -16.75 -33.29 26.92
C VAL E 245 -15.54 -33.93 26.24
N CYS E 246 -14.49 -33.14 26.05
CA CYS E 246 -13.26 -33.60 25.44
C CYS E 246 -12.45 -34.44 26.43
N SER E 247 -11.44 -35.12 25.92
CA SER E 247 -10.59 -35.97 26.76
C SER E 247 -9.25 -36.18 26.08
N ILE E 248 -8.20 -36.30 26.89
CA ILE E 248 -6.87 -36.61 26.38
C ILE E 248 -6.46 -37.99 26.91
N LYS E 249 -6.77 -39.03 26.14
CA LYS E 249 -6.45 -40.42 26.52
C LYS E 249 -6.01 -41.14 25.25
N SER E 250 -4.71 -41.13 25.00
CA SER E 250 -4.15 -41.81 23.84
C SER E 250 -2.65 -42.01 24.07
N GLY E 251 -2.15 -43.16 23.61
CA GLY E 251 -0.76 -43.49 23.79
C GLY E 251 -0.35 -43.59 25.24
N ILE E 252 0.49 -42.65 25.69
CA ILE E 252 0.97 -42.69 27.06
C ILE E 252 -0.10 -42.20 28.03
N LEU E 253 -0.93 -41.26 27.61
CA LEU E 253 -1.89 -40.62 28.50
C LEU E 253 -2.97 -41.58 29.01
N ARG E 254 -3.22 -42.69 28.31
CA ARG E 254 -4.20 -43.65 28.79
C ARG E 254 -3.77 -44.27 30.11
N ASN E 255 -2.50 -44.67 30.21
CA ASN E 255 -1.95 -45.23 31.43
C ASN E 255 -1.28 -44.13 32.27
N ASP E 256 -2.08 -43.11 32.60
CA ASP E 256 -1.59 -41.96 33.34
C ASP E 256 -2.73 -41.47 34.23
N SER E 257 -2.68 -41.82 35.52
CA SER E 257 -3.71 -41.41 36.47
C SER E 257 -3.34 -40.09 37.13
N THR E 258 -3.01 -39.10 36.29
CA THR E 258 -2.69 -37.76 36.75
C THR E 258 -3.63 -36.71 36.16
N VAL E 259 -3.91 -36.79 34.86
CA VAL E 259 -4.84 -35.86 34.22
C VAL E 259 -6.27 -36.29 34.52
N PRO E 260 -7.22 -35.37 34.55
CA PRO E 260 -8.62 -35.79 34.66
C PRO E 260 -9.07 -36.53 33.42
N ASP E 261 -10.01 -37.46 33.61
CA ASP E 261 -10.47 -38.28 32.50
C ASP E 261 -11.15 -37.45 31.43
N GLN E 262 -11.93 -36.45 31.83
CA GLN E 262 -12.73 -35.65 30.91
C GLN E 262 -12.47 -34.17 31.13
N PHE E 263 -12.49 -33.40 30.04
CA PHE E 263 -12.29 -31.96 30.08
C PHE E 263 -13.52 -31.25 29.53
N GLN E 264 -13.93 -30.19 30.21
CA GLN E 264 -15.05 -29.37 29.74
C GLN E 264 -14.51 -28.27 28.82
N CYS E 265 -14.92 -28.30 27.57
CA CYS E 265 -14.49 -27.31 26.58
C CYS E 265 -15.70 -26.48 26.13
N LYS E 266 -15.39 -25.33 25.54
CA LYS E 266 -16.43 -24.42 25.08
C LYS E 266 -15.94 -23.71 23.84
N LEU E 267 -16.59 -23.95 22.70
CA LEU E 267 -16.27 -23.24 21.47
C LEU E 267 -16.83 -21.82 21.60
N ILE E 268 -15.94 -20.86 21.79
CA ILE E 268 -16.35 -19.50 22.18
C ILE E 268 -17.11 -18.83 21.04
N ALA E 269 -16.56 -18.88 19.84
CA ALA E 269 -17.17 -18.20 18.69
C ALA E 269 -18.24 -19.09 18.07
N VAL E 270 -19.34 -19.25 18.82
CA VAL E 270 -20.49 -20.01 18.35
C VAL E 270 -21.76 -19.17 18.38
N GLY E 271 -22.00 -18.45 19.48
CA GLY E 271 -23.13 -17.55 19.52
C GLY E 271 -23.05 -16.46 18.46
N ILE E 272 -21.84 -16.00 18.16
CA ILE E 272 -21.65 -15.07 17.06
C ILE E 272 -21.99 -15.75 15.74
N PHE E 273 -21.58 -17.01 15.58
CA PHE E 273 -21.87 -17.73 14.35
C PHE E 273 -23.36 -17.87 14.13
N GLN E 274 -24.09 -18.27 15.16
CA GLN E 274 -25.54 -18.43 15.03
C GLN E 274 -26.23 -17.10 14.78
N LEU E 275 -25.71 -16.02 15.38
CA LEU E 275 -26.24 -14.70 15.09
C LEU E 275 -26.03 -14.33 13.63
N LEU E 276 -24.84 -14.62 13.09
CA LEU E 276 -24.56 -14.29 11.71
C LEU E 276 -25.23 -15.26 10.74
N SER E 277 -25.42 -16.52 11.16
CA SER E 277 -26.05 -17.49 10.27
C SER E 277 -27.49 -17.11 9.96
N VAL E 278 -28.25 -16.69 10.97
CA VAL E 278 -29.64 -16.29 10.74
C VAL E 278 -29.68 -15.01 9.92
N ILE E 279 -28.74 -14.09 10.14
CA ILE E 279 -28.69 -12.87 9.35
C ILE E 279 -28.45 -13.21 7.87
N ASN E 280 -27.51 -14.11 7.61
CA ASN E 280 -27.30 -14.57 6.25
C ASN E 280 -28.51 -15.33 5.73
N LEU E 281 -29.15 -16.11 6.60
CA LEU E 281 -30.37 -16.81 6.22
C LEU E 281 -31.49 -15.85 5.88
N VAL E 282 -31.65 -14.79 6.68
CA VAL E 282 -32.72 -13.83 6.43
C VAL E 282 -32.51 -13.12 5.10
N VAL E 283 -31.27 -12.73 4.81
CA VAL E 283 -30.98 -12.08 3.54
C VAL E 283 -31.22 -13.05 2.39
N TYR E 284 -30.78 -14.30 2.54
CA TYR E 284 -30.93 -15.27 1.45
C TYR E 284 -32.39 -15.57 1.16
N VAL E 285 -33.21 -15.75 2.19
CA VAL E 285 -34.63 -16.00 1.95
C VAL E 285 -35.33 -14.74 1.44
N LEU E 286 -34.69 -13.58 1.59
CA LEU E 286 -35.17 -12.37 0.91
C LEU E 286 -34.57 -12.25 -0.48
N LEU E 287 -33.37 -12.79 -0.69
CA LEU E 287 -32.73 -12.74 -2.00
C LEU E 287 -33.24 -13.85 -2.92
N ALA E 288 -33.73 -14.96 -2.35
CA ALA E 288 -34.24 -16.04 -3.17
C ALA E 288 -35.40 -15.63 -4.08
N PRO E 289 -36.41 -14.89 -3.62
CA PRO E 289 -37.45 -14.43 -4.56
C PRO E 289 -36.91 -13.60 -5.70
N VAL E 290 -35.85 -12.82 -5.46
CA VAL E 290 -35.25 -12.03 -6.52
C VAL E 290 -34.63 -12.94 -7.57
N VAL E 291 -33.96 -14.01 -7.14
CA VAL E 291 -33.31 -14.92 -8.08
C VAL E 291 -34.35 -15.63 -8.93
N VAL E 292 -35.42 -16.13 -8.30
CA VAL E 292 -36.44 -16.85 -9.07
C VAL E 292 -37.20 -15.91 -9.99
N TYR E 293 -37.35 -14.64 -9.60
CA TYR E 293 -37.95 -13.66 -10.50
C TYR E 293 -37.06 -13.46 -11.73
N THR E 294 -35.74 -13.43 -11.54
CA THR E 294 -34.83 -13.33 -12.66
C THR E 294 -34.90 -14.56 -13.55
N LEU E 295 -35.22 -15.72 -12.97
CA LEU E 295 -35.28 -16.96 -13.75
C LEU E 295 -36.31 -16.86 -14.85
N PHE E 296 -37.41 -16.16 -14.61
CA PHE E 296 -38.47 -15.98 -15.61
C PHE E 296 -38.08 -14.84 -16.53
N VAL E 297 -37.21 -15.14 -17.49
CA VAL E 297 -36.69 -14.16 -18.44
C VAL E 297 -37.78 -13.56 -19.32
N PRO E 298 -38.64 -14.36 -19.98
CA PRO E 298 -39.61 -13.75 -20.90
C PRO E 298 -40.58 -12.79 -20.23
N PHE E 299 -40.97 -13.04 -18.98
CA PHE E 299 -41.91 -12.14 -18.31
C PHE E 299 -41.25 -10.82 -17.94
N ARG E 300 -39.95 -10.83 -17.64
CA ARG E 300 -39.26 -9.60 -17.30
C ARG E 300 -39.20 -8.64 -18.47
N GLN E 301 -38.91 -9.16 -19.67
CA GLN E 301 -38.67 -8.32 -20.82
C GLN E 301 -39.97 -7.75 -21.38
N LYS E 302 -39.84 -6.70 -22.19
CA LYS E 302 -40.94 -6.16 -22.97
C LYS E 302 -40.49 -6.12 -24.43
N THR E 303 -41.33 -6.62 -25.32
CA THR E 303 -40.96 -6.73 -26.73
C THR E 303 -40.89 -5.36 -27.41
N ASP E 304 -41.57 -4.35 -26.87
CA ASP E 304 -41.61 -3.03 -27.49
C ASP E 304 -40.40 -2.18 -27.13
N VAL E 305 -39.30 -2.78 -26.68
CA VAL E 305 -38.10 -2.00 -26.37
C VAL E 305 -37.54 -1.35 -27.63
N LEU E 306 -37.50 -2.09 -28.73
CA LEU E 306 -37.02 -1.56 -30.00
C LEU E 306 -38.13 -0.99 -30.87
N LYS E 307 -39.37 -0.99 -30.39
CA LYS E 307 -40.47 -0.42 -31.15
C LYS E 307 -40.37 1.09 -31.30
N VAL E 308 -39.49 1.74 -30.54
CA VAL E 308 -39.27 3.17 -30.69
C VAL E 308 -38.59 3.53 -32.00
N TYR E 309 -38.04 2.54 -32.71
CA TYR E 309 -37.38 2.76 -33.99
C TYR E 309 -38.34 2.77 -35.16
N GLU E 310 -39.64 2.56 -34.93
CA GLU E 310 -40.61 2.63 -36.01
C GLU E 310 -40.80 4.04 -36.53
N ILE E 311 -40.33 5.06 -35.82
CA ILE E 311 -40.44 6.43 -36.30
C ILE E 311 -39.61 6.62 -37.57
N LEU E 312 -38.46 5.95 -37.64
CA LEU E 312 -37.63 6.05 -38.83
C LEU E 312 -38.36 5.46 -40.03
N PRO E 313 -38.42 6.16 -41.16
CA PRO E 313 -39.11 5.60 -42.33
C PRO E 313 -38.50 4.30 -42.84
N THR E 314 -37.18 4.15 -42.72
CA THR E 314 -36.50 2.93 -43.19
C THR E 314 -36.38 1.91 -42.06
N PHE E 315 -37.51 1.59 -41.43
CA PHE E 315 -37.52 0.61 -40.34
C PHE E 315 -38.95 0.07 -40.23
N ASP E 316 -39.15 -1.17 -40.65
CA ASP E 316 -40.45 -1.79 -40.59
C ASP E 316 -40.69 -2.40 -39.21
N VAL E 317 -41.87 -3.00 -39.03
CA VAL E 317 -42.23 -3.60 -37.75
C VAL E 317 -41.40 -4.85 -37.51
N LEU E 318 -41.20 -5.18 -36.23
CA LEU E 318 -40.43 -6.36 -35.85
C LEU E 318 -41.30 -7.60 -35.87
N SER E 322 -40.02 -13.97 -27.55
CA SER E 322 -41.01 -13.44 -26.61
C SER E 322 -42.02 -14.52 -26.23
N GLU E 323 -42.28 -15.44 -27.14
CA GLU E 323 -43.23 -16.52 -26.88
C GLU E 323 -42.62 -17.67 -26.10
N GLY E 324 -41.32 -17.68 -25.90
CA GLY E 324 -40.69 -18.77 -25.18
C GLY E 324 -39.29 -18.41 -24.75
N TYR E 325 -38.60 -19.41 -24.21
CA TYR E 325 -37.23 -19.26 -23.72
C TYR E 325 -36.29 -19.23 -24.92
N ASN E 326 -36.10 -18.03 -25.48
CA ASN E 326 -35.25 -17.84 -26.64
C ASN E 326 -34.21 -16.76 -26.36
N ASP E 327 -33.15 -16.76 -27.17
CA ASP E 327 -32.09 -15.77 -27.01
C ASP E 327 -32.57 -14.35 -27.28
N LEU E 328 -33.68 -14.19 -28.01
CA LEU E 328 -34.22 -12.87 -28.25
C LEU E 328 -34.60 -12.19 -26.94
N SER E 329 -35.21 -12.94 -26.03
CA SER E 329 -35.57 -12.39 -24.73
C SER E 329 -34.32 -11.96 -23.96
N LEU E 330 -33.27 -12.79 -23.99
CA LEU E 330 -32.05 -12.47 -23.27
C LEU E 330 -31.39 -11.22 -23.84
N TYR E 331 -31.33 -11.10 -25.17
CA TYR E 331 -30.72 -9.91 -25.78
C TYR E 331 -31.50 -8.66 -25.45
N ASN E 332 -32.84 -8.74 -25.46
CA ASN E 332 -33.65 -7.57 -25.15
C ASN E 332 -33.41 -7.08 -23.73
N LEU E 333 -33.25 -8.00 -22.78
CA LEU E 333 -32.93 -7.59 -21.41
C LEU E 333 -31.57 -6.89 -21.35
N PHE E 334 -30.58 -7.44 -22.05
CA PHE E 334 -29.28 -6.77 -22.11
C PHE E 334 -29.36 -5.46 -22.88
N LEU E 335 -30.16 -5.41 -23.94
CA LEU E 335 -30.36 -4.16 -24.66
C LEU E 335 -30.98 -3.11 -23.76
N GLU E 336 -32.01 -3.49 -23.00
CA GLU E 336 -32.72 -2.52 -22.16
C GLU E 336 -31.81 -1.93 -21.11
N GLU E 337 -30.81 -2.68 -20.65
CA GLU E 337 -29.92 -2.21 -19.60
C GLU E 337 -28.82 -1.29 -20.12
N ASN E 338 -28.58 -1.24 -21.43
CA ASN E 338 -27.51 -0.39 -21.95
C ASN E 338 -27.86 0.33 -23.25
N ILE E 339 -29.14 0.33 -23.66
CA ILE E 339 -29.52 1.09 -24.86
C ILE E 339 -29.56 2.58 -24.62
N SER E 340 -29.59 3.01 -23.36
CA SER E 340 -29.67 4.43 -23.04
C SER E 340 -28.34 5.15 -23.18
N GLU E 341 -27.23 4.42 -23.29
CA GLU E 341 -25.93 5.07 -23.37
C GLU E 341 -25.66 5.66 -24.76
N VAL E 342 -26.25 5.09 -25.80
CA VAL E 342 -26.02 5.60 -27.16
C VAL E 342 -26.86 6.85 -27.37
N LYS E 343 -26.30 7.82 -28.10
CA LYS E 343 -27.00 9.09 -28.30
C LYS E 343 -28.19 8.93 -29.23
N SER E 344 -28.15 7.95 -30.15
CA SER E 344 -29.23 7.81 -31.11
C SER E 344 -30.54 7.36 -30.44
N TYR E 345 -30.45 6.58 -29.38
CA TYR E 345 -31.65 6.08 -28.72
C TYR E 345 -32.38 7.17 -27.94
N LYS E 346 -31.64 7.99 -27.18
CA LYS E 346 -32.29 9.03 -26.38
C LYS E 346 -32.98 10.06 -27.26
N CYS E 347 -32.31 10.48 -28.34
CA CYS E 347 -32.93 11.44 -29.25
C CYS E 347 -34.18 10.86 -29.88
N LEU E 348 -34.13 9.59 -30.28
CA LEU E 348 -35.29 8.95 -30.88
C LEU E 348 -36.41 8.72 -29.87
N LYS E 349 -36.05 8.39 -28.63
CA LYS E 349 -37.06 8.10 -27.62
C LYS E 349 -37.87 9.36 -27.29
N VAL E 350 -37.23 10.52 -27.31
CA VAL E 350 -37.96 11.77 -27.05
C VAL E 350 -39.02 12.01 -28.12
N LEU E 351 -38.68 11.76 -29.39
CA LEU E 351 -39.65 11.91 -30.46
C LEU E 351 -40.82 10.95 -30.28
N GLU E 352 -40.54 9.74 -29.78
CA GLU E 352 -41.62 8.80 -29.50
C GLU E 352 -42.55 9.32 -28.41
N ASN E 353 -42.02 10.14 -27.49
CA ASN E 353 -42.81 10.72 -26.42
C ASN E 353 -43.56 11.98 -26.85
N ILE E 354 -43.74 12.20 -28.14
CA ILE E 354 -44.45 13.37 -28.63
C ILE E 354 -45.85 12.99 -29.09
N ALA F 2 -7.08 -11.63 7.44
CA ALA F 2 -8.44 -12.14 7.50
C ALA F 2 -8.70 -13.10 6.35
N ILE F 3 -9.62 -14.06 6.58
CA ILE F 3 -9.96 -15.03 5.54
C ILE F 3 -10.61 -14.36 4.35
N ALA F 4 -11.48 -13.38 4.60
CA ALA F 4 -12.19 -12.72 3.52
C ALA F 4 -11.22 -11.99 2.59
N GLN F 5 -10.28 -11.23 3.15
CA GLN F 5 -9.28 -10.59 2.32
C GLN F 5 -8.27 -11.60 1.80
N LEU F 6 -8.12 -12.73 2.48
CA LEU F 6 -7.26 -13.81 2.00
C LEU F 6 -7.77 -14.34 0.66
N ALA F 7 -9.06 -14.67 0.59
CA ALA F 7 -9.62 -15.16 -0.65
C ALA F 7 -9.64 -14.06 -1.71
N THR F 8 -9.81 -12.80 -1.29
CA THR F 8 -9.90 -11.69 -2.23
C THR F 8 -8.68 -11.62 -3.15
N GLU F 9 -7.49 -11.93 -2.61
CA GLU F 9 -6.27 -11.85 -3.41
C GLU F 9 -6.27 -12.85 -4.54
N TYR F 10 -6.75 -14.08 -4.28
CA TYR F 10 -6.65 -15.16 -5.27
C TYR F 10 -7.95 -15.42 -6.00
N VAL F 11 -9.09 -15.13 -5.38
CA VAL F 11 -10.40 -15.30 -5.99
C VAL F 11 -11.19 -14.01 -5.77
N PHE F 12 -12.29 -13.87 -6.53
CA PHE F 12 -13.10 -12.66 -6.66
C PHE F 12 -12.36 -11.55 -7.37
N SER F 13 -11.08 -11.76 -7.72
CA SER F 13 -10.29 -10.78 -8.45
C SER F 13 -9.38 -11.54 -9.40
N ASP F 14 -8.99 -10.88 -10.49
CA ASP F 14 -8.17 -11.52 -11.50
C ASP F 14 -6.75 -11.68 -10.97
N PHE F 15 -6.47 -12.85 -10.39
CA PHE F 15 -5.13 -13.13 -9.89
C PHE F 15 -4.20 -13.54 -11.04
N LEU F 16 -4.59 -14.57 -11.79
CA LEU F 16 -3.90 -14.94 -13.02
C LEU F 16 -4.90 -15.24 -14.14
N LEU F 17 -6.15 -14.81 -13.96
CA LEU F 17 -7.21 -15.04 -14.94
C LEU F 17 -7.35 -13.87 -15.92
N LYS F 18 -6.46 -12.89 -15.85
CA LYS F 18 -6.53 -11.70 -16.67
C LYS F 18 -5.41 -11.71 -17.72
N GLU F 19 -5.62 -10.93 -18.77
CA GLU F 19 -4.58 -10.73 -19.76
C GLU F 19 -3.41 -9.99 -19.11
N PRO F 20 -2.17 -10.47 -19.26
CA PRO F 20 -1.04 -9.83 -18.57
C PRO F 20 -0.85 -8.39 -19.02
N THR F 21 -0.43 -7.55 -18.07
CA THR F 21 -0.20 -6.13 -18.34
C THR F 21 1.15 -5.92 -19.00
N GLU F 22 1.42 -6.64 -20.09
CA GLU F 22 2.66 -6.52 -20.83
C GLU F 22 2.35 -6.00 -22.23
N PRO F 23 2.72 -4.77 -22.57
CA PRO F 23 2.40 -4.19 -23.89
C PRO F 23 3.28 -4.71 -25.02
N LYS F 24 3.45 -6.03 -25.07
CA LYS F 24 4.22 -6.68 -26.13
C LYS F 24 3.39 -7.64 -26.98
N PHE F 25 2.31 -8.18 -26.44
CA PHE F 25 1.41 -9.04 -27.20
C PHE F 25 0.25 -8.28 -27.83
N LYS F 26 0.22 -6.96 -27.67
CA LYS F 26 -0.78 -6.09 -28.31
C LYS F 26 -2.20 -6.44 -27.86
N GLY F 27 -2.34 -6.90 -26.62
CA GLY F 27 -3.64 -7.16 -26.03
C GLY F 27 -4.42 -8.27 -26.70
N LEU F 28 -3.93 -9.50 -26.60
CA LEU F 28 -4.61 -10.66 -27.15
C LEU F 28 -4.58 -11.79 -26.14
N ARG F 29 -5.56 -12.68 -26.24
CA ARG F 29 -5.66 -13.83 -25.35
C ARG F 29 -4.65 -14.88 -25.79
N LEU F 30 -3.57 -15.04 -25.02
CA LEU F 30 -2.54 -16.02 -25.31
C LEU F 30 -2.88 -17.41 -24.79
N GLU F 31 -3.97 -17.55 -24.04
CA GLU F 31 -4.43 -18.84 -23.55
C GLU F 31 -5.92 -18.96 -23.80
N LEU F 32 -6.39 -20.20 -23.98
CA LEU F 32 -7.80 -20.45 -24.19
C LEU F 32 -8.59 -20.20 -22.91
N ALA F 33 -9.90 -20.00 -23.08
CA ALA F 33 -10.76 -19.76 -21.92
C ALA F 33 -10.75 -20.95 -20.98
N VAL F 34 -10.83 -22.17 -21.53
CA VAL F 34 -10.79 -23.37 -20.70
C VAL F 34 -9.41 -23.51 -20.05
N ASP F 35 -8.35 -23.29 -20.81
CA ASP F 35 -7.00 -23.39 -20.26
C ASP F 35 -6.77 -22.36 -19.15
N LYS F 36 -7.21 -21.13 -19.38
CA LYS F 36 -7.06 -20.10 -18.36
C LYS F 36 -7.88 -20.43 -17.12
N MET F 37 -9.09 -20.95 -17.30
CA MET F 37 -9.91 -21.36 -16.17
C MET F 37 -9.28 -22.53 -15.43
N VAL F 38 -8.76 -23.51 -16.17
CA VAL F 38 -8.11 -24.66 -15.53
C VAL F 38 -6.87 -24.21 -14.78
N THR F 39 -6.06 -23.36 -15.40
CA THR F 39 -4.84 -22.88 -14.74
C THR F 39 -5.16 -22.11 -13.48
N CYS F 40 -6.17 -21.25 -13.51
CA CYS F 40 -6.54 -20.47 -12.34
C CYS F 40 -7.00 -21.36 -11.20
N ILE F 41 -7.83 -22.36 -11.50
CA ILE F 41 -8.34 -23.24 -10.46
C ILE F 41 -7.23 -24.17 -9.96
N ALA F 42 -6.46 -24.74 -10.88
CA ALA F 42 -5.42 -25.68 -10.49
C ALA F 42 -4.30 -25.03 -9.68
N VAL F 43 -4.05 -23.74 -9.89
CA VAL F 43 -2.98 -23.05 -9.18
C VAL F 43 -3.53 -22.22 -8.03
N GLY F 44 -4.63 -21.51 -8.25
CA GLY F 44 -5.18 -20.64 -7.23
C GLY F 44 -5.87 -21.33 -6.08
N LEU F 45 -6.25 -22.60 -6.24
CA LEU F 45 -6.90 -23.32 -5.15
C LEU F 45 -5.88 -23.78 -4.10
N PRO F 46 -4.76 -24.43 -4.48
CA PRO F 46 -3.78 -24.79 -3.45
C PRO F 46 -3.26 -23.59 -2.67
N LEU F 47 -3.06 -22.46 -3.35
CA LEU F 47 -2.66 -21.24 -2.65
C LEU F 47 -3.73 -20.80 -1.67
N LEU F 48 -5.00 -20.88 -2.08
CA LEU F 48 -6.09 -20.53 -1.18
C LEU F 48 -6.11 -21.45 0.04
N LEU F 49 -5.94 -22.75 -0.17
CA LEU F 49 -6.02 -23.71 0.93
C LEU F 49 -4.80 -23.62 1.83
N ILE F 50 -3.63 -23.31 1.27
CA ILE F 50 -2.42 -23.17 2.08
C ILE F 50 -2.60 -22.05 3.11
N SER F 51 -3.07 -20.89 2.65
CA SER F 51 -3.27 -19.77 3.55
C SER F 51 -4.51 -19.92 4.41
N LEU F 52 -5.54 -20.63 3.93
CA LEU F 52 -6.71 -20.88 4.76
C LEU F 52 -6.36 -21.76 5.95
N ALA F 53 -5.55 -22.80 5.72
CA ALA F 53 -5.24 -23.74 6.79
C ALA F 53 -4.49 -23.06 7.93
N PHE F 54 -3.63 -22.10 7.61
CA PHE F 54 -2.80 -21.42 8.61
C PHE F 54 -3.22 -19.97 8.77
N ALA F 55 -4.52 -19.71 8.67
CA ALA F 55 -5.06 -18.39 8.98
C ALA F 55 -5.11 -18.19 10.49
N GLN F 56 -5.05 -16.93 10.91
CA GLN F 56 -5.08 -16.59 12.32
C GLN F 56 -6.47 -16.67 12.94
N GLU F 57 -7.44 -17.25 12.21
CA GLU F 57 -8.79 -17.40 12.71
C GLU F 57 -9.28 -18.84 12.65
N ILE F 58 -8.39 -19.81 12.42
CA ILE F 58 -8.74 -21.21 12.43
C ILE F 58 -7.74 -21.97 13.29
N SER F 59 -6.63 -21.34 13.59
CA SER F 59 -5.55 -21.96 14.35
C SER F 59 -5.33 -21.21 15.66
N ILE F 60 -4.87 -21.94 16.67
CA ILE F 60 -4.55 -21.34 17.96
C ILE F 60 -3.26 -20.53 17.92
N GLY F 61 -2.46 -20.69 16.86
CA GLY F 61 -1.19 -20.00 16.76
C GLY F 61 -0.03 -20.97 16.66
N THR F 62 -0.14 -22.08 17.37
CA THR F 62 0.86 -23.14 17.32
C THR F 62 0.36 -24.29 16.46
N GLN F 63 1.30 -25.01 15.86
CA GLN F 63 0.99 -26.15 15.01
C GLN F 63 1.37 -27.49 15.62
N ILE F 64 2.13 -27.50 16.72
CA ILE F 64 2.42 -28.70 17.48
C ILE F 64 2.29 -28.36 18.96
N SER F 65 1.88 -29.35 19.74
CA SER F 65 1.76 -29.17 21.19
C SER F 65 2.05 -30.50 21.86
N CYS F 66 3.04 -30.51 22.75
CA CYS F 66 3.43 -31.70 23.47
C CYS F 66 3.12 -31.52 24.95
N PHE F 67 2.50 -32.53 25.55
CA PHE F 67 2.11 -32.46 26.96
C PHE F 67 3.31 -32.76 27.84
N SER F 68 3.98 -31.71 28.30
CA SER F 68 5.10 -31.83 29.21
C SER F 68 4.61 -32.03 30.63
N PRO F 69 5.42 -32.64 31.50
CA PRO F 69 5.03 -32.77 32.90
C PRO F 69 4.94 -31.43 33.60
N SER F 70 4.12 -31.37 34.64
CA SER F 70 3.87 -30.12 35.34
C SER F 70 5.12 -29.59 36.02
N SER F 71 6.11 -30.44 36.30
CA SER F 71 7.34 -29.99 36.93
C SER F 71 8.20 -29.13 36.02
N PHE F 72 7.98 -29.19 34.70
CA PHE F 72 8.76 -28.40 33.77
C PHE F 72 8.37 -26.92 33.84
N SER F 73 9.35 -26.06 33.65
CA SER F 73 9.09 -24.65 33.48
C SER F 73 8.51 -24.40 32.09
N TRP F 74 8.05 -23.17 31.85
CA TRP F 74 7.45 -22.88 30.55
C TRP F 74 8.46 -23.00 29.42
N ARG F 75 9.68 -22.51 29.64
CA ARG F 75 10.69 -22.59 28.60
C ARG F 75 11.12 -24.03 28.33
N GLN F 76 11.19 -24.86 29.37
CA GLN F 76 11.44 -26.28 29.16
C GLN F 76 10.32 -26.92 28.36
N ALA F 77 9.07 -26.58 28.67
CA ALA F 77 7.95 -27.07 27.88
C ALA F 77 8.00 -26.52 26.46
N ALA F 78 8.45 -25.28 26.30
CA ALA F 78 8.64 -24.73 24.96
C ALA F 78 9.72 -25.49 24.21
N PHE F 79 10.75 -25.97 24.92
CA PHE F 79 11.78 -26.77 24.28
C PHE F 79 11.22 -28.06 23.72
N VAL F 80 10.35 -28.74 24.50
CA VAL F 80 9.80 -30.01 24.05
C VAL F 80 8.94 -29.80 22.81
N ASP F 81 8.10 -28.77 22.81
CA ASP F 81 7.29 -28.49 21.63
C ASP F 81 8.16 -28.16 20.43
N SER F 82 9.22 -27.37 20.65
CA SER F 82 10.10 -27.00 19.55
C SER F 82 10.96 -28.17 19.10
N TYR F 83 11.48 -28.95 20.04
CA TYR F 83 12.32 -30.10 19.68
C TYR F 83 11.52 -31.12 18.90
N CYS F 84 10.37 -31.53 19.42
CA CYS F 84 9.57 -32.56 18.77
C CYS F 84 9.07 -32.10 17.41
N TRP F 85 8.86 -30.80 17.24
CA TRP F 85 8.53 -30.28 15.91
C TRP F 85 9.70 -30.49 14.95
N ALA F 86 10.93 -30.29 15.44
CA ALA F 86 12.10 -30.64 14.65
C ALA F 86 12.36 -32.14 14.65
N ALA F 87 11.94 -32.84 15.71
CA ALA F 87 12.12 -34.29 15.80
C ALA F 87 10.99 -35.03 15.11
N VAL F 88 10.71 -34.64 13.87
CA VAL F 88 9.81 -35.38 13.00
C VAL F 88 10.56 -36.05 11.86
N GLN F 89 11.75 -35.55 11.51
CA GLN F 89 12.54 -36.09 10.41
C GLN F 89 13.68 -36.97 10.89
N GLN F 90 13.66 -37.37 12.16
CA GLN F 90 14.69 -38.20 12.76
C GLN F 90 14.17 -39.63 12.90
N LYS F 91 15.07 -40.52 13.31
CA LYS F 91 14.75 -41.94 13.39
C LYS F 91 14.79 -42.49 14.82
N ASN F 92 15.83 -42.18 15.58
CA ASN F 92 15.94 -42.71 16.94
C ASN F 92 15.14 -41.87 17.92
N SER F 93 13.87 -41.64 17.58
CA SER F 93 12.93 -40.87 18.39
C SER F 93 11.55 -41.06 17.77
N LEU F 94 10.56 -40.31 18.28
CA LEU F 94 9.19 -40.31 17.80
C LEU F 94 8.67 -41.72 17.50
N GLN F 95 8.92 -42.66 18.42
CA GLN F 95 8.53 -44.05 18.23
C GLN F 95 7.02 -44.17 18.42
N SER F 96 6.29 -43.91 17.34
CA SER F 96 4.83 -44.01 17.36
C SER F 96 4.36 -45.21 16.57
N GLY F 99 6.12 -46.24 11.28
CA GLY F 99 5.44 -45.16 10.61
C GLY F 99 6.36 -44.05 10.13
N ASN F 100 6.19 -42.86 10.71
CA ASN F 100 7.05 -41.70 10.48
C ASN F 100 6.83 -41.11 9.09
N LEU F 101 6.06 -41.78 8.25
CA LEU F 101 5.73 -41.22 6.94
C LEU F 101 4.59 -40.20 7.02
N PRO F 102 3.47 -40.51 7.68
CA PRO F 102 2.42 -39.49 7.80
C PRO F 102 2.86 -38.27 8.57
N LEU F 103 3.77 -38.42 9.55
CA LEU F 103 4.27 -37.27 10.29
C LEU F 103 5.05 -36.33 9.39
N TRP F 104 5.81 -36.87 8.44
CA TRP F 104 6.48 -36.04 7.45
C TRP F 104 5.47 -35.22 6.64
N LEU F 105 4.39 -35.87 6.19
CA LEU F 105 3.39 -35.19 5.38
C LEU F 105 2.64 -34.12 6.18
N HIS F 106 2.32 -34.42 7.44
CA HIS F 106 1.59 -33.47 8.26
C HIS F 106 2.40 -32.20 8.48
N LYS F 107 3.70 -32.35 8.75
CA LYS F 107 4.54 -31.18 8.99
C LYS F 107 4.71 -30.35 7.73
N PHE F 108 4.86 -31.00 6.57
CA PHE F 108 5.17 -30.31 5.32
C PHE F 108 4.00 -30.28 4.35
N PHE F 109 2.77 -30.43 4.85
CA PHE F 109 1.60 -30.38 3.96
C PHE F 109 1.49 -29.06 3.21
N PRO F 110 1.62 -27.89 3.84
CA PRO F 110 1.57 -26.65 3.04
C PRO F 110 2.67 -26.56 2.00
N TYR F 111 3.85 -27.14 2.27
CA TYR F 111 4.91 -27.15 1.27
C TYR F 111 4.53 -28.01 0.08
N ILE F 112 3.93 -29.19 0.33
CA ILE F 112 3.58 -30.09 -0.76
C ILE F 112 2.50 -29.48 -1.65
N LEU F 113 1.51 -28.81 -1.03
CA LEU F 113 0.52 -28.10 -1.83
C LEU F 113 1.17 -26.99 -2.65
N LEU F 114 2.13 -26.27 -2.06
CA LEU F 114 2.85 -25.25 -2.81
C LEU F 114 3.65 -25.88 -3.94
N LEU F 115 4.25 -27.04 -3.69
CA LEU F 115 4.96 -27.75 -4.75
C LEU F 115 4.03 -28.11 -5.90
N PHE F 116 2.82 -28.58 -5.58
CA PHE F 116 1.85 -28.85 -6.63
C PHE F 116 1.43 -27.57 -7.34
N ALA F 117 1.33 -26.46 -6.61
CA ALA F 117 1.03 -25.18 -7.24
C ALA F 117 2.13 -24.78 -8.21
N ILE F 118 3.39 -24.99 -7.83
CA ILE F 118 4.51 -24.70 -8.73
C ILE F 118 4.45 -25.59 -9.96
N LEU F 119 4.26 -26.89 -9.75
CA LEU F 119 4.27 -27.84 -10.87
C LEU F 119 3.08 -27.65 -11.79
N LEU F 120 1.99 -27.06 -11.29
CA LEU F 120 0.84 -26.78 -12.12
C LEU F 120 0.90 -25.41 -12.78
N TYR F 121 1.90 -24.60 -12.44
CA TYR F 121 2.07 -23.30 -13.07
C TYR F 121 3.15 -23.27 -14.13
N LEU F 122 4.12 -24.19 -14.07
CA LEU F 122 5.17 -24.20 -15.08
C LEU F 122 4.66 -24.48 -16.48
N PRO F 123 3.81 -25.49 -16.73
CA PRO F 123 3.34 -25.72 -18.10
C PRO F 123 2.61 -24.50 -18.67
N PRO F 124 1.79 -23.79 -17.88
CA PRO F 124 1.32 -22.49 -18.38
C PRO F 124 2.45 -21.50 -18.65
N LEU F 125 3.49 -21.50 -17.82
CA LEU F 125 4.62 -20.61 -18.06
C LEU F 125 5.48 -21.09 -19.23
N PHE F 126 5.64 -22.40 -19.39
CA PHE F 126 6.34 -22.92 -20.55
C PHE F 126 5.62 -22.59 -21.84
N TRP F 127 4.28 -22.67 -21.82
CA TRP F 127 3.50 -22.31 -23.00
C TRP F 127 3.59 -20.82 -23.28
N ARG F 128 3.72 -20.00 -22.24
CA ARG F 128 3.73 -18.55 -22.42
C ARG F 128 5.00 -18.04 -23.08
N PHE F 129 6.06 -18.84 -23.14
CA PHE F 129 7.32 -18.44 -23.75
C PHE F 129 7.70 -19.31 -24.94
N ALA F 130 7.61 -20.63 -24.81
CA ALA F 130 8.02 -21.53 -25.89
C ALA F 130 7.06 -21.52 -27.07
N ALA F 131 5.78 -21.20 -26.84
CA ALA F 131 4.81 -21.27 -27.92
C ALA F 131 3.87 -20.07 -28.02
N ALA F 132 3.80 -19.21 -27.01
CA ALA F 132 2.85 -18.09 -27.07
C ALA F 132 3.33 -16.99 -28.01
N PRO F 133 4.57 -16.47 -27.88
CA PRO F 133 4.98 -15.39 -28.80
C PRO F 133 4.96 -15.82 -30.26
N HIS F 134 5.28 -17.07 -30.55
CA HIS F 134 5.22 -17.56 -31.93
C HIS F 134 3.79 -17.54 -32.45
N ILE F 135 2.84 -18.00 -31.64
CA ILE F 135 1.43 -17.97 -32.03
C ILE F 135 0.91 -16.54 -32.03
N CYS F 136 1.29 -15.74 -31.03
CA CYS F 136 0.79 -14.37 -30.93
C CYS F 136 1.21 -13.55 -32.14
N SER F 137 2.46 -13.68 -32.58
CA SER F 137 2.90 -13.00 -33.79
C SER F 137 2.14 -13.51 -35.02
N ASP F 138 1.93 -14.82 -35.09
CA ASP F 138 1.14 -15.37 -36.20
C ASP F 138 -0.30 -14.91 -36.13
N LEU F 139 -0.88 -14.85 -34.92
CA LEU F 139 -2.27 -14.46 -34.77
C LEU F 139 -2.49 -13.03 -35.24
N LYS F 140 -1.58 -12.12 -34.90
CA LYS F 140 -1.71 -10.73 -35.33
C LYS F 140 -1.66 -10.62 -36.85
N PHE F 141 -0.77 -11.36 -37.50
CA PHE F 141 -0.68 -11.32 -38.96
C PHE F 141 -1.96 -11.84 -39.61
N ILE F 142 -2.52 -12.93 -39.07
CA ILE F 142 -3.74 -13.50 -39.65
C ILE F 142 -4.90 -12.53 -39.54
N MET F 143 -5.07 -11.92 -38.36
CA MET F 143 -6.14 -10.94 -38.19
C MET F 143 -5.92 -9.72 -39.06
N GLU F 144 -4.67 -9.27 -39.19
CA GLU F 144 -4.38 -8.09 -40.00
C GLU F 144 -4.69 -8.33 -41.47
N GLU F 145 -4.32 -9.50 -41.99
CA GLU F 145 -4.54 -9.77 -43.42
C GLU F 145 -6.01 -10.05 -43.71
N LEU F 146 -6.75 -10.61 -42.76
CA LEU F 146 -8.17 -10.84 -42.96
C LEU F 146 -8.91 -9.51 -43.15
N ASP F 147 -8.55 -8.50 -42.35
CA ASP F 147 -9.14 -7.18 -42.53
C ASP F 147 -8.77 -6.60 -43.88
N LYS F 148 -7.51 -6.78 -44.31
CA LYS F 148 -7.09 -6.29 -45.62
C LYS F 148 -7.85 -6.98 -46.73
N VAL F 149 -8.07 -8.30 -46.61
CA VAL F 149 -8.85 -9.02 -47.60
C VAL F 149 -10.28 -8.51 -47.62
N TYR F 150 -10.88 -8.28 -46.44
CA TYR F 150 -12.23 -7.73 -46.39
C TYR F 150 -12.28 -6.33 -46.98
N ASN F 151 -11.27 -5.50 -46.69
CA ASN F 151 -11.26 -4.13 -47.20
C ASN F 151 -11.15 -4.11 -48.72
N ARG F 152 -10.28 -4.95 -49.30
CA ARG F 152 -10.13 -4.96 -50.74
C ARG F 152 -11.31 -5.61 -51.44
N ALA F 153 -12.00 -6.54 -50.78
CA ALA F 153 -13.19 -7.15 -51.35
C ALA F 153 -14.40 -6.24 -51.29
N ILE F 154 -14.50 -5.41 -50.24
CA ILE F 154 -15.62 -4.47 -50.13
C ILE F 154 -15.38 -3.21 -50.95
N LYS F 155 -14.17 -3.03 -51.47
CA LYS F 155 -13.83 -1.84 -52.27
C LYS F 155 -14.20 -1.99 -53.74
N ALA F 156 -14.86 -3.08 -54.13
CA ALA F 156 -15.24 -3.27 -55.52
C ALA F 156 -16.31 -2.27 -55.96
N ALA F 157 -17.02 -1.65 -55.02
CA ALA F 157 -18.04 -0.65 -55.36
C ALA F 157 -17.39 0.63 -55.87
N PRO F 194 -4.91 -16.42 -53.06
CA PRO F 194 -5.18 -17.00 -51.75
C PRO F 194 -3.92 -17.15 -50.89
N ILE F 195 -3.38 -16.03 -50.43
CA ILE F 195 -2.19 -16.06 -49.58
C ILE F 195 -2.52 -16.71 -48.24
N VAL F 196 -3.69 -16.41 -47.68
CA VAL F 196 -4.06 -16.97 -46.39
C VAL F 196 -4.29 -18.48 -46.50
N GLU F 197 -4.88 -18.92 -47.62
CA GLU F 197 -5.14 -20.35 -47.80
C GLU F 197 -3.85 -21.15 -47.81
N GLN F 198 -2.84 -20.67 -48.53
CA GLN F 198 -1.56 -21.37 -48.58
C GLN F 198 -0.86 -21.33 -47.22
N TYR F 199 -0.95 -20.18 -46.53
CA TYR F 199 -0.31 -20.06 -45.22
C TYR F 199 -0.91 -21.04 -44.22
N LEU F 200 -2.23 -21.17 -44.20
CA LEU F 200 -2.87 -22.12 -43.29
C LEU F 200 -2.50 -23.55 -43.65
N LYS F 201 -2.42 -23.86 -44.94
CA LYS F 201 -2.00 -25.20 -45.36
C LYS F 201 -0.55 -25.47 -44.96
N THR F 202 0.30 -24.43 -44.99
CA THR F 202 1.67 -24.59 -44.52
C THR F 202 1.71 -24.95 -43.04
N LYS F 203 0.87 -24.31 -42.23
CA LYS F 203 0.80 -24.64 -40.82
C LYS F 203 0.24 -26.04 -40.60
N LYS F 204 -0.53 -26.56 -41.56
CA LYS F 204 -1.17 -27.85 -41.39
C LYS F 204 -0.14 -28.99 -41.36
N ASN F 205 0.84 -28.97 -42.29
CA ASN F 205 1.82 -30.04 -42.33
C ASN F 205 2.70 -30.04 -41.08
N SER F 206 3.11 -28.86 -40.62
CA SER F 206 3.90 -28.77 -39.40
C SER F 206 3.05 -29.08 -38.19
N ASN F 207 3.67 -29.73 -37.19
CA ASN F 207 2.97 -30.10 -35.98
C ASN F 207 3.80 -29.84 -34.73
N ASN F 208 4.74 -28.90 -34.81
CA ASN F 208 5.57 -28.59 -33.64
C ASN F 208 4.76 -27.86 -32.56
N LEU F 209 3.91 -26.92 -32.97
CA LEU F 209 3.15 -26.15 -32.00
C LEU F 209 2.14 -27.02 -31.25
N ILE F 210 1.45 -27.91 -31.96
CA ILE F 210 0.42 -28.74 -31.33
C ILE F 210 1.05 -29.70 -30.34
N ILE F 211 2.24 -30.21 -30.64
CA ILE F 211 2.92 -31.12 -29.71
C ILE F 211 3.22 -30.41 -28.39
N LYS F 212 3.67 -29.15 -28.47
CA LYS F 212 3.91 -28.37 -27.26
C LYS F 212 2.62 -28.19 -26.47
N TYR F 213 1.51 -27.92 -27.15
CA TYR F 213 0.22 -27.78 -26.47
C TYR F 213 -0.19 -29.09 -25.81
N ILE F 214 -0.06 -30.20 -26.54
CA ILE F 214 -0.42 -31.50 -25.98
C ILE F 214 0.50 -31.85 -24.83
N SER F 215 1.80 -31.61 -24.98
CA SER F 215 2.73 -31.88 -23.90
C SER F 215 2.44 -31.00 -22.67
N CYS F 216 2.07 -29.75 -22.90
CA CYS F 216 1.70 -28.87 -21.79
C CYS F 216 0.48 -29.39 -21.06
N ARG F 217 -0.54 -29.82 -21.80
CA ARG F 217 -1.74 -30.39 -21.17
C ARG F 217 -1.43 -31.73 -20.53
N LEU F 218 -0.62 -32.56 -21.19
CA LEU F 218 -0.27 -33.85 -20.63
C LEU F 218 0.53 -33.68 -19.34
N LEU F 219 1.47 -32.75 -19.32
CA LEU F 219 2.23 -32.49 -18.10
C LEU F 219 1.33 -32.00 -16.98
N THR F 220 0.39 -31.11 -17.29
CA THR F 220 -0.55 -30.64 -16.29
C THR F 220 -1.44 -31.77 -15.79
N LEU F 221 -1.89 -32.64 -16.70
CA LEU F 221 -2.74 -33.76 -16.31
C LEU F 221 -1.99 -34.72 -15.39
N ILE F 222 -0.72 -34.98 -15.69
CA ILE F 222 0.07 -35.90 -14.85
C ILE F 222 0.22 -35.35 -13.44
N ILE F 223 0.51 -34.06 -13.33
CA ILE F 223 0.67 -33.45 -12.01
C ILE F 223 -0.63 -33.51 -11.22
N ILE F 224 -1.75 -33.22 -11.88
CA ILE F 224 -3.05 -33.33 -11.22
C ILE F 224 -3.32 -34.76 -10.81
N LEU F 225 -3.02 -35.72 -11.70
CA LEU F 225 -3.17 -37.12 -11.33
C LEU F 225 -2.24 -37.49 -10.17
N LEU F 226 -1.00 -36.99 -10.20
CA LEU F 226 -0.11 -37.18 -9.07
C LEU F 226 -0.65 -36.49 -7.81
N ALA F 227 -1.21 -35.29 -7.97
CA ALA F 227 -1.80 -34.60 -6.82
C ALA F 227 -2.97 -35.39 -6.25
N CYS F 228 -3.82 -35.94 -7.12
CA CYS F 228 -4.96 -36.72 -6.65
C CYS F 228 -4.50 -37.94 -5.87
N ILE F 229 -3.42 -38.60 -6.33
CA ILE F 229 -2.91 -39.76 -5.62
C ILE F 229 -2.39 -39.35 -4.25
N TYR F 230 -1.65 -38.25 -4.17
CA TYR F 230 -1.15 -37.79 -2.88
C TYR F 230 -2.28 -37.36 -1.95
N LEU F 231 -3.20 -36.53 -2.46
CA LEU F 231 -4.29 -36.06 -1.62
C LEU F 231 -5.17 -37.22 -1.17
N GLY F 232 -5.45 -38.16 -2.08
CA GLY F 232 -6.19 -39.34 -1.68
C GLY F 232 -5.47 -40.15 -0.62
N TYR F 233 -4.16 -40.32 -0.78
CA TYR F 233 -3.39 -41.01 0.25
C TYR F 233 -3.35 -40.21 1.54
N TYR F 234 -3.17 -38.89 1.43
CA TYR F 234 -3.12 -38.05 2.63
C TYR F 234 -4.45 -38.06 3.36
N PHE F 235 -5.56 -37.98 2.64
CA PHE F 235 -6.87 -38.04 3.27
C PHE F 235 -7.15 -39.42 3.82
N SER F 236 -6.56 -40.46 3.24
CA SER F 236 -6.75 -41.81 3.76
C SER F 236 -6.04 -42.04 5.09
N LEU F 237 -5.07 -41.19 5.42
CA LEU F 237 -4.37 -41.32 6.70
C LEU F 237 -5.35 -41.16 7.85
N SER F 238 -5.26 -42.05 8.84
CA SER F 238 -6.16 -42.00 9.97
C SER F 238 -5.97 -40.72 10.77
N SER F 239 -7.06 -40.21 11.32
CA SER F 239 -7.00 -38.99 12.11
C SER F 239 -6.14 -39.16 13.36
N LEU F 240 -6.07 -40.36 13.92
CA LEU F 240 -5.22 -40.64 15.07
C LEU F 240 -3.82 -41.06 14.65
N SER F 241 -3.20 -40.26 13.78
CA SER F 241 -1.85 -40.48 13.32
C SER F 241 -0.91 -39.33 13.63
N ASP F 242 -1.44 -38.11 13.78
CA ASP F 242 -0.62 -36.97 14.17
C ASP F 242 -0.09 -37.10 15.59
N GLU F 243 -0.74 -37.92 16.42
CA GLU F 243 -0.25 -38.15 17.78
C GLU F 243 0.96 -39.07 17.71
N PHE F 244 2.14 -38.53 17.96
CA PHE F 244 3.37 -39.32 17.95
C PHE F 244 4.05 -39.23 19.30
N VAL F 245 4.67 -40.34 19.69
CA VAL F 245 5.31 -40.47 21.00
C VAL F 245 6.74 -39.96 20.85
N CYS F 246 6.90 -38.64 21.00
CA CYS F 246 8.20 -38.01 20.91
C CYS F 246 9.02 -38.27 22.17
N SER F 247 10.30 -37.95 22.10
CA SER F 247 11.19 -38.15 23.23
C SER F 247 12.40 -37.24 23.10
N ILE F 248 12.91 -36.78 24.24
CA ILE F 248 14.15 -36.00 24.27
C ILE F 248 15.22 -36.80 24.99
N LYS F 249 16.00 -37.57 24.23
CA LYS F 249 17.07 -38.41 24.79
C LYS F 249 18.24 -38.35 23.80
N SER F 250 19.15 -37.41 24.04
CA SER F 250 20.33 -37.25 23.20
C SER F 250 21.36 -36.44 23.97
N GLY F 251 22.62 -36.81 23.80
CA GLY F 251 23.70 -36.13 24.48
C GLY F 251 23.61 -36.23 25.98
N ILE F 252 23.36 -35.10 26.65
CA ILE F 252 23.28 -35.09 28.10
C ILE F 252 21.96 -35.69 28.59
N LEU F 253 20.88 -35.49 27.83
CA LEU F 253 19.55 -35.89 28.29
C LEU F 253 19.39 -37.40 28.42
N ARG F 254 20.22 -38.20 27.75
CA ARG F 254 20.13 -39.66 27.91
C ARG F 254 20.46 -40.07 29.34
N ASN F 255 21.53 -39.51 29.90
CA ASN F 255 21.91 -39.80 31.29
C ASN F 255 21.31 -38.75 32.23
N ASP F 256 19.98 -38.65 32.18
CA ASP F 256 19.26 -37.67 32.98
C ASP F 256 17.92 -38.28 33.36
N SER F 257 17.82 -38.77 34.60
CA SER F 257 16.59 -39.38 35.09
C SER F 257 15.70 -38.35 35.76
N THR F 258 15.46 -37.25 35.04
CA THR F 258 14.57 -36.19 35.48
C THR F 258 13.40 -35.95 34.54
N VAL F 259 13.66 -35.94 33.24
CA VAL F 259 12.60 -35.76 32.24
C VAL F 259 11.90 -37.10 32.04
N PRO F 260 10.63 -37.11 31.65
CA PRO F 260 9.99 -38.38 31.29
C PRO F 260 10.60 -38.94 30.02
N ASP F 261 10.59 -40.26 29.92
CA ASP F 261 11.22 -40.92 28.78
C ASP F 261 10.51 -40.56 27.47
N GLN F 262 9.17 -40.48 27.50
CA GLN F 262 8.38 -40.26 26.30
C GLN F 262 7.42 -39.10 26.52
N PHE F 263 7.19 -38.34 25.44
CA PHE F 263 6.29 -37.19 25.46
C PHE F 263 5.16 -37.41 24.46
N GLN F 264 3.94 -37.09 24.87
CA GLN F 264 2.79 -37.16 23.99
C GLN F 264 2.62 -35.84 23.26
N CYS F 265 2.75 -35.86 21.94
CA CYS F 265 2.61 -34.67 21.12
C CYS F 265 1.40 -34.80 20.22
N LYS F 266 0.95 -33.66 19.70
CA LYS F 266 -0.23 -33.62 18.84
C LYS F 266 -0.05 -32.53 17.82
N LEU F 267 0.04 -32.90 16.54
CA LEU F 267 0.10 -31.92 15.46
C LEU F 267 -1.29 -31.32 15.30
N ILE F 268 -1.46 -30.08 15.74
CA ILE F 268 -2.79 -29.49 15.86
C ILE F 268 -3.43 -29.29 14.49
N ALA F 269 -2.68 -28.70 13.56
CA ALA F 269 -3.21 -28.38 12.24
C ALA F 269 -3.09 -29.60 11.33
N VAL F 270 -3.89 -30.62 11.64
CA VAL F 270 -3.97 -31.83 10.84
C VAL F 270 -5.39 -32.10 10.35
N GLY F 271 -6.38 -32.00 11.25
CA GLY F 271 -7.75 -32.15 10.82
C GLY F 271 -8.15 -31.10 9.80
N ILE F 272 -7.61 -29.89 9.93
CA ILE F 272 -7.82 -28.87 8.90
C ILE F 272 -7.16 -29.30 7.60
N PHE F 273 -5.97 -29.87 7.68
CA PHE F 273 -5.27 -30.31 6.47
C PHE F 273 -6.07 -31.38 5.73
N GLN F 274 -6.56 -32.38 6.46
CA GLN F 274 -7.33 -33.44 5.83
C GLN F 274 -8.65 -32.91 5.27
N LEU F 275 -9.26 -31.93 5.94
CA LEU F 275 -10.45 -31.30 5.41
C LEU F 275 -10.14 -30.58 4.10
N LEU F 276 -9.02 -29.87 4.04
CA LEU F 276 -8.66 -29.15 2.82
C LEU F 276 -8.11 -30.08 1.75
N SER F 277 -7.47 -31.18 2.15
CA SER F 277 -6.92 -32.10 1.16
C SER F 277 -8.03 -32.74 0.33
N VAL F 278 -9.11 -33.19 0.97
CA VAL F 278 -10.20 -33.79 0.22
C VAL F 278 -10.91 -32.75 -0.63
N ILE F 279 -11.01 -31.51 -0.14
CA ILE F 279 -11.61 -30.44 -0.95
C ILE F 279 -10.79 -30.20 -2.21
N ASN F 280 -9.47 -30.14 -2.06
CA ASN F 280 -8.60 -30.03 -3.23
C ASN F 280 -8.69 -31.28 -4.09
N LEU F 281 -8.81 -32.45 -3.46
CA LEU F 281 -8.97 -33.69 -4.22
C LEU F 281 -10.27 -33.69 -4.99
N VAL F 282 -11.36 -33.24 -4.38
CA VAL F 282 -12.66 -33.22 -5.05
C VAL F 282 -12.62 -32.30 -6.26
N VAL F 283 -12.03 -31.12 -6.11
CA VAL F 283 -11.92 -30.20 -7.23
C VAL F 283 -11.05 -30.79 -8.33
N TYR F 284 -9.92 -31.42 -7.95
CA TYR F 284 -9.02 -31.96 -8.95
C TYR F 284 -9.66 -33.10 -9.73
N VAL F 285 -10.36 -34.02 -9.05
CA VAL F 285 -11.03 -35.09 -9.77
C VAL F 285 -12.20 -34.57 -10.57
N LEU F 286 -12.67 -33.35 -10.28
CA LEU F 286 -13.62 -32.69 -11.16
C LEU F 286 -12.91 -31.89 -12.25
N LEU F 287 -11.70 -31.41 -11.98
CA LEU F 287 -10.93 -30.67 -12.98
C LEU F 287 -10.20 -31.60 -13.94
N ALA F 288 -9.91 -32.82 -13.52
CA ALA F 288 -9.22 -33.75 -14.40
C ALA F 288 -9.99 -34.07 -15.69
N PRO F 289 -11.31 -34.32 -15.67
CA PRO F 289 -12.00 -34.51 -16.95
C PRO F 289 -11.92 -33.30 -17.87
N VAL F 290 -11.86 -32.10 -17.30
CA VAL F 290 -11.72 -30.90 -18.13
C VAL F 290 -10.37 -30.90 -18.83
N VAL F 291 -9.32 -31.29 -18.11
CA VAL F 291 -7.97 -31.29 -18.70
C VAL F 291 -7.88 -32.31 -19.83
N VAL F 292 -8.40 -33.52 -19.59
CA VAL F 292 -8.31 -34.56 -20.62
C VAL F 292 -9.19 -34.21 -21.81
N TYR F 293 -10.31 -33.51 -21.58
CA TYR F 293 -11.10 -33.03 -22.71
C TYR F 293 -10.33 -32.02 -23.54
N THR F 294 -9.56 -31.15 -22.89
CA THR F 294 -8.71 -30.22 -23.61
C THR F 294 -7.63 -30.94 -24.40
N LEU F 295 -7.18 -32.10 -23.89
CA LEU F 295 -6.10 -32.84 -24.55
C LEU F 295 -6.51 -33.25 -25.97
N PHE F 296 -7.79 -33.55 -26.18
CA PHE F 296 -8.30 -33.93 -27.50
C PHE F 296 -8.58 -32.65 -28.29
N VAL F 297 -7.52 -32.07 -28.84
CA VAL F 297 -7.61 -30.82 -29.60
C VAL F 297 -8.47 -30.96 -30.86
N PRO F 298 -8.26 -31.96 -31.73
CA PRO F 298 -9.04 -31.99 -32.97
C PRO F 298 -10.55 -32.12 -32.77
N PHE F 299 -10.98 -32.82 -31.73
CA PHE F 299 -12.41 -32.97 -31.49
C PHE F 299 -13.05 -31.67 -31.00
N ARG F 300 -12.29 -30.87 -30.25
CA ARG F 300 -12.82 -29.60 -29.75
C ARG F 300 -13.11 -28.64 -30.89
N GLN F 301 -12.21 -28.55 -31.86
CA GLN F 301 -12.32 -27.55 -32.91
C GLN F 301 -13.38 -27.92 -33.93
N LYS F 302 -13.80 -26.91 -34.70
CA LYS F 302 -14.65 -27.11 -35.86
C LYS F 302 -13.97 -26.46 -37.06
N THR F 303 -13.88 -27.20 -38.16
CA THR F 303 -13.16 -26.73 -39.33
C THR F 303 -13.88 -25.57 -40.02
N ASP F 304 -15.19 -25.43 -39.84
CA ASP F 304 -15.96 -24.40 -40.51
C ASP F 304 -15.90 -23.05 -39.80
N VAL F 305 -14.91 -22.82 -38.94
CA VAL F 305 -14.78 -21.53 -38.27
C VAL F 305 -14.51 -20.43 -39.28
N LEU F 306 -13.62 -20.68 -40.25
CA LEU F 306 -13.31 -19.72 -41.28
C LEU F 306 -14.19 -19.88 -42.53
N LYS F 307 -15.12 -20.82 -42.53
CA LYS F 307 -16.00 -21.01 -43.67
C LYS F 307 -16.96 -19.84 -43.87
N VAL F 308 -17.08 -18.94 -42.89
CA VAL F 308 -17.92 -17.77 -43.04
C VAL F 308 -17.34 -16.77 -44.03
N TYR F 309 -16.08 -16.95 -44.43
CA TYR F 309 -15.44 -16.06 -45.40
C TYR F 309 -15.71 -16.45 -46.84
N GLU F 310 -16.46 -17.53 -47.08
CA GLU F 310 -16.81 -17.92 -48.43
C GLU F 310 -17.78 -16.94 -49.09
N ILE F 311 -18.41 -16.06 -48.31
CA ILE F 311 -19.31 -15.06 -48.89
C ILE F 311 -18.54 -14.10 -49.78
N LEU F 312 -17.31 -13.76 -49.40
CA LEU F 312 -16.49 -12.88 -50.20
C LEU F 312 -16.18 -13.54 -51.55
N PRO F 313 -16.39 -12.85 -52.67
CA PRO F 313 -16.09 -13.46 -53.97
C PRO F 313 -14.62 -13.84 -54.13
N THR F 314 -13.70 -13.08 -53.55
CA THR F 314 -12.27 -13.38 -53.65
C THR F 314 -11.80 -14.26 -52.50
N PHE F 315 -12.48 -15.38 -52.30
CA PHE F 315 -12.13 -16.32 -51.24
C PHE F 315 -12.69 -17.68 -51.60
N ASP F 316 -11.82 -18.60 -51.98
CA ASP F 316 -12.23 -19.94 -52.37
C ASP F 316 -12.35 -20.83 -51.13
N VAL F 317 -12.74 -22.08 -51.35
CA VAL F 317 -12.93 -23.02 -50.24
C VAL F 317 -11.58 -23.39 -49.64
N LEU F 318 -11.60 -23.76 -48.36
CA LEU F 318 -10.37 -24.14 -47.66
C LEU F 318 -10.05 -25.61 -47.91
N SER F 322 -7.18 -31.00 -39.31
CA SER F 322 -8.46 -31.50 -38.82
C SER F 322 -8.47 -33.03 -38.75
N GLU F 323 -7.71 -33.65 -39.64
CA GLU F 323 -7.64 -35.11 -39.67
C GLU F 323 -6.66 -35.68 -38.65
N GLY F 324 -5.88 -34.83 -37.99
CA GLY F 324 -4.91 -35.33 -37.04
C GLY F 324 -4.40 -34.22 -36.15
N TYR F 325 -3.40 -34.57 -35.34
CA TYR F 325 -2.78 -33.64 -34.40
C TYR F 325 -1.84 -32.73 -35.18
N ASN F 326 -2.40 -31.64 -35.70
CA ASN F 326 -1.65 -30.68 -36.49
C ASN F 326 -1.83 -29.28 -35.92
N ASP F 327 -0.91 -28.38 -36.30
CA ASP F 327 -0.97 -27.01 -35.83
C ASP F 327 -2.21 -26.27 -36.35
N LEU F 328 -2.81 -26.76 -37.44
CA LEU F 328 -4.04 -26.13 -37.94
C LEU F 328 -5.16 -26.20 -36.90
N SER F 329 -5.27 -27.34 -36.22
CA SER F 329 -6.28 -27.46 -35.17
C SER F 329 -6.00 -26.49 -34.03
N LEU F 330 -4.75 -26.36 -33.64
CA LEU F 330 -4.39 -25.45 -32.55
C LEU F 330 -4.70 -24.00 -32.91
N TYR F 331 -4.35 -23.60 -34.15
CA TYR F 331 -4.62 -22.22 -34.56
C TYR F 331 -6.11 -21.94 -34.62
N ASN F 332 -6.90 -22.90 -35.10
CA ASN F 332 -8.34 -22.70 -35.18
C ASN F 332 -8.95 -22.49 -33.79
N LEU F 333 -8.48 -23.23 -32.80
CA LEU F 333 -8.96 -23.02 -31.44
C LEU F 333 -8.61 -21.62 -30.95
N PHE F 334 -7.38 -21.18 -31.20
CA PHE F 334 -7.00 -19.82 -30.83
C PHE F 334 -7.75 -18.79 -31.66
N LEU F 335 -8.00 -19.08 -32.94
CA LEU F 335 -8.79 -18.17 -33.75
C LEU F 335 -10.20 -18.04 -33.21
N GLU F 336 -10.82 -19.17 -32.84
CA GLU F 336 -12.20 -19.16 -32.38
C GLU F 336 -12.35 -18.33 -31.11
N GLU F 337 -11.31 -18.30 -30.27
CA GLU F 337 -11.39 -17.58 -29.01
C GLU F 337 -11.18 -16.08 -29.15
N ASN F 338 -10.68 -15.60 -30.29
CA ASN F 338 -10.43 -14.17 -30.45
C ASN F 338 -10.79 -13.63 -31.83
N ILE F 339 -11.49 -14.39 -32.67
CA ILE F 339 -11.90 -13.87 -33.97
C ILE F 339 -13.07 -12.90 -33.86
N SER F 340 -13.77 -12.88 -32.72
CA SER F 340 -14.92 -12.02 -32.55
C SER F 340 -14.53 -10.57 -32.25
N GLU F 341 -13.27 -10.31 -31.89
CA GLU F 341 -12.87 -8.94 -31.55
C GLU F 341 -12.71 -8.06 -32.77
N VAL F 342 -12.36 -8.63 -33.93
CA VAL F 342 -12.19 -7.83 -35.14
C VAL F 342 -13.55 -7.48 -35.72
N LYS F 343 -13.66 -6.27 -36.25
CA LYS F 343 -14.94 -5.80 -36.77
C LYS F 343 -15.33 -6.52 -38.06
N SER F 344 -14.34 -6.97 -38.84
CA SER F 344 -14.64 -7.61 -40.12
C SER F 344 -15.35 -8.95 -39.93
N TYR F 345 -15.06 -9.67 -38.85
CA TYR F 345 -15.67 -10.97 -38.64
C TYR F 345 -17.14 -10.87 -38.25
N LYS F 346 -17.47 -9.95 -37.33
CA LYS F 346 -18.86 -9.84 -36.88
C LYS F 346 -19.77 -9.39 -38.01
N CYS F 347 -19.33 -8.41 -38.80
CA CYS F 347 -20.13 -7.96 -39.93
C CYS F 347 -20.33 -9.08 -40.95
N LEU F 348 -19.28 -9.86 -41.20
CA LEU F 348 -19.39 -10.96 -42.16
C LEU F 348 -20.25 -12.09 -41.60
N LYS F 349 -20.14 -12.36 -40.29
CA LYS F 349 -20.90 -13.46 -39.69
C LYS F 349 -22.39 -13.21 -39.76
N VAL F 350 -22.81 -11.94 -39.64
CA VAL F 350 -24.23 -11.61 -39.72
C VAL F 350 -24.77 -11.93 -41.11
N LEU F 351 -24.00 -11.60 -42.16
CA LEU F 351 -24.41 -11.92 -43.52
C LEU F 351 -24.53 -13.43 -43.71
N GLU F 352 -23.65 -14.20 -43.07
CA GLU F 352 -23.76 -15.65 -43.13
C GLU F 352 -25.04 -16.15 -42.48
N ASN F 353 -25.56 -15.42 -41.50
CA ASN F 353 -26.79 -15.77 -40.81
C ASN F 353 -28.04 -15.30 -41.55
N ILE F 354 -27.92 -15.00 -42.85
CA ILE F 354 -29.06 -14.54 -43.64
C ILE F 354 -29.55 -15.67 -44.54
N ALA G 2 1.71 -14.72 5.26
CA ALA G 2 1.21 -16.02 4.84
C ALA G 2 2.08 -16.62 3.74
N ILE G 3 2.14 -17.95 3.67
CA ILE G 3 2.94 -18.61 2.66
C ILE G 3 2.39 -18.32 1.26
N ALA G 4 1.07 -18.31 1.12
CA ALA G 4 0.47 -18.10 -0.20
C ALA G 4 0.83 -16.73 -0.75
N GLN G 5 0.69 -15.68 0.07
CA GLN G 5 1.11 -14.35 -0.37
C GLN G 5 2.62 -14.23 -0.42
N LEU G 6 3.33 -15.07 0.34
CA LEU G 6 4.78 -15.11 0.27
C LEU G 6 5.25 -15.53 -1.11
N ALA G 7 4.70 -16.62 -1.63
CA ALA G 7 5.06 -17.06 -2.97
C ALA G 7 4.58 -16.08 -4.03
N THR G 8 3.45 -15.42 -3.77
CA THR G 8 2.86 -14.50 -4.75
C THR G 8 3.85 -13.41 -5.16
N GLU G 9 4.65 -12.93 -4.20
CA GLU G 9 5.59 -11.85 -4.49
C GLU G 9 6.66 -12.29 -5.49
N TYR G 10 7.17 -13.51 -5.34
CA TYR G 10 8.30 -13.96 -6.15
C TYR G 10 7.90 -14.88 -7.29
N VAL G 11 6.78 -15.59 -7.16
CA VAL G 11 6.28 -16.48 -8.20
C VAL G 11 4.78 -16.19 -8.38
N PHE G 12 4.23 -16.67 -9.49
CA PHE G 12 2.88 -16.37 -9.97
C PHE G 12 2.75 -14.93 -10.43
N SER G 13 3.80 -14.12 -10.28
CA SER G 13 3.81 -12.73 -10.72
C SER G 13 5.20 -12.41 -11.22
N ASP G 14 5.29 -11.45 -12.13
CA ASP G 14 6.57 -11.09 -12.72
C ASP G 14 7.42 -10.34 -11.70
N PHE G 15 8.26 -11.08 -10.98
CA PHE G 15 9.15 -10.47 -10.01
C PHE G 15 10.37 -9.85 -10.71
N LEU G 16 11.10 -10.66 -11.47
CA LEU G 16 12.16 -10.15 -12.34
C LEU G 16 12.08 -10.79 -13.73
N LEU G 17 10.94 -11.40 -14.06
CA LEU G 17 10.73 -12.06 -15.34
C LEU G 17 10.09 -11.14 -16.37
N LYS G 18 9.91 -9.87 -16.04
CA LYS G 18 9.25 -8.90 -16.91
C LYS G 18 10.26 -7.90 -17.46
N GLU G 19 9.89 -7.27 -18.56
CA GLU G 19 10.69 -6.19 -19.10
C GLU G 19 10.69 -5.02 -18.11
N PRO G 20 11.85 -4.46 -17.77
CA PRO G 20 11.89 -3.40 -16.76
C PRO G 20 11.10 -2.17 -17.19
N THR G 21 10.48 -1.53 -16.21
CA THR G 21 9.67 -0.33 -16.47
C THR G 21 10.56 0.90 -16.59
N GLU G 22 11.56 0.83 -17.46
CA GLU G 22 12.48 1.94 -17.69
C GLU G 22 12.34 2.40 -19.14
N PRO G 23 11.77 3.59 -19.39
CA PRO G 23 11.55 4.06 -20.76
C PRO G 23 12.81 4.56 -21.46
N LYS G 24 13.88 3.78 -21.37
CA LYS G 24 15.15 4.11 -22.02
C LYS G 24 15.57 3.07 -23.05
N PHE G 25 15.13 1.82 -22.92
CA PHE G 25 15.41 0.79 -23.91
C PHE G 25 14.32 0.66 -24.96
N LYS G 26 13.30 1.52 -24.92
CA LYS G 26 12.24 1.57 -25.92
C LYS G 26 11.47 0.24 -26.01
N GLY G 27 11.36 -0.44 -24.87
CA GLY G 27 10.56 -1.66 -24.79
C GLY G 27 11.07 -2.81 -25.63
N LEU G 28 12.24 -3.34 -25.28
CA LEU G 28 12.82 -4.48 -25.97
C LEU G 28 13.34 -5.47 -24.96
N ARG G 29 13.41 -6.74 -25.36
CA ARG G 29 13.92 -7.79 -24.49
C ARG G 29 15.44 -7.72 -24.46
N LEU G 30 16.00 -7.26 -23.35
CA LEU G 30 17.44 -7.16 -23.17
C LEU G 30 18.07 -8.47 -22.73
N GLU G 31 17.27 -9.49 -22.42
CA GLU G 31 17.76 -10.80 -22.06
C GLU G 31 16.99 -11.86 -22.83
N LEU G 32 17.66 -12.98 -23.08
CA LEU G 32 17.02 -14.08 -23.80
C LEU G 32 15.97 -14.75 -22.92
N ALA G 33 15.06 -15.48 -23.56
CA ALA G 33 14.01 -16.16 -22.82
C ALA G 33 14.58 -17.21 -21.88
N VAL G 34 15.58 -17.96 -22.34
CA VAL G 34 16.23 -18.95 -21.47
C VAL G 34 17.00 -18.25 -20.36
N ASP G 35 17.73 -17.18 -20.70
CA ASP G 35 18.48 -16.45 -19.67
C ASP G 35 17.56 -15.83 -18.63
N LYS G 36 16.45 -15.24 -19.07
CA LYS G 36 15.49 -14.66 -18.13
C LYS G 36 14.86 -15.74 -17.26
N MET G 37 14.54 -16.89 -17.86
CA MET G 37 13.98 -17.99 -17.08
C MET G 37 15.01 -18.53 -16.08
N VAL G 38 16.26 -18.68 -16.52
CA VAL G 38 17.30 -19.17 -15.62
C VAL G 38 17.53 -18.18 -14.49
N THR G 39 17.60 -16.89 -14.82
CA THR G 39 17.83 -15.88 -13.80
C THR G 39 16.69 -15.85 -12.78
N CYS G 40 15.45 -15.95 -13.25
CA CYS G 40 14.31 -15.92 -12.34
C CYS G 40 14.33 -17.11 -11.39
N ILE G 41 14.61 -18.31 -11.92
CA ILE G 41 14.62 -19.51 -11.09
C ILE G 41 15.84 -19.49 -10.16
N ALA G 42 17.01 -19.14 -10.69
CA ALA G 42 18.23 -19.16 -9.88
C ALA G 42 18.21 -18.13 -8.76
N VAL G 43 17.50 -17.02 -8.95
CA VAL G 43 17.46 -15.97 -7.94
C VAL G 43 16.17 -16.04 -7.12
N GLY G 44 15.04 -16.27 -7.78
CA GLY G 44 13.76 -16.27 -7.10
C GLY G 44 13.49 -17.49 -6.23
N LEU G 45 14.22 -18.58 -6.44
CA LEU G 45 14.01 -19.77 -5.62
C LEU G 45 14.66 -19.63 -4.25
N PRO G 46 15.94 -19.22 -4.15
CA PRO G 46 16.51 -19.03 -2.80
C PRO G 46 15.74 -18.02 -1.97
N LEU G 47 15.25 -16.95 -2.60
CA LEU G 47 14.40 -16.00 -1.88
C LEU G 47 13.12 -16.66 -1.39
N LEU G 48 12.51 -17.49 -2.23
CA LEU G 48 11.32 -18.21 -1.82
C LEU G 48 11.61 -19.12 -0.64
N LEU G 49 12.72 -19.86 -0.69
CA LEU G 49 13.03 -20.82 0.35
C LEU G 49 13.47 -20.13 1.64
N ILE G 50 14.14 -18.98 1.53
CA ILE G 50 14.54 -18.24 2.72
C ILE G 50 13.33 -17.83 3.53
N SER G 51 12.33 -17.24 2.87
CA SER G 51 11.13 -16.82 3.56
C SER G 51 10.21 -17.97 3.92
N LEU G 52 10.22 -19.04 3.13
CA LEU G 52 9.42 -20.22 3.48
C LEU G 52 9.92 -20.86 4.77
N ALA G 53 11.24 -20.96 4.92
CA ALA G 53 11.80 -21.64 6.08
C ALA G 53 11.45 -20.92 7.37
N PHE G 54 11.38 -19.59 7.34
CA PHE G 54 11.11 -18.78 8.52
C PHE G 54 9.75 -18.11 8.44
N ALA G 55 8.78 -18.79 7.84
CA ALA G 55 7.41 -18.34 7.85
C ALA G 55 6.79 -18.58 9.21
N GLN G 56 5.77 -17.77 9.55
CA GLN G 56 5.10 -17.87 10.83
C GLN G 56 4.11 -19.03 10.89
N GLU G 57 4.14 -19.92 9.90
CA GLU G 57 3.25 -21.08 9.87
C GLU G 57 4.01 -22.39 9.72
N ILE G 58 5.33 -22.38 9.89
CA ILE G 58 6.12 -23.60 9.86
C ILE G 58 7.04 -23.63 11.08
N SER G 59 7.19 -22.49 11.73
CA SER G 59 8.08 -22.35 12.87
C SER G 59 7.29 -21.98 14.12
N ILE G 60 7.80 -22.40 15.27
CA ILE G 60 7.18 -22.06 16.55
C ILE G 60 7.42 -20.61 16.93
N GLY G 61 8.35 -19.93 16.26
CA GLY G 61 8.67 -18.55 16.59
C GLY G 61 10.13 -18.39 16.99
N THR G 62 10.66 -19.40 17.67
CA THR G 62 12.05 -19.43 18.06
C THR G 62 12.83 -20.37 17.15
N GLN G 63 14.11 -20.08 16.99
CA GLN G 63 15.00 -20.88 16.16
C GLN G 63 16.01 -21.69 16.95
N ILE G 64 16.17 -21.42 18.24
CA ILE G 64 16.99 -22.21 19.13
C ILE G 64 16.24 -22.41 20.44
N SER G 65 16.46 -23.55 21.08
CA SER G 65 15.83 -23.85 22.35
C SER G 65 16.76 -24.71 23.18
N CYS G 66 17.13 -24.23 24.36
CA CYS G 66 18.03 -24.94 25.26
C CYS G 66 17.25 -25.37 26.50
N PHE G 67 17.42 -26.63 26.89
CA PHE G 67 16.71 -27.18 28.04
C PHE G 67 17.42 -26.75 29.31
N SER G 68 16.93 -25.67 29.93
CA SER G 68 17.45 -25.19 31.19
C SER G 68 16.87 -25.99 32.35
N PRO G 69 17.56 -26.05 33.48
CA PRO G 69 17.00 -26.73 34.66
C PRO G 69 15.76 -26.02 35.17
N SER G 70 14.90 -26.80 35.84
CA SER G 70 13.63 -26.26 36.32
C SER G 70 13.82 -25.19 37.39
N SER G 71 14.98 -25.16 38.05
CA SER G 71 15.23 -24.14 39.07
C SER G 71 15.41 -22.76 38.48
N PHE G 72 15.71 -22.64 37.19
CA PHE G 72 15.90 -21.35 36.56
C PHE G 72 14.58 -20.62 36.39
N SER G 73 14.63 -19.30 36.52
CA SER G 73 13.49 -18.47 36.17
C SER G 73 13.36 -18.39 34.66
N TRP G 74 12.26 -17.81 34.19
CA TRP G 74 12.05 -17.73 32.75
C TRP G 74 13.10 -16.84 32.08
N ARG G 75 13.44 -15.72 32.71
CA ARG G 75 14.44 -14.84 32.11
C ARG G 75 15.82 -15.48 32.11
N GLN G 76 16.16 -16.24 33.16
CA GLN G 76 17.41 -17.00 33.15
C GLN G 76 17.42 -18.02 32.02
N ALA G 77 16.29 -18.72 31.83
CA ALA G 77 16.19 -19.65 30.71
C ALA G 77 16.23 -18.92 29.38
N ALA G 78 15.67 -17.72 29.33
CA ALA G 78 15.79 -16.90 28.12
C ALA G 78 17.24 -16.50 27.87
N PHE G 79 18.01 -16.29 28.94
CA PHE G 79 19.42 -15.98 28.77
C PHE G 79 20.17 -17.14 28.13
N VAL G 80 19.89 -18.37 28.57
CA VAL G 80 20.59 -19.53 28.04
C VAL G 80 20.29 -19.70 26.55
N ASP G 81 19.02 -19.55 26.17
CA ASP G 81 18.65 -19.65 24.76
C ASP G 81 19.32 -18.55 23.95
N SER G 82 19.34 -17.33 24.50
CA SER G 82 19.94 -16.22 23.78
C SER G 82 21.47 -16.34 23.75
N TYR G 83 22.07 -16.72 24.87
CA TYR G 83 23.53 -16.85 24.91
C TYR G 83 24.01 -17.94 23.95
N CYS G 84 23.42 -19.13 24.05
CA CYS G 84 23.87 -20.24 23.21
C CYS G 84 23.63 -19.97 21.73
N TRP G 85 22.60 -19.17 21.41
CA TRP G 85 22.43 -18.72 20.02
C TRP G 85 23.58 -17.85 19.58
N ALA G 86 24.07 -16.98 20.48
CA ALA G 86 25.28 -16.23 20.20
C ALA G 86 26.52 -17.09 20.40
N ALA G 87 26.46 -18.10 21.26
CA ALA G 87 27.59 -19.00 21.50
C ALA G 87 27.63 -20.13 20.48
N VAL G 88 27.53 -19.77 19.21
CA VAL G 88 27.77 -20.70 18.11
C VAL G 88 29.06 -20.38 17.38
N GLN G 89 29.55 -19.15 17.46
CA GLN G 89 30.75 -18.71 16.77
C GLN G 89 31.96 -18.65 17.69
N GLN G 90 31.86 -19.22 18.88
CA GLN G 90 32.92 -19.22 19.88
C GLN G 90 33.59 -20.59 19.91
N LYS G 91 34.68 -20.69 20.67
CA LYS G 91 35.49 -21.90 20.72
C LYS G 91 35.47 -22.57 22.08
N ASN G 92 35.68 -21.82 23.16
CA ASN G 92 35.73 -22.41 24.49
C ASN G 92 34.32 -22.62 25.05
N SER G 93 33.47 -23.24 24.25
CA SER G 93 32.08 -23.55 24.61
C SER G 93 31.54 -24.49 23.53
N LEU G 94 30.24 -24.77 23.60
CA LEU G 94 29.52 -25.61 22.65
C LEU G 94 30.31 -26.87 22.27
N GLN G 95 30.87 -27.55 23.27
CA GLN G 95 31.69 -28.74 23.04
C GLN G 95 30.78 -29.90 22.67
N SER G 96 30.46 -29.98 21.38
CA SER G 96 29.60 -31.05 20.87
C SER G 96 30.41 -32.04 20.02
N GLY G 99 33.83 -30.32 15.84
CA GLY G 99 32.82 -29.90 14.90
C GLY G 99 32.74 -28.39 14.73
N ASN G 100 31.60 -27.82 15.13
CA ASN G 100 31.36 -26.37 15.16
C ASN G 100 31.21 -25.80 13.75
N LEU G 101 31.46 -26.61 12.72
CA LEU G 101 31.25 -26.14 11.36
C LEU G 101 29.77 -26.25 10.96
N PRO G 102 29.10 -27.39 11.17
CA PRO G 102 27.67 -27.44 10.83
C PRO G 102 26.83 -26.46 11.63
N LEU G 103 27.22 -26.16 12.87
CA LEU G 103 26.48 -25.20 13.68
C LEU G 103 26.55 -23.80 13.08
N TRP G 104 27.71 -23.45 12.50
CA TRP G 104 27.81 -22.18 11.78
C TRP G 104 26.83 -22.14 10.61
N LEU G 105 26.76 -23.22 9.83
CA LEU G 105 25.88 -23.24 8.68
C LEU G 105 24.42 -23.22 9.07
N HIS G 106 24.06 -23.94 10.14
CA HIS G 106 22.65 -23.97 10.57
C HIS G 106 22.18 -22.59 11.00
N LYS G 107 23.02 -21.85 11.73
CA LYS G 107 22.64 -20.52 12.19
C LYS G 107 22.50 -19.55 11.03
N PHE G 108 23.41 -19.63 10.06
CA PHE G 108 23.49 -18.66 8.97
C PHE G 108 23.02 -19.23 7.64
N PHE G 109 22.21 -20.28 7.65
CA PHE G 109 21.72 -20.85 6.39
C PHE G 109 20.91 -19.86 5.57
N PRO G 110 19.95 -19.10 6.13
CA PRO G 110 19.27 -18.09 5.30
C PRO G 110 20.21 -17.05 4.73
N TYR G 111 21.26 -16.69 5.45
CA TYR G 111 22.24 -15.75 4.92
C TYR G 111 22.99 -16.33 3.73
N ILE G 112 23.37 -17.60 3.81
CA ILE G 112 24.13 -18.21 2.73
C ILE G 112 23.29 -18.34 1.47
N LEU G 113 22.00 -18.70 1.63
CA LEU G 113 21.11 -18.71 0.48
C LEU G 113 20.96 -17.31 -0.11
N LEU G 114 20.85 -16.30 0.75
CA LEU G 114 20.79 -14.93 0.26
C LEU G 114 22.09 -14.55 -0.45
N LEU G 115 23.22 -14.99 0.07
CA LEU G 115 24.49 -14.74 -0.60
C LEU G 115 24.51 -15.36 -2.00
N PHE G 116 24.00 -16.60 -2.11
CA PHE G 116 23.90 -17.22 -3.43
C PHE G 116 22.93 -16.46 -4.32
N ALA G 117 21.85 -15.94 -3.75
CA ALA G 117 20.92 -15.12 -4.53
C ALA G 117 21.61 -13.86 -5.04
N ILE G 118 22.44 -13.23 -4.22
CA ILE G 118 23.18 -12.05 -4.66
C ILE G 118 24.16 -12.42 -5.76
N LEU G 119 24.92 -13.51 -5.56
CA LEU G 119 25.94 -13.88 -6.53
C LEU G 119 25.34 -14.37 -7.84
N LEU G 120 24.09 -14.83 -7.80
CA LEU G 120 23.40 -15.24 -9.02
C LEU G 120 22.64 -14.10 -9.70
N TYR G 121 22.58 -12.94 -9.06
CA TYR G 121 21.93 -11.78 -9.66
C TYR G 121 22.90 -10.77 -10.25
N LEU G 122 24.15 -10.75 -9.78
CA LEU G 122 25.13 -9.81 -10.33
C LEU G 122 25.43 -10.03 -11.80
N PRO G 123 25.70 -11.25 -12.28
CA PRO G 123 25.97 -11.43 -13.72
C PRO G 123 24.81 -10.97 -14.58
N PRO G 124 23.54 -11.21 -14.20
CA PRO G 124 22.46 -10.53 -14.91
C PRO G 124 22.53 -9.02 -14.82
N LEU G 125 22.94 -8.48 -13.67
CA LEU G 125 23.07 -7.04 -13.52
C LEU G 125 24.29 -6.50 -14.26
N PHE G 126 25.39 -7.26 -14.26
CA PHE G 126 26.55 -6.88 -15.05
C PHE G 126 26.23 -6.85 -16.53
N TRP G 127 25.46 -7.83 -17.00
CA TRP G 127 25.06 -7.85 -18.41
C TRP G 127 24.13 -6.69 -18.73
N ARG G 128 23.30 -6.28 -17.77
CA ARG G 128 22.31 -5.24 -18.01
C ARG G 128 22.93 -3.86 -18.20
N PHE G 129 24.19 -3.67 -17.80
CA PHE G 129 24.87 -2.39 -17.94
C PHE G 129 26.09 -2.46 -18.84
N ALA G 130 26.95 -3.46 -18.68
CA ALA G 130 28.17 -3.53 -19.46
C ALA G 130 27.92 -3.93 -20.91
N ALA G 131 26.83 -4.64 -21.20
CA ALA G 131 26.58 -5.11 -22.55
C ALA G 131 25.17 -4.92 -23.06
N ALA G 132 24.19 -4.60 -22.21
CA ALA G 132 22.82 -4.47 -22.68
C ALA G 132 22.59 -3.16 -23.44
N PRO G 133 22.96 -1.99 -22.90
CA PRO G 133 22.71 -0.76 -23.68
C PRO G 133 23.44 -0.72 -25.01
N HIS G 134 24.63 -1.30 -25.08
CA HIS G 134 25.35 -1.37 -26.35
C HIS G 134 24.60 -2.22 -27.36
N ILE G 135 24.10 -3.38 -26.92
CA ILE G 135 23.32 -4.23 -27.82
C ILE G 135 21.95 -3.60 -28.10
N CYS G 136 21.33 -3.03 -27.08
CA CYS G 136 19.99 -2.45 -27.26
C CYS G 136 20.01 -1.32 -28.29
N SER G 137 21.02 -0.45 -28.21
CA SER G 137 21.15 0.60 -29.22
C SER G 137 21.42 0.00 -30.60
N ASP G 138 22.25 -1.03 -30.68
CA ASP G 138 22.49 -1.70 -31.94
C ASP G 138 21.24 -2.40 -32.44
N LEU G 139 20.48 -3.01 -31.54
CA LEU G 139 19.28 -3.75 -31.94
C LEU G 139 18.25 -2.81 -32.55
N LYS G 140 18.06 -1.63 -31.95
CA LYS G 140 17.10 -0.68 -32.49
C LYS G 140 17.50 -0.21 -33.88
N PHE G 141 18.80 0.04 -34.11
CA PHE G 141 19.25 0.45 -35.43
C PHE G 141 19.01 -0.63 -36.47
N ILE G 142 19.29 -1.88 -36.12
CA ILE G 142 19.12 -2.98 -37.07
C ILE G 142 17.65 -3.14 -37.45
N MET G 143 16.76 -3.10 -36.46
CA MET G 143 15.34 -3.21 -36.76
C MET G 143 14.85 -2.02 -37.57
N GLU G 144 15.34 -0.82 -37.24
CA GLU G 144 14.91 0.38 -37.96
C GLU G 144 15.33 0.33 -39.43
N GLU G 145 16.56 -0.09 -39.71
CA GLU G 145 17.04 -0.11 -41.09
C GLU G 145 16.41 -1.24 -41.89
N LEU G 146 16.08 -2.37 -41.24
CA LEU G 146 15.41 -3.45 -41.94
C LEU G 146 14.05 -3.01 -42.46
N ASP G 147 13.30 -2.25 -41.66
CA ASP G 147 12.04 -1.70 -42.13
C ASP G 147 12.25 -0.73 -43.28
N LYS G 148 13.29 0.10 -43.20
CA LYS G 148 13.58 1.02 -44.28
C LYS G 148 13.95 0.27 -45.57
N VAL G 149 14.72 -0.80 -45.45
CA VAL G 149 15.04 -1.62 -46.60
C VAL G 149 13.78 -2.24 -47.19
N TYR G 150 12.90 -2.76 -46.33
CA TYR G 150 11.65 -3.33 -46.81
C TYR G 150 10.77 -2.27 -47.47
N ASN G 151 10.72 -1.07 -46.87
CA ASN G 151 9.89 -0.01 -47.43
C ASN G 151 10.40 0.43 -48.81
N ARG G 152 11.71 0.59 -48.96
CA ARG G 152 12.25 1.01 -50.24
C ARG G 152 12.20 -0.09 -51.29
N ALA G 153 12.23 -1.36 -50.87
CA ALA G 153 12.10 -2.46 -51.81
C ALA G 153 10.66 -2.69 -52.24
N ILE G 154 9.70 -2.42 -51.36
CA ILE G 154 8.29 -2.57 -51.73
C ILE G 154 7.77 -1.35 -52.48
N LYS G 155 8.54 -0.27 -52.54
CA LYS G 155 8.14 0.96 -53.22
C LYS G 155 8.45 0.94 -54.71
N ALA G 156 8.94 -0.19 -55.24
CA ALA G 156 9.25 -0.26 -56.66
C ALA G 156 7.99 -0.20 -57.53
N ALA G 157 6.83 -0.48 -56.96
CA ALA G 157 5.58 -0.42 -57.71
C ALA G 157 5.20 1.03 -58.03
N PRO G 194 24.48 -2.74 -49.76
CA PRO G 194 24.34 -3.64 -48.60
C PRO G 194 24.98 -3.07 -47.33
N ILE G 195 24.36 -2.02 -46.78
CA ILE G 195 24.88 -1.42 -45.55
C ILE G 195 24.75 -2.39 -44.38
N VAL G 196 23.63 -3.13 -44.32
CA VAL G 196 23.43 -4.07 -43.22
C VAL G 196 24.40 -5.24 -43.32
N GLU G 197 24.69 -5.69 -44.53
CA GLU G 197 25.61 -6.81 -44.71
C GLU G 197 27.00 -6.48 -44.20
N GLN G 198 27.50 -5.28 -44.53
CA GLN G 198 28.82 -4.86 -44.05
C GLN G 198 28.82 -4.66 -42.54
N TYR G 199 27.73 -4.11 -42.00
CA TYR G 199 27.66 -3.87 -40.56
C TYR G 199 27.68 -5.19 -39.79
N LEU G 200 26.95 -6.19 -40.26
CA LEU G 200 26.97 -7.49 -39.58
C LEU G 200 28.35 -8.15 -39.69
N LYS G 201 29.00 -8.01 -40.84
CA LYS G 201 30.35 -8.53 -40.99
C LYS G 201 31.33 -7.82 -40.07
N THR G 202 31.12 -6.52 -39.84
CA THR G 202 31.96 -5.78 -38.90
C THR G 202 31.81 -6.34 -37.49
N LYS G 203 30.58 -6.65 -37.09
CA LYS G 203 30.35 -7.26 -35.78
C LYS G 203 30.94 -8.66 -35.70
N LYS G 204 31.13 -9.33 -36.85
CA LYS G 204 31.63 -10.69 -36.84
C LYS G 204 33.07 -10.76 -36.36
N ASN G 205 33.93 -9.87 -36.86
CA ASN G 205 35.33 -9.92 -36.47
C ASN G 205 35.51 -9.60 -34.99
N SER G 206 34.78 -8.61 -34.48
CA SER G 206 34.85 -8.28 -33.07
C SER G 206 34.19 -9.37 -32.24
N ASN G 207 34.74 -9.61 -31.05
CA ASN G 207 34.21 -10.63 -30.16
C ASN G 207 34.18 -10.15 -28.71
N ASN G 208 34.10 -8.84 -28.49
CA ASN G 208 34.05 -8.33 -27.13
C ASN G 208 32.71 -8.61 -26.47
N LEU G 209 31.61 -8.46 -27.22
CA LEU G 209 30.29 -8.69 -26.65
C LEU G 209 30.07 -10.15 -26.27
N ILE G 210 30.49 -11.08 -27.13
CA ILE G 210 30.26 -12.50 -26.86
C ILE G 210 31.06 -12.96 -25.66
N ILE G 211 32.26 -12.42 -25.46
CA ILE G 211 33.06 -12.79 -24.29
C ILE G 211 32.35 -12.38 -23.01
N LYS G 212 31.73 -11.20 -23.00
CA LYS G 212 30.97 -10.78 -21.84
C LYS G 212 29.80 -11.72 -21.59
N TYR G 213 29.11 -12.14 -22.64
CA TYR G 213 28.00 -13.08 -22.50
C TYR G 213 28.49 -14.42 -21.96
N ILE G 214 29.59 -14.93 -22.51
CA ILE G 214 30.14 -16.20 -22.05
C ILE G 214 30.63 -16.08 -20.62
N SER G 215 31.31 -14.97 -20.29
CA SER G 215 31.76 -14.76 -18.92
C SER G 215 30.59 -14.65 -17.96
N CYS G 216 29.51 -13.97 -18.38
CA CYS G 216 28.32 -13.88 -17.54
C CYS G 216 27.72 -15.26 -17.28
N ARG G 217 27.61 -16.08 -18.32
CA ARG G 217 27.09 -17.44 -18.14
C ARG G 217 28.07 -18.30 -17.34
N LEU G 218 29.36 -18.16 -17.61
CA LEU G 218 30.35 -18.93 -16.88
C LEU G 218 30.35 -18.56 -15.40
N LEU G 219 30.25 -17.27 -15.09
CA LEU G 219 30.18 -16.85 -13.69
C LEU G 219 28.93 -17.39 -13.02
N THR G 220 27.79 -17.34 -13.72
CA THR G 220 26.56 -17.91 -13.16
C THR G 220 26.68 -19.41 -12.95
N LEU G 221 27.29 -20.11 -13.91
CA LEU G 221 27.47 -21.55 -13.79
C LEU G 221 28.36 -21.92 -12.60
N ILE G 222 29.43 -21.14 -12.39
CA ILE G 222 30.33 -21.43 -11.27
C ILE G 222 29.60 -21.27 -9.95
N ILE G 223 28.82 -20.20 -9.81
CA ILE G 223 28.09 -19.97 -8.56
C ILE G 223 27.09 -21.09 -8.32
N ILE G 224 26.37 -21.51 -9.35
CA ILE G 224 25.44 -22.62 -9.21
C ILE G 224 26.19 -23.90 -8.84
N LEU G 225 27.33 -24.14 -9.50
CA LEU G 225 28.15 -25.30 -9.12
C LEU G 225 28.65 -25.17 -7.69
N LEU G 226 29.07 -23.97 -7.29
CA LEU G 226 29.42 -23.74 -5.89
C LEU G 226 28.22 -23.92 -4.98
N ALA G 227 27.05 -23.45 -5.40
CA ALA G 227 25.84 -23.64 -4.60
C ALA G 227 25.51 -25.12 -4.45
N CYS G 228 25.64 -25.89 -5.53
CA CYS G 228 25.35 -27.32 -5.46
C CYS G 228 26.30 -28.03 -4.50
N ILE G 229 27.57 -27.64 -4.49
CA ILE G 229 28.52 -28.23 -3.57
C ILE G 229 28.14 -27.91 -2.12
N TYR G 230 27.78 -26.66 -1.85
CA TYR G 230 27.38 -26.28 -0.50
C TYR G 230 26.10 -26.99 -0.09
N LEU G 231 25.08 -26.93 -0.93
CA LEU G 231 23.79 -27.56 -0.60
C LEU G 231 23.95 -29.06 -0.44
N GLY G 232 24.73 -29.69 -1.32
CA GLY G 232 25.00 -31.11 -1.15
C GLY G 232 25.72 -31.42 0.14
N TYR G 233 26.72 -30.59 0.49
CA TYR G 233 27.39 -30.76 1.78
C TYR G 233 26.46 -30.48 2.94
N TYR G 234 25.64 -29.42 2.82
CA TYR G 234 24.71 -29.09 3.90
C TYR G 234 23.67 -30.17 4.10
N PHE G 235 23.14 -30.72 3.00
CA PHE G 235 22.17 -31.80 3.10
C PHE G 235 22.83 -33.08 3.61
N SER G 236 24.13 -33.25 3.35
CA SER G 236 24.83 -34.43 3.84
C SER G 236 25.04 -34.40 5.35
N LEU G 237 24.93 -33.23 5.97
CA LEU G 237 25.08 -33.12 7.41
C LEU G 237 24.00 -33.95 8.11
N SER G 238 24.42 -34.71 9.11
CA SER G 238 23.49 -35.57 9.83
C SER G 238 22.45 -34.73 10.56
N SER G 239 21.23 -35.27 10.64
CA SER G 239 20.15 -34.56 11.33
C SER G 239 20.44 -34.37 12.81
N LEU G 240 21.19 -35.28 13.42
CA LEU G 240 21.58 -35.14 14.83
C LEU G 240 22.88 -34.37 14.97
N SER G 241 22.94 -33.20 14.35
CA SER G 241 24.09 -32.31 14.44
C SER G 241 23.74 -30.94 14.99
N ASP G 242 22.49 -30.50 14.86
CA ASP G 242 22.07 -29.25 15.45
C ASP G 242 22.06 -29.30 16.97
N GLU G 243 22.00 -30.49 17.56
CA GLU G 243 22.08 -30.63 19.01
C GLU G 243 23.52 -30.41 19.46
N PHE G 244 23.80 -29.28 20.08
CA PHE G 244 25.12 -28.97 20.57
C PHE G 244 25.09 -28.76 22.08
N VAL G 245 26.16 -29.18 22.74
CA VAL G 245 26.27 -29.13 24.20
C VAL G 245 26.82 -27.75 24.55
N CYS G 246 25.94 -26.78 24.67
CA CYS G 246 26.32 -25.42 25.02
C CYS G 246 26.64 -25.32 26.51
N SER G 247 27.22 -24.19 26.90
CA SER G 247 27.60 -23.98 28.29
C SER G 247 27.73 -22.49 28.56
N ILE G 248 27.38 -22.08 29.78
CA ILE G 248 27.57 -20.70 30.21
C ILE G 248 28.62 -20.67 31.32
N LYS G 249 29.89 -20.51 30.96
CA LYS G 249 30.98 -20.47 31.92
C LYS G 249 31.97 -19.40 31.43
N SER G 250 31.79 -18.17 31.92
CA SER G 250 32.65 -17.06 31.57
C SER G 250 32.48 -15.97 32.62
N GLY G 251 33.60 -15.31 32.94
CA GLY G 251 33.58 -14.26 33.94
C GLY G 251 33.14 -14.73 35.31
N ILE G 252 31.97 -14.28 35.75
CA ILE G 252 31.48 -14.66 37.07
C ILE G 252 30.94 -16.08 37.07
N LEU G 253 30.36 -16.53 35.96
CA LEU G 253 29.68 -17.82 35.92
C LEU G 253 30.63 -19.00 36.09
N ARG G 254 31.92 -18.83 35.82
CA ARG G 254 32.87 -19.92 36.02
C ARG G 254 32.96 -20.31 37.49
N ASN G 255 33.05 -19.32 38.38
CA ASN G 255 33.08 -19.56 39.82
C ASN G 255 31.67 -19.47 40.41
N ASP G 256 30.79 -20.31 39.86
CA ASP G 256 29.39 -20.30 40.28
C ASP G 256 28.88 -21.75 40.17
N SER G 257 28.80 -22.43 41.32
CA SER G 257 28.34 -23.81 41.36
C SER G 257 26.83 -23.86 41.59
N THR G 258 26.11 -23.12 40.76
CA THR G 258 24.66 -23.10 40.78
C THR G 258 24.04 -23.52 39.46
N VAL G 259 24.57 -23.04 38.33
CA VAL G 259 24.07 -23.42 37.02
C VAL G 259 24.66 -24.78 36.66
N PRO G 260 23.99 -25.57 35.83
CA PRO G 260 24.62 -26.81 35.34
C PRO G 260 25.78 -26.48 34.41
N ASP G 261 26.77 -27.37 34.40
CA ASP G 261 27.97 -27.14 33.61
C ASP G 261 27.66 -27.09 32.12
N GLN G 262 26.76 -27.95 31.66
CA GLN G 262 26.45 -28.08 30.24
C GLN G 262 24.96 -27.97 30.00
N PHE G 263 24.57 -27.37 28.88
CA PHE G 263 23.18 -27.21 28.49
C PHE G 263 22.94 -27.90 27.17
N GLN G 264 21.81 -28.62 27.08
CA GLN G 264 21.42 -29.27 25.83
C GLN G 264 20.57 -28.30 25.01
N CYS G 265 21.06 -27.93 23.83
CA CYS G 265 20.36 -27.02 22.95
C CYS G 265 19.95 -27.74 21.68
N LYS G 266 19.01 -27.14 20.95
CA LYS G 266 18.49 -27.74 19.73
C LYS G 266 18.12 -26.62 18.77
N LEU G 267 18.83 -26.53 17.65
CA LEU G 267 18.47 -25.57 16.61
C LEU G 267 17.23 -26.07 15.90
N ILE G 268 16.09 -25.44 16.17
CA ILE G 268 14.80 -25.98 15.76
C ILE G 268 14.67 -25.97 14.24
N ALA G 269 14.97 -24.84 13.61
CA ALA G 269 14.81 -24.68 12.17
C ALA G 269 16.04 -25.23 11.45
N VAL G 270 16.18 -26.55 11.51
CA VAL G 270 17.25 -27.26 10.81
C VAL G 270 16.70 -28.31 9.85
N GLY G 271 15.74 -29.13 10.31
CA GLY G 271 15.12 -30.08 9.42
C GLY G 271 14.42 -29.40 8.26
N ILE G 272 13.84 -28.23 8.50
CA ILE G 272 13.28 -27.43 7.42
C ILE G 272 14.38 -26.97 6.47
N PHE G 273 15.52 -26.56 7.02
CA PHE G 273 16.63 -26.11 6.19
C PHE G 273 17.12 -27.23 5.27
N GLN G 274 17.32 -28.42 5.83
CA GLN G 274 17.80 -29.54 5.02
C GLN G 274 16.76 -29.95 3.98
N LEU G 275 15.48 -29.86 4.32
CA LEU G 275 14.44 -30.12 3.35
C LEU G 275 14.49 -29.12 2.20
N LEU G 276 14.70 -27.84 2.52
CA LEU G 276 14.75 -26.82 1.48
C LEU G 276 16.09 -26.84 0.75
N SER G 277 17.17 -27.24 1.42
CA SER G 277 18.47 -27.27 0.77
C SER G 277 18.50 -28.29 -0.37
N VAL G 278 17.95 -29.48 -0.15
CA VAL G 278 17.92 -30.48 -1.21
C VAL G 278 16.99 -30.06 -2.33
N ILE G 279 15.87 -29.39 -1.99
CA ILE G 279 14.97 -28.88 -3.03
C ILE G 279 15.69 -27.87 -3.91
N ASN G 280 16.42 -26.94 -3.29
CA ASN G 280 17.23 -26.00 -4.05
C ASN G 280 18.33 -26.74 -4.81
N LEU G 281 18.92 -27.76 -4.19
CA LEU G 281 19.94 -28.56 -4.87
C LEU G 281 19.36 -29.28 -6.09
N VAL G 282 18.16 -29.85 -5.94
CA VAL G 282 17.54 -30.58 -7.04
C VAL G 282 17.26 -29.65 -8.21
N VAL G 283 16.73 -28.46 -7.92
CA VAL G 283 16.47 -27.50 -8.98
C VAL G 283 17.76 -27.05 -9.63
N TYR G 284 18.79 -26.79 -8.84
CA TYR G 284 20.06 -26.32 -9.39
C TYR G 284 20.72 -27.36 -10.29
N VAL G 285 20.74 -28.63 -9.86
CA VAL G 285 21.32 -29.67 -10.70
C VAL G 285 20.44 -29.93 -11.92
N LEU G 286 19.18 -29.49 -11.89
CA LEU G 286 18.37 -29.48 -13.09
C LEU G 286 18.56 -28.21 -13.90
N LEU G 287 18.89 -27.10 -13.23
CA LEU G 287 19.13 -25.84 -13.92
C LEU G 287 20.54 -25.75 -14.49
N ALA G 288 21.48 -26.48 -13.91
CA ALA G 288 22.85 -26.46 -14.41
C ALA G 288 22.97 -26.90 -15.86
N PRO G 289 22.33 -27.99 -16.31
CA PRO G 289 22.40 -28.31 -17.75
C PRO G 289 21.87 -27.21 -18.65
N VAL G 290 20.86 -26.47 -18.18
CA VAL G 290 20.33 -25.36 -18.97
C VAL G 290 21.38 -24.27 -19.12
N VAL G 291 22.11 -23.97 -18.05
CA VAL G 291 23.12 -22.91 -18.09
C VAL G 291 24.25 -23.30 -19.03
N VAL G 292 24.73 -24.54 -18.94
CA VAL G 292 25.84 -24.95 -19.79
C VAL G 292 25.40 -25.05 -21.25
N TYR G 293 24.13 -25.39 -21.49
CA TYR G 293 23.61 -25.36 -22.85
C TYR G 293 23.62 -23.94 -23.40
N THR G 294 23.27 -22.96 -22.57
CA THR G 294 23.33 -21.57 -22.99
C THR G 294 24.78 -21.14 -23.26
N LEU G 295 25.74 -21.73 -22.56
CA LEU G 295 27.14 -21.36 -22.74
C LEU G 295 27.60 -21.60 -24.17
N PHE G 296 27.08 -22.63 -24.82
CA PHE G 296 27.44 -22.94 -26.20
C PHE G 296 26.57 -22.09 -27.13
N VAL G 297 26.98 -20.83 -27.29
CA VAL G 297 26.25 -19.85 -28.10
C VAL G 297 26.18 -20.25 -29.57
N PRO G 298 27.29 -20.61 -30.24
CA PRO G 298 27.20 -20.88 -31.68
C PRO G 298 26.28 -22.05 -32.03
N PHE G 299 26.21 -23.08 -31.19
CA PHE G 299 25.36 -24.22 -31.50
C PHE G 299 23.88 -23.88 -31.34
N ARG G 300 23.55 -22.98 -30.42
CA ARG G 300 22.16 -22.58 -30.23
C ARG G 300 21.61 -21.85 -31.46
N GLN G 301 22.40 -20.95 -32.04
CA GLN G 301 21.92 -20.10 -33.10
C GLN G 301 21.82 -20.86 -34.43
N LYS G 302 21.07 -20.28 -35.35
CA LYS G 302 21.02 -20.73 -36.74
C LYS G 302 21.34 -19.54 -37.63
N THR G 303 22.25 -19.75 -38.58
CA THR G 303 22.70 -18.64 -39.43
C THR G 303 21.63 -18.18 -40.40
N ASP G 304 20.66 -19.04 -40.72
CA ASP G 304 19.62 -18.72 -41.69
C ASP G 304 18.47 -17.90 -41.09
N VAL G 305 18.68 -17.26 -39.95
CA VAL G 305 17.63 -16.43 -39.36
C VAL G 305 17.30 -15.26 -40.27
N LEU G 306 18.32 -14.60 -40.82
CA LEU G 306 18.13 -13.49 -41.73
C LEU G 306 18.07 -13.92 -43.19
N LYS G 307 18.17 -15.21 -43.48
CA LYS G 307 18.09 -15.68 -44.86
C LYS G 307 16.70 -15.51 -45.46
N VAL G 308 15.69 -15.19 -44.65
CA VAL G 308 14.36 -14.92 -45.17
C VAL G 308 14.29 -13.60 -45.95
N TYR G 309 15.32 -12.77 -45.85
CA TYR G 309 15.37 -11.49 -46.55
C TYR G 309 15.92 -11.62 -47.97
N GLU G 310 16.30 -12.84 -48.40
CA GLU G 310 16.76 -13.03 -49.76
C GLU G 310 15.65 -12.88 -50.79
N ILE G 311 14.38 -12.88 -50.36
CA ILE G 311 13.27 -12.68 -51.28
C ILE G 311 13.32 -11.29 -51.88
N LEU G 312 13.73 -10.30 -51.09
CA LEU G 312 13.85 -8.94 -51.59
C LEU G 312 14.91 -8.88 -52.69
N PRO G 313 14.62 -8.28 -53.85
CA PRO G 313 15.63 -8.20 -54.90
C PRO G 313 16.87 -7.42 -54.49
N THR G 314 16.73 -6.40 -53.66
CA THR G 314 17.86 -5.59 -53.22
C THR G 314 18.45 -6.14 -51.92
N PHE G 315 18.77 -7.43 -51.91
CA PHE G 315 19.35 -8.06 -50.73
C PHE G 315 20.10 -9.30 -51.20
N ASP G 316 21.43 -9.25 -51.17
CA ASP G 316 22.25 -10.38 -51.59
C ASP G 316 22.45 -11.35 -50.44
N VAL G 317 23.18 -12.43 -50.71
CA VAL G 317 23.41 -13.45 -49.69
C VAL G 317 24.34 -12.91 -48.61
N LEU G 318 24.22 -13.46 -47.41
CA LEU G 318 25.04 -13.06 -46.28
C LEU G 318 26.39 -13.78 -46.29
N SER G 322 29.52 -17.48 -36.93
CA SER G 322 28.94 -18.82 -36.92
C SER G 322 30.01 -19.88 -36.76
N GLU G 323 31.21 -19.59 -37.27
CA GLU G 323 32.31 -20.54 -37.18
C GLU G 323 33.04 -20.48 -35.84
N GLY G 324 32.72 -19.52 -34.99
CA GLY G 324 33.39 -19.42 -33.72
C GLY G 324 32.65 -18.49 -32.78
N TYR G 325 33.28 -18.24 -31.63
CA TYR G 325 32.72 -17.38 -30.59
C TYR G 325 32.87 -15.93 -31.03
N ASN G 326 31.89 -15.44 -31.78
CA ASN G 326 31.90 -14.08 -32.30
C ASN G 326 30.60 -13.37 -31.92
N ASP G 327 30.65 -12.04 -31.99
CA ASP G 327 29.47 -11.25 -31.67
C ASP G 327 28.33 -11.48 -32.65
N LEU G 328 28.62 -11.98 -33.85
CA LEU G 328 27.56 -12.27 -34.81
C LEU G 328 26.61 -13.33 -34.25
N SER G 329 27.15 -14.35 -33.59
CA SER G 329 26.30 -15.37 -32.98
C SER G 329 25.43 -14.78 -31.88
N LEU G 330 26.00 -13.89 -31.06
CA LEU G 330 25.23 -13.28 -29.97
C LEU G 330 24.11 -12.40 -30.52
N TYR G 331 24.40 -11.61 -31.56
CA TYR G 331 23.37 -10.75 -32.13
C TYR G 331 22.25 -11.57 -32.75
N ASN G 332 22.59 -12.67 -33.42
CA ASN G 332 21.57 -13.50 -34.05
C ASN G 332 20.62 -14.09 -33.01
N LEU G 333 21.16 -14.52 -31.86
CA LEU G 333 20.30 -15.01 -30.79
C LEU G 333 19.37 -13.92 -30.29
N PHE G 334 19.89 -12.70 -30.09
CA PHE G 334 19.03 -11.59 -29.70
C PHE G 334 18.06 -11.20 -30.80
N LEU G 335 18.50 -11.28 -32.06
CA LEU G 335 17.59 -11.02 -33.18
C LEU G 335 16.46 -12.04 -33.20
N GLU G 336 16.78 -13.32 -33.02
CA GLU G 336 15.77 -14.37 -33.10
C GLU G 336 14.70 -14.20 -32.02
N GLU G 337 15.08 -13.63 -30.87
CA GLU G 337 14.14 -13.48 -29.76
C GLU G 337 13.21 -12.28 -29.93
N ASN G 338 13.52 -11.34 -30.82
CA ASN G 338 12.68 -10.16 -30.96
C ASN G 338 12.48 -9.72 -32.40
N ILE G 339 12.86 -10.53 -33.40
CA ILE G 339 12.60 -10.16 -34.79
C ILE G 339 11.14 -10.32 -35.17
N SER G 340 10.36 -11.06 -34.38
CA SER G 340 8.96 -11.28 -34.70
C SER G 340 8.06 -10.10 -34.37
N GLU G 341 8.56 -9.12 -33.59
CA GLU G 341 7.72 -7.99 -33.21
C GLU G 341 7.55 -6.99 -34.34
N VAL G 342 8.52 -6.88 -35.24
CA VAL G 342 8.41 -5.93 -36.35
C VAL G 342 7.48 -6.50 -37.42
N LYS G 343 6.69 -5.61 -38.03
CA LYS G 343 5.71 -6.06 -39.01
C LYS G 343 6.37 -6.52 -40.30
N SER G 344 7.55 -5.98 -40.63
CA SER G 344 8.19 -6.33 -41.89
C SER G 344 8.66 -7.78 -41.90
N TYR G 345 9.05 -8.33 -40.75
CA TYR G 345 9.55 -9.69 -40.70
C TYR G 345 8.44 -10.73 -40.88
N LYS G 346 7.30 -10.54 -40.20
CA LYS G 346 6.21 -11.51 -40.31
C LYS G 346 5.65 -11.57 -41.72
N CYS G 347 5.46 -10.42 -42.35
CA CYS G 347 4.97 -10.40 -43.72
C CYS G 347 5.96 -11.08 -44.67
N LEU G 348 7.25 -10.84 -44.48
CA LEU G 348 8.26 -11.46 -45.32
C LEU G 348 8.38 -12.95 -45.06
N LYS G 349 8.24 -13.36 -43.79
CA LYS G 349 8.39 -14.76 -43.44
C LYS G 349 7.29 -15.61 -44.08
N VAL G 350 6.08 -15.06 -44.18
CA VAL G 350 4.99 -15.79 -44.82
C VAL G 350 5.30 -16.06 -46.28
N LEU G 351 5.84 -15.06 -46.98
CA LEU G 351 6.22 -15.26 -48.38
C LEU G 351 7.29 -16.35 -48.51
N GLU G 352 8.21 -16.41 -47.54
CA GLU G 352 9.22 -17.47 -47.55
C GLU G 352 8.58 -18.84 -47.38
N ASN G 353 7.44 -18.92 -46.70
CA ASN G 353 6.72 -20.17 -46.51
C ASN G 353 5.82 -20.53 -47.70
N ILE G 354 6.05 -19.95 -48.86
CA ILE G 354 5.25 -20.25 -50.04
C ILE G 354 6.03 -21.15 -50.99
C1 LBN H . 33.98 0.69 -15.68
P1 LBN H . 34.66 2.71 -17.27
C2 LBN H . 35.09 -0.38 -15.82
C3 LBN H . 35.48 -0.91 -14.37
O1 LBN H . 33.66 1.38 -16.85
O2 LBN H . 34.19 2.95 -18.97
O3 LBN H . 34.11 3.95 -16.60
O4 LBN H . 36.09 2.41 -17.32
C25 LBN H . 37.34 -1.33 -12.83
O5 LBN H . 36.86 -0.73 -13.97
C26 LBN H . 38.57 -0.76 -12.11
O6 LBN H . 36.75 -2.32 -12.41
C27 LBN H . 39.47 -1.81 -11.41
C28 LBN H . 40.54 -1.25 -10.42
C29 LBN H . 41.90 -2.02 -10.39
C30 LBN H . 43.00 -1.41 -9.48
O7 LBN H . 34.66 -1.41 -16.72
C1 LBN I . 37.23 4.91 26.48
P1 LBN I . 39.09 3.20 25.66
C2 LBN I . 36.53 5.48 25.22
C3 LBN I . 35.00 5.77 25.58
C4 LBN I . 26.41 7.15 15.60
O1 LBN I . 37.59 3.57 26.40
C7 LBN I . 25.87 6.89 14.16
O2 LBN I . 39.03 1.42 25.64
C10 LBN I . 24.44 7.44 13.88
O3 LBN I . 40.25 3.53 26.47
C13 LBN I . 24.34 8.49 12.74
O4 LBN I . 39.00 3.53 24.19
C16 LBN I . 22.93 8.67 12.12
C25 LBN I . 33.93 6.73 23.61
O5 LBN I . 34.37 6.87 24.90
C26 LBN I . 32.44 6.50 23.31
O6 LBN I . 34.74 6.81 22.70
C27 LBN I . 31.98 6.89 21.88
C28 LBN I . 32.23 5.82 20.76
C29 LBN I . 31.75 6.23 19.33
C30 LBN I . 30.23 6.01 19.04
C31 LBN I . 29.79 6.32 17.58
C32 LBN I . 28.26 6.40 17.35
C33 LBN I . 27.84 6.61 15.86
C34 LBN I . 38.26 6.51 23.83
O7 LBN I . 37.24 6.63 24.74
C35 LBN I . 37.91 6.29 22.34
O8 LBN I . 39.41 6.58 24.24
C36 LBN I . 38.08 7.51 21.41
C37 LBN I . 37.92 7.21 19.89
C38 LBN I . 36.46 7.34 19.36
C1 LBN J . 38.96 -14.22 15.96
P1 LBN J . 36.78 -12.90 15.25
C2 LBN J . 38.89 -15.33 14.89
C3 LBN J . 40.34 -15.53 14.25
C5 LBN J . 32.00 -15.10 4.75
O1 LBN J . 38.46 -12.98 15.55
O2 LBN J . 36.39 -11.31 15.95
O3 LBN J . 36.42 -12.77 13.84
O4 LBN J . 36.07 -13.84 16.19
C25 LBN J . 39.93 -14.92 11.92
O5 LBN J . 40.39 -15.84 12.85
C26 LBN J . 39.33 -15.40 10.59
O6 LBN J . 40.01 -13.72 12.20
C27 LBN J . 39.02 -14.26 9.58
C28 LBN J . 38.04 -14.63 8.41
C29 LBN J . 38.04 -13.65 7.21
C30 LBN J . 36.95 -13.92 6.13
C31 LBN J . 37.16 -13.24 4.75
C32 LBN J . 35.92 -13.20 3.83
C34 LBN J . 37.30 -17.19 14.82
O7 LBN J . 38.33 -16.53 15.45
C35 LBN J . 36.26 -16.39 14.02
O8 LBN J . 37.26 -18.42 14.92
C36 LBN J . 36.19 -16.68 12.50
C37 LBN J . 35.18 -15.81 11.71
C38 LBN J . 35.11 -16.11 10.18
C39 LBN J . 34.17 -15.18 9.37
C40 LBN J . 33.86 -15.65 7.93
C41 LBN J . 33.12 -14.64 7.01
C42 LBN J . 32.05 -15.22 6.09
C1 LBN K . 25.41 27.43 -2.01
P1 LBN K . 24.83 29.63 -3.38
C2 LBN K . 26.92 27.51 -1.66
C3 LBN K . 27.11 27.10 -0.12
O1 LBN K . 25.07 27.95 -3.26
O2 LBN K . 24.88 29.86 -5.15
O3 LBN K . 23.40 29.94 -3.06
O4 LBN K . 25.95 30.44 -2.87
C25 LBN K . 28.09 27.76 2.01
O5 LBN K . 27.70 28.09 0.74
C26 LBN K . 28.21 28.85 3.09
O6 LBN K . 28.33 26.58 2.27
C27 LBN K . 29.33 28.61 4.15
C28 LBN K . 29.28 29.52 5.42
C29 LBN K . 30.67 29.92 6.01
C30 LBN K . 30.63 30.90 7.21
O7 LBN K . 27.68 26.71 -2.57
C1 LBN L . 11.68 23.16 37.98
P1 LBN L . 14.32 23.48 38.02
C2 LBN L . 11.20 23.34 36.52
C3 LBN L . 9.94 22.39 36.26
C4 LBN L . 6.66 19.56 23.75
O1 LBN L . 12.90 22.51 38.12
C7 LBN L . 6.94 19.33 22.24
O2 LBN L . 15.58 22.23 38.11
C10 LBN L . 5.74 18.77 21.41
O3 LBN L . 14.55 24.33 39.18
C13 LBN L . 5.26 19.68 20.24
O4 LBN L . 14.45 23.97 36.61
C16 LBN L . 4.44 18.95 19.15
C25 LBN L . 9.18 22.74 33.97
O5 LBN L . 8.96 22.85 35.32
C26 LBN L . 8.51 21.60 33.17
O6 LBN L . 9.90 23.56 33.42
C27 LBN L . 8.38 21.88 31.64
C28 LBN L . 9.65 21.56 30.77
C29 LBN L . 9.49 21.83 29.25
C30 LBN L . 8.80 20.69 28.43
C31 LBN L . 8.74 20.92 26.89
C32 LBN L . 7.81 19.95 26.11
C33 LBN L . 7.84 20.14 24.56
C34 LBN L . 11.94 25.55 35.78
O7 LBN L . 10.94 24.72 36.24
C35 LBN L . 12.33 25.49 34.29
O8 LBN L . 12.47 26.32 36.57
C36 LBN L . 11.82 26.65 33.40
C37 LBN L . 12.39 26.67 31.96
C38 LBN L . 11.57 25.87 30.91
C1 LBN M . 29.84 13.69 30.23
P1 LBN M . 27.75 13.23 28.68
C2 LBN M . 30.93 13.12 29.29
C3 LBN M . 32.17 14.14 29.25
C5 LBN M . 29.57 10.74 17.34
O1 LBN M . 28.75 14.27 29.58
O2 LBN M . 26.14 13.89 29.07
O3 LBN M . 27.86 13.37 27.23
O4 LBN M . 27.72 11.88 29.36
C25 LBN M . 32.16 14.79 26.90
O5 LBN M . 32.84 14.28 27.99
C26 LBN M . 32.54 14.34 25.48
O6 LBN M . 31.26 15.60 27.09
C27 LBN M . 31.83 15.13 24.33
C28 LBN M . 31.84 14.45 22.93
C29 LBN M . 31.48 15.39 21.74
C30 LBN M . 31.34 14.68 20.36
C31 LBN M . 31.38 15.62 19.11
C32 LBN M . 30.88 14.97 17.79
C34 LBN M . 31.33 10.76 28.78
O7 LBN M . 31.29 11.79 29.69
C35 LBN M . 30.35 10.76 27.60
O8 LBN M . 32.16 9.87 28.95
C36 LBN M . 30.98 10.86 26.19
C37 LBN M . 29.96 10.92 25.02
C38 LBN M . 30.59 11.01 23.60
C39 LBN M . 29.57 11.17 22.43
C40 LBN M . 30.16 10.94 21.02
C41 LBN M . 29.24 11.33 19.82
C42 LBN M . 29.29 10.41 18.62
C1 LBN N . -3.16 36.84 5.50
P1 LBN N . -4.70 38.28 3.89
C2 LBN N . -2.38 37.85 6.37
C3 LBN N . -2.42 37.36 7.90
O1 LBN N . -3.38 37.23 4.18
O2 LBN N . -4.31 38.86 2.24
O3 LBN N . -5.93 37.44 3.64
O4 LBN N . -4.73 39.48 4.71
C25 LBN N . -2.90 38.01 10.20
O5 LBN N . -3.01 38.26 8.85
C26 LBN N . -3.93 38.61 11.19
O6 LBN N . -1.99 37.30 10.58
C27 LBN N . -3.35 38.98 12.58
C28 LBN N . -4.42 39.29 13.68
C29 LBN N . -4.01 40.40 14.71
C30 LBN N . -5.09 40.78 15.75
O7 LBN N . -1.05 38.02 5.85
C1 LBN O . -20.57 15.60 37.93
P1 LBN O . -19.15 17.61 38.91
C2 LBN O . -20.58 15.72 36.39
C3 LBN O . -20.60 14.25 35.75
C4 LBN O . -16.96 12.81 23.11
O1 LBN O . -19.37 15.95 38.55
C7 LBN O . -16.17 13.19 21.82
O2 LBN O . -17.47 17.59 39.54
C10 LBN O . -16.27 12.16 20.64
O3 LBN O . -19.96 18.11 40.02
C13 LBN O . -16.88 12.72 19.33
O4 LBN O . -19.00 18.36 37.62
C16 LBN O . -16.56 11.90 18.06
C25 LBN O . -20.67 14.47 33.32
O5 LBN O . -21.29 14.12 34.49
C26 LBN O . -20.03 13.41 32.40
O6 LBN O . -20.64 15.67 33.03
C27 LBN O . -19.86 13.85 30.92
C28 LBN O . -18.57 14.70 30.60
C29 LBN O . -18.42 15.11 29.10
C30 LBN O . -17.79 14.03 28.16
C31 LBN O . -17.54 14.49 26.70
C32 LBN O . -17.21 13.35 25.69
C33 LBN O . -16.86 13.85 24.25
C34 LBN O . -21.47 17.92 35.83
O7 LBN O . -21.65 16.56 35.95
C35 LBN O . -20.74 18.48 34.60
O8 LBN O . -21.92 18.64 36.72
C36 LBN O . -21.64 19.13 33.52
C37 LBN O . -20.86 19.86 32.38
C38 LBN O . -20.50 18.97 31.16
C1 LBN P . -0.04 23.19 37.94
P1 LBN P . -0.57 21.78 35.76
C2 LBN P . 1.34 23.75 37.50
C3 LBN P . 1.39 25.32 37.85
C5 LBN P . 5.72 23.82 26.04
O1 LBN P . -0.95 22.99 36.90
O2 LBN P . -2.16 21.05 35.49
O3 LBN P . -0.17 22.28 34.44
O4 LBN P . 0.18 20.67 36.47
C25 LBN P . 1.62 26.29 35.61
O5 LBN P . 2.08 26.16 36.91
C26 LBN P . 2.60 26.55 34.46
O6 LBN P . 0.42 26.19 35.42
C27 LBN P . 1.93 26.86 33.09
C28 LBN P . 2.84 26.71 31.83
C29 LBN P . 2.29 27.38 30.53
C30 LBN P . 3.11 27.10 29.25
C31 LBN P . 2.84 28.05 28.05
C32 LBN P . 3.37 27.54 26.67
C34 LBN P . 3.44 22.51 37.31
O7 LBN P . 2.40 22.98 38.09
C35 LBN P . 3.17 22.09 35.86
O8 LBN P . 4.54 22.42 37.83
C36 LBN P . 3.91 22.91 34.77
C37 LBN P . 3.56 22.51 33.30
C38 LBN P . 4.32 23.33 32.21
C39 LBN P . 3.91 22.99 30.76
C40 LBN P . 4.87 23.55 29.66
C41 LBN P . 4.35 23.46 28.19
C42 LBN P . 5.40 23.11 27.15
C1 LBN Q . -29.96 22.08 1.42
P1 LBN Q . -31.48 22.38 -0.72
C2 LBN Q . -30.43 23.14 2.47
C3 LBN Q . -30.55 22.45 3.90
O1 LBN Q . -29.98 22.49 0.10
O2 LBN Q . -31.16 23.41 -2.14
O3 LBN Q . -31.60 21.01 -1.32
O4 LBN Q . -32.60 23.04 -0.03
C25 LBN Q . -32.01 22.08 5.82
O5 LBN Q . -31.86 22.47 4.52
C26 LBN Q . -33.38 21.59 6.33
O6 LBN Q . -31.03 22.12 6.57
C27 LBN Q . -33.69 21.93 7.82
C28 LBN Q . -34.91 21.19 8.45
C29 LBN Q . -35.73 22.03 9.48
C30 LBN Q . -37.01 21.34 10.04
O7 LBN Q . -29.55 24.27 2.44
C1 LBN R . -35.52 -11.57 26.79
P1 LBN R . -36.33 -9.40 28.08
C2 LBN R . -35.15 -11.15 25.34
C3 LBN R . -33.94 -12.07 24.83
C4 LBN R . -26.86 -7.90 14.45
O1 LBN R . -35.19 -10.64 27.77
C7 LBN R . -26.25 -6.82 13.51
O2 LBN R . -35.44 -8.41 29.26
C10 LBN R . -25.24 -7.36 12.45
O3 LBN R . -37.53 -9.83 28.79
C13 LBN R . -25.63 -7.11 10.96
O4 LBN R . -36.39 -8.49 26.87
C16 LBN R . -24.46 -7.18 9.95
C25 LBN R . -33.42 -11.43 22.53
O5 LBN R . -33.91 -12.36 23.42
C26 LBN R . -32.00 -11.56 21.98
O6 LBN R . -34.16 -10.52 22.19
C27 LBN R . -31.75 -10.81 20.62
C28 LBN R . -31.44 -9.28 20.72
C29 LBN R . -31.19 -8.56 19.37
C30 LBN R . -29.75 -8.69 18.79
C31 LBN R . -29.49 -7.89 17.48
C32 LBN R . -28.17 -8.24 16.74
C33 LBN R . -27.87 -7.35 15.49
C34 LBN R . -37.13 -10.11 24.36
O7 LBN R . -36.31 -11.20 24.49
C35 LBN R . -36.70 -8.96 23.44
O8 LBN R . -38.19 -10.10 24.98
C36 LBN R . -37.41 -8.88 22.06
C37 LBN R . -37.11 -7.60 21.23
C38 LBN R . -35.88 -7.72 20.29
C1 LBN S . -27.82 7.74 33.65
P1 LBN S . -26.51 6.86 31.53
C2 LBN S . -27.20 9.17 33.70
C3 LBN S . -28.38 10.23 33.94
C5 LBN S . -21.09 14.63 24.58
O1 LBN S . -27.95 7.19 32.37
O2 LBN S . -26.92 5.31 30.76
O3 LBN S . -26.22 7.75 30.41
O4 LBN S . -25.45 6.44 32.53
C25 LBN S . -28.27 11.53 31.88
O5 LBN S . -28.26 11.48 33.26
C26 LBN S . -27.49 12.63 31.13
O6 LBN S . -28.91 10.68 31.27
C27 LBN S . -27.74 12.68 29.60
C28 LBN S . -26.68 13.46 28.76
C29 LBN S . -27.12 13.84 27.32
C30 LBN S . -26.02 14.47 26.43
C31 LBN S . -26.51 15.21 25.15
C32 LBN S . -25.41 15.52 24.11
C34 LBN S . -24.92 9.76 34.36
O7 LBN S . -26.15 9.22 34.67
C35 LBN S . -24.37 9.59 32.93
O8 LBN S . -24.31 10.35 35.24
C36 LBN S . -24.15 10.90 32.13
C37 LBN S . -23.66 10.70 30.66
C38 LBN S . -23.43 12.02 29.87
C39 LBN S . -23.04 11.82 28.37
C40 LBN S . -22.50 13.09 27.67
C41 LBN S . -22.32 12.99 26.12
C42 LBN S . -21.10 13.69 25.55
C1 LBN T . -35.15 -5.65 -11.00
P1 LBN T . -35.70 -6.00 -13.57
C2 LBN T . -36.52 -5.45 -10.27
C3 LBN T . -36.52 -6.34 -8.94
O1 LBN T . -35.08 -5.08 -12.27
O2 LBN T . -35.82 -4.76 -14.84
O3 LBN T . -34.60 -6.90 -14.09
O4 LBN T . -37.07 -6.47 -13.38
C25 LBN T . -37.74 -8.02 -7.66
O5 LBN T . -37.54 -7.35 -8.83
C26 LBN T . -38.40 -9.41 -7.64
O6 LBN T . -37.38 -7.47 -6.62
C27 LBN T . -39.29 -9.71 -6.39
C28 LBN T . -39.72 -11.20 -6.21
C29 LBN T . -41.13 -11.42 -5.61
C30 LBN T . -41.61 -12.89 -5.51
O7 LBN T . -36.77 -4.06 -10.05
C1 LBN U . -21.97 -38.38 12.69
P1 LBN U . -24.42 -37.71 13.45
C2 LBN U . -21.61 -37.52 11.44
C3 LBN U . -20.04 -37.20 11.47
C4 LBN U . -15.52 -27.16 4.13
O1 LBN U . -22.71 -37.72 13.66
C7 LBN U . -15.61 -25.78 3.40
O2 LBN U . -24.91 -36.67 14.81
C10 LBN U . -14.28 -25.24 2.82
O3 LBN U . -25.07 -39.00 13.71
C13 LBN U . -14.28 -25.01 1.28
O4 LBN U . -24.75 -36.86 12.26
C16 LBN U . -13.19 -24.03 0.76
C25 LBN U . -19.49 -35.90 9.48
O5 LBN U . -19.39 -37.07 10.19
C26 LBN U . -18.34 -34.88 9.49
O6 LBN U . -20.52 -35.69 8.83
C27 LBN U . -18.32 -33.90 8.27
C28 LBN U . -19.26 -32.65 8.38
C29 LBN U . -19.21 -31.69 7.16
C30 LBN U . -18.04 -30.66 7.16
C31 LBN U . -18.06 -29.62 5.98
C32 LBN U . -16.77 -28.80 5.79
C33 LBN U . -16.85 -27.71 4.68
C34 LBN U . -23.31 -37.93 9.74
O7 LBN U . -22.05 -38.16 10.24
C35 LBN U . -23.59 -36.63 8.97
O8 LBN U . -24.18 -38.78 9.94
C36 LBN U . -23.71 -36.76 7.44
C37 LBN U . -24.18 -35.48 6.69
C38 LBN U . -23.03 -34.52 6.26
C1 LBN V . -32.99 -21.22 20.65
P1 LBN V . -30.92 -20.46 19.19
C2 LBN V . -33.66 -19.83 20.82
C3 LBN V . -35.23 -19.95 20.55
C5 LBN V . -31.04 -9.82 14.23
O1 LBN V . -32.32 -21.41 19.44
O2 LBN V . -29.85 -21.66 18.42
O3 LBN V . -31.06 -19.40 18.21
O4 LBN V . -30.24 -20.25 20.53
C25 LBN V . -35.49 -18.52 18.59
O5 LBN V . -35.85 -18.84 19.88
C26 LBN V . -35.57 -17.05 18.11
O6 LBN V . -35.10 -19.41 17.85
C27 LBN V . -35.30 -16.85 16.59
C28 LBN V . -34.96 -15.40 16.15
C29 LBN V . -35.07 -15.12 14.62
C30 LBN V . -34.58 -13.72 14.16
C31 LBN V . -35.04 -13.27 12.74
C32 LBN V . -34.25 -12.08 12.14
C34 LBN V . -32.83 -18.00 22.22
O7 LBN V . -33.32 -19.27 22.10
C35 LBN V . -31.95 -17.41 21.11
O8 LBN V . -33.13 -17.36 23.23
C36 LBN V . -32.51 -16.18 20.36
C37 LBN V . -31.63 -15.66 19.19
C38 LBN V . -32.20 -14.41 18.45
C39 LBN V . -31.37 -13.95 17.22
C40 LBN V . -31.73 -12.55 16.67
C41 LBN V . -31.10 -12.15 15.30
C42 LBN V . -30.65 -10.70 15.17
C1 LBN W . -14.86 -25.39 -22.67
P1 LBN W . -14.19 -25.46 -25.23
C2 LBN W . -16.08 -26.34 -22.49
C3 LBN W . -15.85 -27.24 -21.20
O1 LBN W . -14.83 -24.66 -23.86
O2 LBN W . -14.77 -24.39 -26.54
O3 LBN W . -12.70 -25.24 -25.27
O4 LBN W . -14.80 -26.76 -25.52
C25 LBN W . -15.82 -29.53 -20.34
O5 LBN W . -15.81 -28.67 -21.41
C26 LBN W . -15.26 -30.96 -20.47
O6 LBN W . -16.28 -29.13 -19.28
C27 LBN W . -15.98 -32.03 -19.61
C28 LBN W . -15.26 -33.41 -19.50
C29 LBN W . -16.20 -34.65 -19.44
C30 LBN W . -15.48 -36.03 -19.41
O7 LBN W . -17.29 -25.58 -22.46
C1 LBN X . 9.78 -44.54 6.19
P1 LBN X . 7.51 -45.89 5.99
C2 LBN X . 9.76 -43.42 5.11
C3 LBN X . 10.54 -42.15 5.68
C4 LBN X . 8.51 -30.45 -0.17
O1 LBN X . 8.54 -44.80 6.79
C7 LBN X . 7.67 -29.39 -0.96
O2 LBN X . 6.05 -45.79 7.01
C10 LBN X . 8.32 -27.97 -1.06
O3 LBN X . 7.92 -47.29 6.07
C13 LBN X . 8.61 -27.48 -2.51
O4 LBN X . 7.04 -45.26 4.69
C16 LBN X . 8.77 -25.95 -2.65
C25 LBN X . 10.56 -40.42 3.94
O5 LBN X . 11.24 -41.34 4.71
C26 LBN X . 10.57 -38.93 4.30
O6 LBN X . 9.94 -40.84 2.97
C27 LBN X . 10.24 -37.97 3.11
C28 LBN X . 8.72 -37.75 2.81
C29 LBN X . 8.44 -36.78 1.62
C30 LBN X . 8.46 -35.26 1.97
C31 LBN X . 8.06 -34.30 0.81
C32 LBN X . 8.36 -32.79 1.04
C33 LBN X . 7.87 -31.85 -0.09
C34 LBN X . 9.46 -44.51 2.94
O7 LBN X . 10.28 -43.92 3.87
C35 LBN X . 8.59 -43.62 2.05
O8 LBN X . 9.47 -45.73 2.87
C36 LBN X . 9.08 -43.46 0.58
C37 LBN X . 8.08 -42.72 -0.37
C38 LBN X . 8.25 -41.17 -0.42
C1 LBN Y . -11.80 -41.66 8.55
P1 LBN Y . -10.57 -39.41 7.90
C2 LBN Y . -13.26 -41.16 8.39
C3 LBN Y . -14.10 -42.26 7.58
C5 LBN Y . -16.72 -30.93 2.55
O1 LBN Y . -10.88 -41.07 7.68
O2 LBN Y . -8.81 -39.35 7.64
O3 LBN Y . -11.12 -38.54 6.86
O4 LBN Y . -10.70 -39.08 9.37
C25 LBN Y . -14.71 -41.01 5.57
O5 LBN Y . -15.09 -41.77 6.66
C26 LBN Y . -15.65 -39.93 5.01
O6 LBN Y . -13.61 -41.22 5.07
C27 LBN Y . -15.18 -39.28 3.67
C28 LBN Y . -15.85 -37.93 3.29
C29 LBN Y . -15.67 -37.49 1.81
C30 LBN Y . -16.21 -36.07 1.46
C31 LBN Y . -16.41 -35.76 -0.05
C32 LBN Y . -16.58 -34.26 -0.39
C34 LBN Y . -14.45 -39.62 9.87
O7 LBN Y . -13.81 -40.82 9.66
C35 LBN Y . -13.97 -38.37 9.12
O8 LBN Y . -15.38 -39.59 10.66
C36 LBN Y . -14.98 -37.73 8.13
C37 LBN Y . -14.43 -36.51 7.34
C38 LBN Y . -15.46 -35.86 6.36
C39 LBN Y . -14.89 -34.70 5.48
C40 LBN Y . -15.96 -33.85 4.76
C41 LBN Y . -15.43 -32.85 3.68
C42 LBN Y . -16.13 -31.50 3.64
C1 LBN Z . 15.73 -22.70 -24.68
P1 LBN Z . 16.96 -21.71 -26.81
C2 LBN Z . 15.61 -24.22 -24.91
C3 LBN Z . 16.03 -24.98 -23.57
O1 LBN Z . 15.58 -21.91 -25.81
O2 LBN Z . 16.22 -21.07 -28.30
O3 LBN Z . 17.74 -20.51 -26.31
O4 LBN Z . 17.61 -22.95 -27.22
C25 LBN Z . 17.44 -26.74 -22.61
O5 LBN Z . 17.14 -25.90 -23.66
C26 LBN Z . 18.86 -27.31 -22.45
O6 LBN Z . 16.55 -27.02 -21.82
C27 LBN Z . 18.93 -28.74 -21.85
C28 LBN Z . 20.35 -29.22 -21.38
C29 LBN Z . 20.65 -30.73 -21.60
C30 LBN Z . 22.08 -31.19 -21.23
O7 LBN Z . 14.29 -24.54 -25.38
C1 LBN AA . 36.39 -25.47 12.36
P1 LBN AA . 36.02 -27.93 11.42
C2 LBN AA . 35.89 -24.47 11.28
C3 LBN AA . 35.28 -23.18 12.02
C4 LBN AA . 27.29 -15.20 5.12
O1 LBN AA . 35.63 -26.64 12.48
C7 LBN AA . 26.25 -14.87 4.01
O2 LBN AA . 34.73 -29.09 11.83
C10 LBN AA . 25.65 -13.43 4.07
O3 LBN AA . 37.26 -28.61 11.74
C13 LBN AA . 25.91 -12.57 2.80
O4 LBN AA . 35.65 -27.52 10.01
C16 LBN AA . 24.95 -11.36 2.63
C25 LBN AA . 34.57 -21.60 10.31
O5 LBN AA . 35.42 -21.92 11.34
C26 LBN AA . 33.39 -20.64 10.55
O6 LBN AA . 34.79 -22.08 9.20
C27 LBN AA . 32.85 -19.94 9.27
C28 LBN AA . 31.83 -20.76 8.41
C29 LBN AA . 31.30 -20.01 7.14
C30 LBN AA . 30.11 -19.04 7.38
C31 LBN AA . 29.52 -18.39 6.10
C32 LBN AA . 28.54 -17.20 6.33
C33 LBN AA . 27.89 -16.63 5.04
C34 LBN AA . 37.14 -24.93 9.23
O7 LBN AA . 36.94 -24.17 10.36
C35 LBN AA . 36.22 -24.71 8.02
O8 LBN AA . 38.04 -25.76 9.23
C36 LBN AA . 36.83 -23.93 6.83
C37 LBN AA . 35.95 -23.89 5.54
C38 LBN AA . 34.96 -22.70 5.46
C1 LBN BA . 20.15 -38.89 6.41
P1 LBN BA . 19.47 -36.35 6.12
C2 LBN BA . 18.91 -39.52 5.69
C3 LBN BA . 19.43 -40.67 4.70
C5 LBN BA . 11.10 -33.54 -1.63
O1 LBN BA . 20.55 -37.66 5.91
O2 LBN BA . 20.61 -35.04 6.54
O3 LBN BA . 18.81 -35.90 4.90
O4 LBN BA . 18.73 -36.55 7.42
C25 LBN BA . 18.74 -39.77 2.53
O5 LBN BA . 18.73 -40.80 3.45
C26 LBN BA . 17.54 -39.56 1.60
O6 LBN BA . 19.72 -39.04 2.50
C27 LBN BA . 17.76 -38.47 0.50
C28 LBN BA . 16.48 -37.92 -0.20
C29 LBN BA . 16.71 -37.15 -1.53
C30 LBN BA . 15.46 -36.47 -2.13
C31 LBN BA . 15.56 -36.05 -3.62
C32 LBN BA . 14.47 -35.05 -4.10
C34 LBN BA . 16.62 -39.61 6.54
O7 LBN BA . 17.95 -39.96 6.66
C35 LBN BA . 16.24 -38.25 5.93
O8 LBN BA . 15.78 -40.42 6.92
C36 LBN BA . 15.44 -38.28 4.62
C37 LBN BA . 15.14 -36.89 3.99
C38 LBN BA . 14.32 -36.92 2.67
C39 LBN BA . 14.09 -35.54 2.00
C40 LBN BA . 13.02 -35.53 0.87
C41 LBN BA . 12.95 -34.22 0.02
C42 LBN BA . 11.55 -33.76 -0.37
#